data_1N1O
# 
_entry.id   1N1O 
# 
_audit_conform.dict_name       mmcif_pdbx.dic 
_audit_conform.dict_version    5.389 
_audit_conform.dict_location   http://mmcif.pdb.org/dictionaries/ascii/mmcif_pdbx.dic 
# 
loop_
_database_2.database_id 
_database_2.database_code 
_database_2.pdbx_database_accession 
_database_2.pdbx_DOI 
PDB   1N1O         pdb_00001n1o 10.2210/pdb1n1o/pdb 
NDB   BD0060       ?            ?                   
RCSB  RCSB017407   ?            ?                   
WWPDB D_1000017407 ?            ?                   
# 
loop_
_pdbx_audit_revision_history.ordinal 
_pdbx_audit_revision_history.data_content_type 
_pdbx_audit_revision_history.major_revision 
_pdbx_audit_revision_history.minor_revision 
_pdbx_audit_revision_history.revision_date 
1 'Structure model' 1 0 2002-11-15 
2 'Structure model' 1 1 2008-04-28 
3 'Structure model' 1 2 2011-07-13 
4 'Structure model' 1 3 2017-10-11 
5 'Structure model' 1 4 2019-07-24 
6 'Structure model' 1 5 2024-02-14 
7 'Structure model' 1 6 2024-04-03 
# 
_pdbx_audit_revision_details.ordinal             1 
_pdbx_audit_revision_details.revision_ordinal    1 
_pdbx_audit_revision_details.data_content_type   'Structure model' 
_pdbx_audit_revision_details.provider            repository 
_pdbx_audit_revision_details.type                'Initial release' 
_pdbx_audit_revision_details.description         ? 
_pdbx_audit_revision_details.details             ? 
# 
loop_
_pdbx_audit_revision_group.ordinal 
_pdbx_audit_revision_group.revision_ordinal 
_pdbx_audit_revision_group.data_content_type 
_pdbx_audit_revision_group.group 
1  2 'Structure model' 'Version format compliance' 
2  3 'Structure model' 'Version format compliance' 
3  4 'Structure model' 'Refinement description'    
4  5 'Structure model' 'Data collection'           
5  5 'Structure model' 'Derived calculations'      
6  5 'Structure model' 'Refinement description'    
7  6 'Structure model' 'Data collection'           
8  6 'Structure model' 'Database references'       
9  6 'Structure model' 'Derived calculations'      
10 7 'Structure model' 'Refinement description'    
# 
loop_
_pdbx_audit_revision_category.ordinal 
_pdbx_audit_revision_category.revision_ordinal 
_pdbx_audit_revision_category.data_content_type 
_pdbx_audit_revision_category.category 
1  4 'Structure model' software                      
2  5 'Structure model' software                      
3  5 'Structure model' struct_conn                   
4  6 'Structure model' chem_comp_atom                
5  6 'Structure model' chem_comp_bond                
6  6 'Structure model' database_2                    
7  6 'Structure model' pdbx_struct_conn_angle        
8  6 'Structure model' struct_conn                   
9  6 'Structure model' struct_site                   
10 7 'Structure model' pdbx_initial_refinement_model 
# 
loop_
_pdbx_audit_revision_item.ordinal 
_pdbx_audit_revision_item.revision_ordinal 
_pdbx_audit_revision_item.data_content_type 
_pdbx_audit_revision_item.item 
1  5 'Structure model' '_software.classification'                    
2  5 'Structure model' '_software.name'                              
3  5 'Structure model' '_struct_conn.pdbx_leaving_atom_flag'         
4  6 'Structure model' '_database_2.pdbx_DOI'                        
5  6 'Structure model' '_database_2.pdbx_database_accession'         
6  6 'Structure model' '_pdbx_struct_conn_angle.ptnr1_auth_asym_id'  
7  6 'Structure model' '_pdbx_struct_conn_angle.ptnr1_auth_seq_id'   
8  6 'Structure model' '_pdbx_struct_conn_angle.ptnr1_label_asym_id' 
9  6 'Structure model' '_pdbx_struct_conn_angle.ptnr3_auth_asym_id'  
10 6 'Structure model' '_pdbx_struct_conn_angle.ptnr3_auth_seq_id'   
11 6 'Structure model' '_pdbx_struct_conn_angle.ptnr3_label_asym_id' 
12 6 'Structure model' '_pdbx_struct_conn_angle.value'               
13 6 'Structure model' '_struct_conn.pdbx_dist_value'                
14 6 'Structure model' '_struct_conn.ptnr1_auth_comp_id'             
15 6 'Structure model' '_struct_conn.ptnr1_auth_seq_id'              
16 6 'Structure model' '_struct_conn.ptnr1_label_asym_id'            
17 6 'Structure model' '_struct_conn.ptnr1_label_atom_id'            
18 6 'Structure model' '_struct_conn.ptnr1_label_comp_id'            
19 6 'Structure model' '_struct_conn.ptnr2_auth_asym_id'             
20 6 'Structure model' '_struct_conn.ptnr2_auth_comp_id'             
21 6 'Structure model' '_struct_conn.ptnr2_auth_seq_id'              
22 6 'Structure model' '_struct_conn.ptnr2_label_asym_id'            
23 6 'Structure model' '_struct_conn.ptnr2_label_atom_id'            
24 6 'Structure model' '_struct_conn.ptnr2_label_comp_id'            
25 6 'Structure model' '_struct_site.pdbx_auth_asym_id'              
26 6 'Structure model' '_struct_site.pdbx_auth_comp_id'              
27 6 'Structure model' '_struct_site.pdbx_auth_seq_id'               
# 
_pdbx_database_status.status_code                     REL 
_pdbx_database_status.entry_id                        1N1O 
_pdbx_database_status.recvd_initial_deposition_date   2002-10-18 
_pdbx_database_status.deposit_site                    RCSB 
_pdbx_database_status.process_site                    RCSB 
_pdbx_database_status.status_code_sf                  REL 
_pdbx_database_status.SG_entry                        . 
_pdbx_database_status.pdb_format_compatible           Y 
_pdbx_database_status.status_code_mr                  ? 
_pdbx_database_status.status_code_cs                  ? 
_pdbx_database_status.methods_development_category    ? 
_pdbx_database_status.status_code_nmr_data            ? 
# 
loop_
_audit_author.name 
_audit_author.pdbx_ordinal 
'Wilds, C.J.'       1 
'Wawrzak, Z.'       2 
'Krishnamurthy, R.' 3 
'Eschenmoser, A.'   4 
'Egli, M.'          5 
# 
_citation.id                        primary 
_citation.title                     
;Crystal Structure of a B-Form DNA Duplex Containing (L)-alpha-Threofuranosyl (3'-->2') Nucleosides: A 
                    Four-Carbon Sugar Is Easily Accommodated into the Backbone of DNA
;
_citation.journal_abbrev            J.Am.Chem.Soc. 
_citation.journal_volume            124 
_citation.page_first                13716 
_citation.page_last                 13721 
_citation.year                      2002 
_citation.journal_id_ASTM           JACSAT 
_citation.country                   US 
_citation.journal_id_ISSN           0002-7863 
_citation.journal_id_CSD            0004 
_citation.book_publisher            ? 
_citation.pdbx_database_id_PubMed   12431101 
_citation.pdbx_database_id_DOI      10.1021/ja0207807 
# 
loop_
_citation_author.citation_id 
_citation_author.name 
_citation_author.ordinal 
_citation_author.identifier_ORCID 
primary 'Wilds, C.J.'       1 ? 
primary 'Wawrzak, Z.'       2 ? 
primary 'Krishnamurthy, R.' 3 ? 
primary 'Eschenmoser, A.'   4 ? 
primary 'Egli, M.'          5 ? 
# 
loop_
_entity.id 
_entity.type 
_entity.src_method 
_entity.pdbx_description 
_entity.formula_weight 
_entity.pdbx_number_of_molecules 
_entity.pdbx_ec 
_entity.pdbx_mutation 
_entity.pdbx_fragment 
_entity.details 
1 polymer     syn "5'-D(*CP*GP*CP*GP*AP*AP*(TFT)P*TP*CP*GP*CP*G)-3'" 3649.366 2   ? ? ? 'Dickerson-Drew dodecamer duplex' 
2 non-polymer syn 'MAGNESIUM ION'                                    24.305   1   ? ? ? ?                                 
3 water       nat water                                              18.015   197 ? ? ? ?                                 
# 
_entity_poly.entity_id                      1 
_entity_poly.type                           polydeoxyribonucleotide 
_entity_poly.nstd_linkage                   no 
_entity_poly.nstd_monomer                   yes 
_entity_poly.pdbx_seq_one_letter_code       '(DC)(DG)(DC)(DG)(DA)(DA)(TFT)(DT)(DC)(DG)(DC)(DG)' 
_entity_poly.pdbx_seq_one_letter_code_can   CGCGAATTCGCG 
_entity_poly.pdbx_strand_id                 A,B 
_entity_poly.pdbx_target_identifier         ? 
# 
loop_
_pdbx_entity_nonpoly.entity_id 
_pdbx_entity_nonpoly.name 
_pdbx_entity_nonpoly.comp_id 
2 'MAGNESIUM ION' MG  
3 water           HOH 
# 
loop_
_entity_poly_seq.entity_id 
_entity_poly_seq.num 
_entity_poly_seq.mon_id 
_entity_poly_seq.hetero 
1 1  DC  n 
1 2  DG  n 
1 3  DC  n 
1 4  DG  n 
1 5  DA  n 
1 6  DA  n 
1 7  TFT n 
1 8  DT  n 
1 9  DC  n 
1 10 DG  n 
1 11 DC  n 
1 12 DG  n 
# 
_pdbx_entity_src_syn.entity_id              1 
_pdbx_entity_src_syn.pdbx_src_id            1 
_pdbx_entity_src_syn.pdbx_alt_source_flag   sample 
_pdbx_entity_src_syn.pdbx_beg_seq_num       ? 
_pdbx_entity_src_syn.pdbx_end_seq_num       ? 
_pdbx_entity_src_syn.organism_scientific    ? 
_pdbx_entity_src_syn.organism_common_name   ? 
_pdbx_entity_src_syn.ncbi_taxonomy_id       ? 
_pdbx_entity_src_syn.details                'solid phase oligonucleotide synthesis was used.' 
# 
loop_
_chem_comp.id 
_chem_comp.type 
_chem_comp.mon_nstd_flag 
_chem_comp.name 
_chem_comp.pdbx_synonyms 
_chem_comp.formula 
_chem_comp.formula_weight 
DA  'DNA linking' y "2'-DEOXYADENOSINE-5'-MONOPHOSPHATE"                ? 'C10 H14 N5 O6 P' 331.222 
DC  'DNA linking' y "2'-DEOXYCYTIDINE-5'-MONOPHOSPHATE"                 ? 'C9 H14 N3 O7 P'  307.197 
DG  'DNA linking' y "2'-DEOXYGUANOSINE-5'-MONOPHOSPHATE"                ? 'C10 H14 N5 O7 P' 347.221 
DT  'DNA linking' y "THYMIDINE-5'-MONOPHOSPHATE"                        ? 'C10 H15 N2 O8 P' 322.208 
HOH non-polymer   . WATER                                               ? 'H2 O'            18.015  
MG  non-polymer   . 'MAGNESIUM ION'                                     ? 'Mg 2'            24.305  
TFT 'DNA linking' n "(L)-ALPHA-THREOFURANOSYL-THYMINE-3'-MONOPHOSPHATE" ? 'C9 H13 N2 O8 P'  308.182 
# 
loop_
_pdbx_poly_seq_scheme.asym_id 
_pdbx_poly_seq_scheme.entity_id 
_pdbx_poly_seq_scheme.seq_id 
_pdbx_poly_seq_scheme.mon_id 
_pdbx_poly_seq_scheme.ndb_seq_num 
_pdbx_poly_seq_scheme.pdb_seq_num 
_pdbx_poly_seq_scheme.auth_seq_num 
_pdbx_poly_seq_scheme.pdb_mon_id 
_pdbx_poly_seq_scheme.auth_mon_id 
_pdbx_poly_seq_scheme.pdb_strand_id 
_pdbx_poly_seq_scheme.pdb_ins_code 
_pdbx_poly_seq_scheme.hetero 
A 1 1  DC  1  1   1   DC  CYT A . n 
A 1 2  DG  2  2   2   DG  GUA A . n 
A 1 3  DC  3  3   3   DC  CYT A . n 
A 1 4  DG  4  4   4   DG  GUA A . n 
A 1 5  DA  5  5   5   DA  ADE A . n 
A 1 6  DA  6  6   6   DA  ADE A . n 
A 1 7  TFT 7  7   7   TFT THT A . n 
A 1 8  DT  8  8   8   DT  THY A . n 
A 1 9  DC  9  9   9   DC  CYT A . n 
A 1 10 DG  10 10  10  DG  GUA A . n 
A 1 11 DC  11 11  11  DC  CYT A . n 
A 1 12 DG  12 12  12  DG  GUA A . n 
B 1 1  DC  1  113 113 DC  CYT B . n 
B 1 2  DG  2  114 114 DG  GUA B . n 
B 1 3  DC  3  115 115 DC  CYT B . n 
B 1 4  DG  4  116 116 DG  GUA B . n 
B 1 5  DA  5  117 117 DA  ADE B . n 
B 1 6  DA  6  118 118 DA  ADE B . n 
B 1 7  TFT 7  119 119 TFT THT B . n 
B 1 8  DT  8  120 120 DT  THY B . n 
B 1 9  DC  9  121 121 DC  CYT B . n 
B 1 10 DG  10 122 122 DG  GUA B . n 
B 1 11 DC  11 123 123 DC  CYT B . n 
B 1 12 DG  12 124 124 DG  GUA B . n 
# 
loop_
_pdbx_nonpoly_scheme.asym_id 
_pdbx_nonpoly_scheme.entity_id 
_pdbx_nonpoly_scheme.mon_id 
_pdbx_nonpoly_scheme.ndb_seq_num 
_pdbx_nonpoly_scheme.pdb_seq_num 
_pdbx_nonpoly_scheme.auth_seq_num 
_pdbx_nonpoly_scheme.pdb_mon_id 
_pdbx_nonpoly_scheme.auth_mon_id 
_pdbx_nonpoly_scheme.pdb_strand_id 
_pdbx_nonpoly_scheme.pdb_ins_code 
C 2 MG  1   901 901 MG  MG  A . 
D 3 HOH 1   701 701 HOH TIP A . 
D 3 HOH 2   702 702 HOH TIP A . 
D 3 HOH 3   703 703 HOH TIP A . 
D 3 HOH 4   705 705 HOH TIP A . 
D 3 HOH 5   707 707 HOH TIP A . 
D 3 HOH 6   709 709 HOH TIP A . 
D 3 HOH 7   710 710 HOH TIP A . 
D 3 HOH 8   711 711 HOH TIP A . 
D 3 HOH 9   716 716 HOH TIP A . 
D 3 HOH 10  718 718 HOH TIP A . 
D 3 HOH 11  719 719 HOH TIP A . 
D 3 HOH 12  721 721 HOH TIP A . 
D 3 HOH 13  723 723 HOH TIP A . 
D 3 HOH 14  724 724 HOH TIP A . 
D 3 HOH 15  725 725 HOH TIP A . 
D 3 HOH 16  726 726 HOH TIP A . 
D 3 HOH 17  728 728 HOH TIP A . 
D 3 HOH 18  731 731 HOH TIP A . 
D 3 HOH 19  734 734 HOH TIP A . 
D 3 HOH 20  737 737 HOH TIP A . 
D 3 HOH 21  740 740 HOH TIP A . 
D 3 HOH 22  743 743 HOH TIP A . 
D 3 HOH 23  744 744 HOH TIP A . 
D 3 HOH 24  745 745 HOH TIP A . 
D 3 HOH 25  747 747 HOH TIP A . 
D 3 HOH 26  750 750 HOH TIP A . 
D 3 HOH 27  751 751 HOH TIP A . 
D 3 HOH 28  754 754 HOH TIP A . 
D 3 HOH 29  757 757 HOH TIP A . 
D 3 HOH 30  764 764 HOH TIP A . 
D 3 HOH 31  766 766 HOH TIP A . 
D 3 HOH 32  773 773 HOH TIP A . 
D 3 HOH 33  775 775 HOH TIP A . 
D 3 HOH 34  778 778 HOH TIP A . 
D 3 HOH 35  780 780 HOH TIP A . 
D 3 HOH 36  783 783 HOH TIP A . 
D 3 HOH 37  788 788 HOH TIP A . 
D 3 HOH 38  789 789 HOH TIP A . 
D 3 HOH 39  790 790 HOH TIP A . 
D 3 HOH 40  791 791 HOH TIP A . 
D 3 HOH 41  796 796 HOH TIP A . 
D 3 HOH 42  800 800 HOH TIP A . 
D 3 HOH 43  801 801 HOH TIP A . 
D 3 HOH 44  802 802 HOH TIP A . 
D 3 HOH 45  805 805 HOH TIP A . 
D 3 HOH 46  808 808 HOH TIP A . 
D 3 HOH 47  809 809 HOH TIP A . 
D 3 HOH 48  814 814 HOH TIP A . 
D 3 HOH 49  815 815 HOH TIP A . 
D 3 HOH 50  817 817 HOH TIP A . 
D 3 HOH 51  820 820 HOH TIP A . 
D 3 HOH 52  821 821 HOH TIP A . 
D 3 HOH 53  824 824 HOH TIP A . 
D 3 HOH 54  830 830 HOH TIP A . 
D 3 HOH 55  831 831 HOH TIP A . 
D 3 HOH 56  833 833 HOH TIP A . 
D 3 HOH 57  834 834 HOH TIP A . 
D 3 HOH 58  838 838 HOH TIP A . 
D 3 HOH 59  839 839 HOH TIP A . 
D 3 HOH 60  840 840 HOH TIP A . 
D 3 HOH 61  841 841 HOH TIP A . 
D 3 HOH 62  849 849 HOH TIP A . 
D 3 HOH 63  851 851 HOH TIP A . 
D 3 HOH 64  852 852 HOH TIP A . 
D 3 HOH 65  860 860 HOH TIP A . 
D 3 HOH 66  861 861 HOH TIP A . 
D 3 HOH 67  863 863 HOH TIP A . 
D 3 HOH 68  866 866 HOH TIP A . 
D 3 HOH 69  867 867 HOH TIP A . 
D 3 HOH 70  869 869 HOH TIP A . 
D 3 HOH 71  871 871 HOH TIP A . 
D 3 HOH 72  872 872 HOH TIP A . 
D 3 HOH 73  873 873 HOH TIP A . 
D 3 HOH 74  875 875 HOH TIP A . 
D 3 HOH 75  876 876 HOH TIP A . 
D 3 HOH 76  878 878 HOH TIP A . 
D 3 HOH 77  879 879 HOH TIP A . 
D 3 HOH 78  882 882 HOH TIP A . 
D 3 HOH 79  887 887 HOH TIP A . 
D 3 HOH 80  888 888 HOH TIP A . 
D 3 HOH 81  890 890 HOH TIP A . 
D 3 HOH 82  892 892 HOH TIP A . 
D 3 HOH 83  893 893 HOH TIP A . 
D 3 HOH 84  898 898 HOH TIP A . 
D 3 HOH 85  900 900 HOH TIP A . 
D 3 HOH 86  902 902 HOH TIP A . 
D 3 HOH 87  903 903 HOH TIP A . 
D 3 HOH 88  905 905 HOH TIP A . 
D 3 HOH 89  906 906 HOH TIP A . 
D 3 HOH 90  911 911 HOH TIP A . 
D 3 HOH 91  912 912 HOH TIP A . 
D 3 HOH 92  913 913 HOH TIP A . 
D 3 HOH 93  914 914 HOH TIP A . 
D 3 HOH 94  917 917 HOH TIP A . 
D 3 HOH 95  918 918 HOH TIP A . 
D 3 HOH 96  920 920 HOH TIP A . 
D 3 HOH 97  924 924 HOH TIP A . 
D 3 HOH 98  925 925 HOH TIP A . 
D 3 HOH 99  927 927 HOH TIP A . 
D 3 HOH 100 931 931 HOH TIP A . 
D 3 HOH 101 936 936 HOH TIP A . 
D 3 HOH 102 937 937 HOH TIP A . 
D 3 HOH 103 939 939 HOH TIP A . 
D 3 HOH 104 943 943 HOH TIP A . 
D 3 HOH 105 949 949 HOH TIP A . 
D 3 HOH 106 950 950 HOH TIP A . 
E 3 HOH 1   706 706 HOH TIP B . 
E 3 HOH 2   708 708 HOH TIP B . 
E 3 HOH 3   712 712 HOH TIP B . 
E 3 HOH 4   713 713 HOH TIP B . 
E 3 HOH 5   714 714 HOH TIP B . 
E 3 HOH 6   715 715 HOH TIP B . 
E 3 HOH 7   717 717 HOH TIP B . 
E 3 HOH 8   720 720 HOH TIP B . 
E 3 HOH 9   727 727 HOH TIP B . 
E 3 HOH 10  729 729 HOH TIP B . 
E 3 HOH 11  730 730 HOH TIP B . 
E 3 HOH 12  733 733 HOH TIP B . 
E 3 HOH 13  735 735 HOH TIP B . 
E 3 HOH 14  738 738 HOH TIP B . 
E 3 HOH 15  741 741 HOH TIP B . 
E 3 HOH 16  742 742 HOH TIP B . 
E 3 HOH 17  746 746 HOH TIP B . 
E 3 HOH 18  748 748 HOH TIP B . 
E 3 HOH 19  749 749 HOH TIP B . 
E 3 HOH 20  753 753 HOH TIP B . 
E 3 HOH 21  755 755 HOH TIP B . 
E 3 HOH 22  758 758 HOH TIP B . 
E 3 HOH 23  759 759 HOH TIP B . 
E 3 HOH 24  760 760 HOH TIP B . 
E 3 HOH 25  761 761 HOH TIP B . 
E 3 HOH 26  763 763 HOH TIP B . 
E 3 HOH 27  765 765 HOH TIP B . 
E 3 HOH 28  769 769 HOH TIP B . 
E 3 HOH 29  772 772 HOH TIP B . 
E 3 HOH 30  774 774 HOH TIP B . 
E 3 HOH 31  776 776 HOH TIP B . 
E 3 HOH 32  777 777 HOH TIP B . 
E 3 HOH 33  782 782 HOH TIP B . 
E 3 HOH 34  784 784 HOH TIP B . 
E 3 HOH 35  787 787 HOH TIP B . 
E 3 HOH 36  792 792 HOH TIP B . 
E 3 HOH 37  797 797 HOH TIP B . 
E 3 HOH 38  798 798 HOH TIP B . 
E 3 HOH 39  799 799 HOH TIP B . 
E 3 HOH 40  803 803 HOH TIP B . 
E 3 HOH 41  804 804 HOH TIP B . 
E 3 HOH 42  806 806 HOH TIP B . 
E 3 HOH 43  807 807 HOH TIP B . 
E 3 HOH 44  810 810 HOH TIP B . 
E 3 HOH 45  811 811 HOH TIP B . 
E 3 HOH 46  812 812 HOH TIP B . 
E 3 HOH 47  813 813 HOH TIP B . 
E 3 HOH 48  819 819 HOH TIP B . 
E 3 HOH 49  822 822 HOH TIP B . 
E 3 HOH 50  823 823 HOH TIP B . 
E 3 HOH 51  832 832 HOH TIP B . 
E 3 HOH 52  835 835 HOH TIP B . 
E 3 HOH 53  837 837 HOH TIP B . 
E 3 HOH 54  843 843 HOH TIP B . 
E 3 HOH 55  846 846 HOH TIP B . 
E 3 HOH 56  847 847 HOH TIP B . 
E 3 HOH 57  848 848 HOH TIP B . 
E 3 HOH 58  850 850 HOH TIP B . 
E 3 HOH 59  854 854 HOH TIP B . 
E 3 HOH 60  855 855 HOH TIP B . 
E 3 HOH 61  858 858 HOH TIP B . 
E 3 HOH 62  859 859 HOH TIP B . 
E 3 HOH 63  862 862 HOH TIP B . 
E 3 HOH 64  865 865 HOH TIP B . 
E 3 HOH 65  868 868 HOH TIP B . 
E 3 HOH 66  870 870 HOH TIP B . 
E 3 HOH 67  874 874 HOH TIP B . 
E 3 HOH 68  877 877 HOH TIP B . 
E 3 HOH 69  880 880 HOH TIP B . 
E 3 HOH 70  884 884 HOH TIP B . 
E 3 HOH 71  885 885 HOH TIP B . 
E 3 HOH 72  889 889 HOH TIP B . 
E 3 HOH 73  891 891 HOH TIP B . 
E 3 HOH 74  895 895 HOH TIP B . 
E 3 HOH 75  899 899 HOH TIP B . 
E 3 HOH 76  907 907 HOH TIP B . 
E 3 HOH 77  908 908 HOH TIP B . 
E 3 HOH 78  909 909 HOH TIP B . 
E 3 HOH 79  910 910 HOH TIP B . 
E 3 HOH 80  916 916 HOH TIP B . 
E 3 HOH 81  919 919 HOH TIP B . 
E 3 HOH 82  921 921 HOH TIP B . 
E 3 HOH 83  922 922 HOH TIP B . 
E 3 HOH 84  928 928 HOH TIP B . 
E 3 HOH 85  933 933 HOH TIP B . 
E 3 HOH 86  935 935 HOH TIP B . 
E 3 HOH 87  938 938 HOH TIP B . 
E 3 HOH 88  941 941 HOH TIP B . 
E 3 HOH 89  942 942 HOH TIP B . 
E 3 HOH 90  945 945 HOH TIP B . 
E 3 HOH 91  952 952 HOH TIP B . 
# 
loop_
_software.name 
_software.classification 
_software.version 
_software.citation_id 
_software.pdbx_ordinal 
SHELXL-97 refinement        . ? 1 
SCALEPACK 'data scaling'    . ? 2 
CNS       refinement        . ? 3 
MAR345    'data collection' . ? 4 
CNS       phasing           . ? 5 
# 
_cell.entry_id           1N1O 
_cell.length_a           25.277 
_cell.length_b           40.080 
_cell.length_c           65.860 
_cell.angle_alpha        90.00 
_cell.angle_beta         90.00 
_cell.angle_gamma        90.00 
_cell.Z_PDB              8 
_cell.pdbx_unique_axis   ? 
# 
_symmetry.entry_id                         1N1O 
_symmetry.space_group_name_H-M             'P 21 21 21' 
_symmetry.pdbx_full_space_group_name_H-M   ? 
_symmetry.Int_Tables_number                19 
_symmetry.cell_setting                     ? 
# 
_exptl.entry_id          1N1O 
_exptl.method            'X-RAY DIFFRACTION' 
_exptl.crystals_number   1 
# 
_exptl_crystal.id                    1 
_exptl_crystal.density_meas          ? 
_exptl_crystal.density_Matthews      1.75 
_exptl_crystal.density_percent_sol   29.04 
_exptl_crystal.description           ? 
# 
_exptl_crystal_grow.crystal_id      1 
_exptl_crystal_grow.method          'VAPOR DIFFUSION, SITTING DROP' 
_exptl_crystal_grow.temp            298 
_exptl_crystal_grow.temp_details    ? 
_exptl_crystal_grow.pH              7 
_exptl_crystal_grow.pdbx_details    
;oligonucleotide, sodium cacodylate, magnesium acetate, spermine tetrahydrochloride, 2-methyl-2,4-pentanediol (MPD), pH 7, VAPOR DIFFUSION, SITTING DROP, temperature 298K
;
_exptl_crystal_grow.pdbx_pH_range   ? 
# 
loop_
_exptl_crystal_grow_comp.crystal_id 
_exptl_crystal_grow_comp.id 
_exptl_crystal_grow_comp.sol_id 
_exptl_crystal_grow_comp.name 
_exptl_crystal_grow_comp.volume 
_exptl_crystal_grow_comp.conc 
_exptl_crystal_grow_comp.details 
1 1 1 oligonucleotide               ? ? ? 
1 2 1 'sodium cacodylate'           ? ? ? 
1 3 1 'magnesium acetate'           ? ? ? 
1 4 1 'spermine tetrahydrochloride' ? ? ? 
1 5 1 MPD                           ? ? ? 
1 6 2 MPD                           ? ? ? 
# 
_diffrn.id                     1 
_diffrn.ambient_temp           120 
_diffrn.ambient_temp_details   ? 
_diffrn.crystal_id             1 
# 
_diffrn_detector.diffrn_id              1 
_diffrn_detector.detector               CCD 
_diffrn_detector.type                   MARRESEARCH 
_diffrn_detector.pdbx_collection_date   2001-02-20 
_diffrn_detector.details                ? 
# 
_diffrn_radiation.diffrn_id                        1 
_diffrn_radiation.wavelength_id                    1 
_diffrn_radiation.pdbx_monochromatic_or_laue_m_l   M 
_diffrn_radiation.monochromator                    ? 
_diffrn_radiation.pdbx_diffrn_protocol             'SINGLE WAVELENGTH' 
_diffrn_radiation.pdbx_scattering_type             x-ray 
# 
_diffrn_radiation_wavelength.id           1 
_diffrn_radiation_wavelength.wavelength   0.978 
_diffrn_radiation_wavelength.wt           1.0 
# 
_diffrn_source.diffrn_id                   1 
_diffrn_source.source                      SYNCHROTRON 
_diffrn_source.type                        'APS BEAMLINE 5ID-B' 
_diffrn_source.pdbx_synchrotron_site       APS 
_diffrn_source.pdbx_synchrotron_beamline   5ID-B 
_diffrn_source.pdbx_wavelength             ? 
_diffrn_source.pdbx_wavelength_list        0.978 
# 
_reflns.entry_id                     1N1O 
_reflns.observed_criterion_sigma_F   2 
_reflns.observed_criterion_sigma_I   1 
_reflns.d_resolution_high            1.20 
_reflns.d_resolution_low             20.0 
_reflns.number_all                   21360 
_reflns.number_obs                   21311 
_reflns.percent_possible_obs         99.2 
_reflns.pdbx_Rmerge_I_obs            0.037 
_reflns.pdbx_Rsym_value              ? 
_reflns.pdbx_netI_over_sigmaI        ? 
_reflns.B_iso_Wilson_estimate        ? 
_reflns.pdbx_redundancy              ? 
_reflns.R_free_details               ? 
_reflns.pdbx_diffrn_id               1 
_reflns.pdbx_ordinal                 1 
# 
_reflns_shell.d_res_high             1.20 
_reflns_shell.d_res_low              1.24 
_reflns_shell.percent_possible_all   98.2 
_reflns_shell.Rmerge_I_obs           0.327 
_reflns_shell.pdbx_Rsym_value        ? 
_reflns_shell.meanI_over_sigI_obs    ? 
_reflns_shell.pdbx_redundancy        ? 
_reflns_shell.percent_possible_obs   ? 
_reflns_shell.number_unique_all      ? 
_reflns_shell.pdbx_diffrn_id         ? 
_reflns_shell.pdbx_ordinal           1 
# 
_refine.entry_id                                 1N1O 
_refine.ls_d_res_high                            1.20 
_refine.ls_d_res_low                             20 
_refine.pdbx_ls_sigma_F                          ? 
_refine.pdbx_ls_sigma_I                          ? 
_refine.ls_number_reflns_all                     21311 
_refine.ls_number_reflns_obs                     21311 
_refine.ls_number_reflns_R_free                  ? 
_refine.ls_percent_reflns_obs                    ? 
_refine.ls_R_factor_all                          ? 
_refine.ls_R_factor_obs                          ? 
_refine.ls_R_factor_R_work                       0.16 
_refine.ls_R_factor_R_free                       ? 
_refine.ls_redundancy_reflns_obs                 ? 
_refine.pdbx_data_cutoff_high_absF               ? 
_refine.pdbx_data_cutoff_low_absF                ? 
_refine.ls_number_parameters                     ? 
_refine.ls_number_restraints                     ? 
_refine.ls_percent_reflns_R_free                 ? 
_refine.ls_R_factor_R_free_error                 ? 
_refine.ls_R_factor_R_free_error_details         ? 
_refine.pdbx_method_to_determine_struct          'MOLECULAR REPLACEMENT' 
_refine.pdbx_starting_model                      'B-form DNA (native Dickerson-Drew dodecamer)' 
_refine.pdbx_ls_cross_valid_method               ? 
_refine.pdbx_R_Free_selection_details            random 
_refine.pdbx_stereochem_target_val_spec_case     ? 
_refine.pdbx_stereochemistry_target_values       ? 
_refine.solvent_model_details                    ? 
_refine.solvent_model_param_bsol                 ? 
_refine.solvent_model_param_ksol                 ? 
_refine.occupancy_max                            ? 
_refine.occupancy_min                            ? 
_refine.pdbx_isotropic_thermal_model             ? 
_refine.B_iso_mean                               ? 
_refine.aniso_B[1][1]                            ? 
_refine.aniso_B[1][2]                            ? 
_refine.aniso_B[1][3]                            ? 
_refine.aniso_B[2][2]                            ? 
_refine.aniso_B[2][3]                            ? 
_refine.aniso_B[3][3]                            ? 
_refine.details                                  ? 
_refine.correlation_coeff_Fo_to_Fc               ? 
_refine.correlation_coeff_Fo_to_Fc_free          ? 
_refine.pdbx_solvent_vdw_probe_radii             ? 
_refine.pdbx_solvent_ion_probe_radii             ? 
_refine.pdbx_solvent_shrinkage_radii             ? 
_refine.overall_SU_R_Cruickshank_DPI             ? 
_refine.overall_SU_R_free                        ? 
_refine.overall_SU_B                             ? 
_refine.overall_SU_ML                            ? 
_refine.pdbx_overall_ESU_R                       ? 
_refine.pdbx_overall_ESU_R_Free                  ? 
_refine.pdbx_data_cutoff_high_rms_absF           ? 
_refine.pdbx_refine_id                           'X-RAY DIFFRACTION' 
_refine.pdbx_diffrn_id                           1 
_refine.pdbx_TLS_residual_ADP_flag               ? 
_refine.pdbx_overall_phase_error                 ? 
_refine.pdbx_overall_SU_R_free_Cruickshank_DPI   ? 
_refine.pdbx_overall_SU_R_Blow_DPI               ? 
_refine.pdbx_overall_SU_R_free_Blow_DPI          ? 
# 
_refine_hist.pdbx_refine_id                   'X-RAY DIFFRACTION' 
_refine_hist.cycle_id                         LAST 
_refine_hist.pdbx_number_atoms_protein        0 
_refine_hist.pdbx_number_atoms_nucleic_acid   484 
_refine_hist.pdbx_number_atoms_ligand         1 
_refine_hist.number_atoms_solvent             197 
_refine_hist.number_atoms_total               682 
_refine_hist.d_res_high                       1.20 
_refine_hist.d_res_low                        20 
# 
loop_
_refine_ls_restr.type 
_refine_ls_restr.dev_ideal 
_refine_ls_restr.dev_ideal_target 
_refine_ls_restr.weight 
_refine_ls_restr.number 
_refine_ls_restr.pdbx_refine_id 
_refine_ls_restr.pdbx_restraint_function 
s_bond_d  0.007 ? ? ? 'X-RAY DIFFRACTION' ? 
s_angle_d 0.014 ? ? ? 'X-RAY DIFFRACTION' ? 
# 
_pdbx_refine.entry_id                                    1N1O 
_pdbx_refine.R_factor_all_no_cutoff                      0.16 
_pdbx_refine.R_factor_obs_no_cutoff                      0.16 
_pdbx_refine.number_reflns_obs_no_cutoff                 21311 
_pdbx_refine.free_R_factor_no_cutoff                     0.2 
_pdbx_refine.free_R_val_test_set_ct_no_cutoff            2130 
_pdbx_refine.free_R_val_test_set_size_perc_no_cutoff     5.0 
_pdbx_refine.R_factor_all_4sig_cutoff                    0.156 
_pdbx_refine.R_factor_obs_4sig_cutoff                    0.156 
_pdbx_refine.number_reflns_obs_4sig_cutoff               18649 
_pdbx_refine.free_R_factor_4sig_cutoff                   0.198 
_pdbx_refine.free_R_val_test_set_ct_4sig_cutoff          1866 
_pdbx_refine.free_R_val_test_set_size_perc_4sig_cutoff   5.0 
_pdbx_refine.pdbx_refine_id                              'X-RAY DIFFRACTION' 
_pdbx_refine.free_R_error_no_cutoff                      ? 
# 
_struct.entry_id                  1N1O 
_struct.title                     
;Crystal Structure of a B-form DNA Duplex Containing (L)-alpha-threofuranosyl (3'-2') Nucleosides: A Four-Carbon Sugar is Easily Accommodated into the Backbone of DNA
;
_struct.pdbx_model_details        ? 
_struct.pdbx_CASP_flag            ? 
_struct.pdbx_model_type_details   ? 
# 
_struct_keywords.entry_id        1N1O 
_struct_keywords.pdbx_keywords   DNA 
_struct_keywords.text            
'B-DNA, hydrogen bonding, nucleic acid etiology, tetrose, four-carbon sugar, nucleic acid analogue, DNA' 
# 
loop_
_struct_asym.id 
_struct_asym.pdbx_blank_PDB_chainid_flag 
_struct_asym.pdbx_modified 
_struct_asym.entity_id 
_struct_asym.details 
A N N 1 ? 
B N N 1 ? 
C N N 2 ? 
D N N 3 ? 
E N N 3 ? 
# 
_struct_ref.id                         1 
_struct_ref.entity_id                  1 
_struct_ref.db_name                    PDB 
_struct_ref.db_code                    1N1O 
_struct_ref.pdbx_db_accession          1N1O 
_struct_ref.pdbx_db_isoform            ? 
_struct_ref.pdbx_seq_one_letter_code   ? 
_struct_ref.pdbx_align_begin           ? 
# 
loop_
_struct_ref_seq.align_id 
_struct_ref_seq.ref_id 
_struct_ref_seq.pdbx_PDB_id_code 
_struct_ref_seq.pdbx_strand_id 
_struct_ref_seq.seq_align_beg 
_struct_ref_seq.pdbx_seq_align_beg_ins_code 
_struct_ref_seq.seq_align_end 
_struct_ref_seq.pdbx_seq_align_end_ins_code 
_struct_ref_seq.pdbx_db_accession 
_struct_ref_seq.db_align_beg 
_struct_ref_seq.pdbx_db_align_beg_ins_code 
_struct_ref_seq.db_align_end 
_struct_ref_seq.pdbx_db_align_end_ins_code 
_struct_ref_seq.pdbx_auth_seq_align_beg 
_struct_ref_seq.pdbx_auth_seq_align_end 
1 1 1N1O A 1 ? 12 ? 1N1O 1   ? 12  ? 1   12  
2 1 1N1O B 1 ? 12 ? 1N1O 113 ? 124 ? 113 124 
# 
_pdbx_struct_assembly.id                   1 
_pdbx_struct_assembly.details              author_defined_assembly 
_pdbx_struct_assembly.method_details       ? 
_pdbx_struct_assembly.oligomeric_details   dimeric 
_pdbx_struct_assembly.oligomeric_count     2 
# 
_pdbx_struct_assembly_gen.assembly_id       1 
_pdbx_struct_assembly_gen.oper_expression   1 
_pdbx_struct_assembly_gen.asym_id_list      A,B,C,D,E 
# 
_pdbx_struct_oper_list.id                   1 
_pdbx_struct_oper_list.type                 'identity operation' 
_pdbx_struct_oper_list.name                 1_555 
_pdbx_struct_oper_list.symmetry_operation   x,y,z 
_pdbx_struct_oper_list.matrix[1][1]         1.0000000000 
_pdbx_struct_oper_list.matrix[1][2]         0.0000000000 
_pdbx_struct_oper_list.matrix[1][3]         0.0000000000 
_pdbx_struct_oper_list.vector[1]            0.0000000000 
_pdbx_struct_oper_list.matrix[2][1]         0.0000000000 
_pdbx_struct_oper_list.matrix[2][2]         1.0000000000 
_pdbx_struct_oper_list.matrix[2][3]         0.0000000000 
_pdbx_struct_oper_list.vector[2]            0.0000000000 
_pdbx_struct_oper_list.matrix[3][1]         0.0000000000 
_pdbx_struct_oper_list.matrix[3][2]         0.0000000000 
_pdbx_struct_oper_list.matrix[3][3]         1.0000000000 
_pdbx_struct_oper_list.vector[3]            0.0000000000 
# 
_struct_biol.id                    1 
_struct_biol.pdbx_parent_biol_id   ? 
_struct_biol.details               ? 
# 
loop_
_struct_conn.id 
_struct_conn.conn_type_id 
_struct_conn.pdbx_leaving_atom_flag 
_struct_conn.pdbx_PDB_id 
_struct_conn.ptnr1_label_asym_id 
_struct_conn.ptnr1_label_comp_id 
_struct_conn.ptnr1_label_seq_id 
_struct_conn.ptnr1_label_atom_id 
_struct_conn.pdbx_ptnr1_label_alt_id 
_struct_conn.pdbx_ptnr1_PDB_ins_code 
_struct_conn.pdbx_ptnr1_standard_comp_id 
_struct_conn.ptnr1_symmetry 
_struct_conn.ptnr2_label_asym_id 
_struct_conn.ptnr2_label_comp_id 
_struct_conn.ptnr2_label_seq_id 
_struct_conn.ptnr2_label_atom_id 
_struct_conn.pdbx_ptnr2_label_alt_id 
_struct_conn.pdbx_ptnr2_PDB_ins_code 
_struct_conn.ptnr1_auth_asym_id 
_struct_conn.ptnr1_auth_comp_id 
_struct_conn.ptnr1_auth_seq_id 
_struct_conn.ptnr2_auth_asym_id 
_struct_conn.ptnr2_auth_comp_id 
_struct_conn.ptnr2_auth_seq_id 
_struct_conn.ptnr2_symmetry 
_struct_conn.pdbx_ptnr3_label_atom_id 
_struct_conn.pdbx_ptnr3_label_seq_id 
_struct_conn.pdbx_ptnr3_label_comp_id 
_struct_conn.pdbx_ptnr3_label_asym_id 
_struct_conn.pdbx_ptnr3_label_alt_id 
_struct_conn.pdbx_ptnr3_PDB_ins_code 
_struct_conn.details 
_struct_conn.pdbx_dist_value 
_struct_conn.pdbx_value_order 
_struct_conn.pdbx_role 
covale1  covale both ? A DA  6  "O3'" ? ? ? 1_555 A TFT 7  P  ? ? A DA  6   A TFT 7   1_555 ? ? ? ? ? ? ?            1.610 ? ? 
covale2  covale one  ? A TFT 7  O2T   ? ? ? 1_555 A DT  8  P  ? ? A TFT 7   A DT  8   1_555 ? ? ? ? ? ? ?            1.611 ? ? 
covale3  covale both ? B DA  6  "O3'" ? ? ? 1_555 B TFT 7  P  ? ? B DA  118 B TFT 119 1_555 ? ? ? ? ? ? ?            1.583 ? ? 
covale4  covale one  ? B TFT 7  O2T   ? ? ? 1_555 B DT  8  P  ? ? B TFT 119 B DT  120 1_555 ? ? ? ? ? ? ?            1.548 ? ? 
metalc1  metalc ?    ? D HOH .  O     ? ? ? 1_555 C MG  .  MG ? ? A HOH 702 A MG  901 1_555 ? ? ? ? ? ? ?            2.068 ? ? 
metalc2  metalc ?    ? D HOH .  O     ? ? ? 1_555 C MG  .  MG ? ? A HOH 705 A MG  901 1_555 ? ? ? ? ? ? ?            2.050 ? ? 
metalc3  metalc ?    ? C MG  .  MG    ? ? ? 1_555 E HOH .  O  ? ? A MG  901 B HOH 706 1_555 ? ? ? ? ? ? ?            2.119 ? ? 
metalc4  metalc ?    ? C MG  .  MG    ? ? ? 1_555 E HOH .  O  ? ? A MG  901 B HOH 708 1_555 ? ? ? ? ? ? ?            2.056 ? ? 
metalc5  metalc ?    ? C MG  .  MG    ? ? ? 1_555 E HOH .  O  ? ? A MG  901 B HOH 715 1_555 ? ? ? ? ? ? ?            2.066 ? ? 
metalc6  metalc ?    ? C MG  .  MG    ? ? ? 1_555 E HOH .  O  ? ? A MG  901 B HOH 720 1_555 ? ? ? ? ? ? ?            2.031 ? ? 
hydrog1  hydrog ?    ? A DC  1  N3    ? ? ? 1_555 B DG  12 N1 ? ? A DC  1   B DG  124 1_555 ? ? ? ? ? ? WATSON-CRICK ?     ? ? 
hydrog2  hydrog ?    ? A DC  1  N4    ? ? ? 1_555 B DG  12 O6 ? ? A DC  1   B DG  124 1_555 ? ? ? ? ? ? WATSON-CRICK ?     ? ? 
hydrog3  hydrog ?    ? A DC  1  O2    ? ? ? 1_555 B DG  12 N2 ? ? A DC  1   B DG  124 1_555 ? ? ? ? ? ? WATSON-CRICK ?     ? ? 
hydrog4  hydrog ?    ? A DG  2  N1    ? ? ? 1_555 B DC  11 N3 ? ? A DG  2   B DC  123 1_555 ? ? ? ? ? ? WATSON-CRICK ?     ? ? 
hydrog5  hydrog ?    ? A DG  2  N2    ? ? ? 1_555 B DC  11 O2 ? ? A DG  2   B DC  123 1_555 ? ? ? ? ? ? WATSON-CRICK ?     ? ? 
hydrog6  hydrog ?    ? A DG  2  O6    ? ? ? 1_555 B DC  11 N4 ? ? A DG  2   B DC  123 1_555 ? ? ? ? ? ? WATSON-CRICK ?     ? ? 
hydrog7  hydrog ?    ? A DC  3  N3    ? ? ? 1_555 B DG  10 N1 ? ? A DC  3   B DG  122 1_555 ? ? ? ? ? ? WATSON-CRICK ?     ? ? 
hydrog8  hydrog ?    ? A DC  3  N4    ? ? ? 1_555 B DG  10 O6 ? ? A DC  3   B DG  122 1_555 ? ? ? ? ? ? WATSON-CRICK ?     ? ? 
hydrog9  hydrog ?    ? A DC  3  O2    ? ? ? 1_555 B DG  10 N2 ? ? A DC  3   B DG  122 1_555 ? ? ? ? ? ? WATSON-CRICK ?     ? ? 
hydrog10 hydrog ?    ? A DG  4  N1    ? ? ? 1_555 B DC  9  N3 ? ? A DG  4   B DC  121 1_555 ? ? ? ? ? ? WATSON-CRICK ?     ? ? 
hydrog11 hydrog ?    ? A DG  4  N2    ? ? ? 1_555 B DC  9  O2 ? ? A DG  4   B DC  121 1_555 ? ? ? ? ? ? WATSON-CRICK ?     ? ? 
hydrog12 hydrog ?    ? A DG  4  O6    ? ? ? 1_555 B DC  9  N4 ? ? A DG  4   B DC  121 1_555 ? ? ? ? ? ? WATSON-CRICK ?     ? ? 
hydrog13 hydrog ?    ? A DA  5  N1    ? ? ? 1_555 B DT  8  N3 ? ? A DA  5   B DT  120 1_555 ? ? ? ? ? ? WATSON-CRICK ?     ? ? 
hydrog14 hydrog ?    ? A DA  5  N6    ? ? ? 1_555 B DT  8  O4 ? ? A DA  5   B DT  120 1_555 ? ? ? ? ? ? WATSON-CRICK ?     ? ? 
hydrog15 hydrog ?    ? A DA  6  N1    ? ? ? 1_555 B TFT 7  N3 ? ? A DA  6   B TFT 119 1_555 ? ? ? ? ? ? WATSON-CRICK ?     ? ? 
hydrog16 hydrog ?    ? A DA  6  N6    ? ? ? 1_555 B TFT 7  O4 ? ? A DA  6   B TFT 119 1_555 ? ? ? ? ? ? WATSON-CRICK ?     ? ? 
hydrog17 hydrog ?    ? A TFT 7  N3    ? ? ? 1_555 B DA  6  N1 ? ? A TFT 7   B DA  118 1_555 ? ? ? ? ? ? WATSON-CRICK ?     ? ? 
hydrog18 hydrog ?    ? A TFT 7  O4    ? ? ? 1_555 B DA  6  N6 ? ? A TFT 7   B DA  118 1_555 ? ? ? ? ? ? WATSON-CRICK ?     ? ? 
hydrog19 hydrog ?    ? A DT  8  N3    ? ? ? 1_555 B DA  5  N1 ? ? A DT  8   B DA  117 1_555 ? ? ? ? ? ? WATSON-CRICK ?     ? ? 
hydrog20 hydrog ?    ? A DT  8  O4    ? ? ? 1_555 B DA  5  N6 ? ? A DT  8   B DA  117 1_555 ? ? ? ? ? ? WATSON-CRICK ?     ? ? 
hydrog21 hydrog ?    ? A DC  9  N3    ? ? ? 1_555 B DG  4  N1 ? ? A DC  9   B DG  116 1_555 ? ? ? ? ? ? WATSON-CRICK ?     ? ? 
hydrog22 hydrog ?    ? A DC  9  N4    ? ? ? 1_555 B DG  4  O6 ? ? A DC  9   B DG  116 1_555 ? ? ? ? ? ? WATSON-CRICK ?     ? ? 
hydrog23 hydrog ?    ? A DC  9  O2    ? ? ? 1_555 B DG  4  N2 ? ? A DC  9   B DG  116 1_555 ? ? ? ? ? ? WATSON-CRICK ?     ? ? 
hydrog24 hydrog ?    ? A DG  10 N1    ? ? ? 1_555 B DC  3  N3 ? ? A DG  10  B DC  115 1_555 ? ? ? ? ? ? WATSON-CRICK ?     ? ? 
hydrog25 hydrog ?    ? A DG  10 N2    ? ? ? 1_555 B DC  3  O2 ? ? A DG  10  B DC  115 1_555 ? ? ? ? ? ? WATSON-CRICK ?     ? ? 
hydrog26 hydrog ?    ? A DG  10 O6    ? ? ? 1_555 B DC  3  N4 ? ? A DG  10  B DC  115 1_555 ? ? ? ? ? ? WATSON-CRICK ?     ? ? 
hydrog27 hydrog ?    ? A DC  11 N3    ? ? ? 1_555 B DG  2  N1 ? ? A DC  11  B DG  114 1_555 ? ? ? ? ? ? WATSON-CRICK ?     ? ? 
hydrog28 hydrog ?    ? A DC  11 N4    ? ? ? 1_555 B DG  2  O6 ? ? A DC  11  B DG  114 1_555 ? ? ? ? ? ? WATSON-CRICK ?     ? ? 
hydrog29 hydrog ?    ? A DC  11 O2    ? ? ? 1_555 B DG  2  N2 ? ? A DC  11  B DG  114 1_555 ? ? ? ? ? ? WATSON-CRICK ?     ? ? 
hydrog30 hydrog ?    ? A DG  12 N1    ? ? ? 1_555 B DC  1  N3 ? ? A DG  12  B DC  113 1_555 ? ? ? ? ? ? WATSON-CRICK ?     ? ? 
hydrog31 hydrog ?    ? A DG  12 N2    ? ? ? 1_555 B DC  1  O2 ? ? A DG  12  B DC  113 1_555 ? ? ? ? ? ? WATSON-CRICK ?     ? ? 
hydrog32 hydrog ?    ? A DG  12 O6    ? ? ? 1_555 B DC  1  N4 ? ? A DG  12  B DC  113 1_555 ? ? ? ? ? ? WATSON-CRICK ?     ? ? 
# 
loop_
_struct_conn_type.id 
_struct_conn_type.criteria 
_struct_conn_type.reference 
covale ? ? 
metalc ? ? 
hydrog ? ? 
# 
loop_
_pdbx_struct_conn_angle.id 
_pdbx_struct_conn_angle.ptnr1_label_atom_id 
_pdbx_struct_conn_angle.ptnr1_label_alt_id 
_pdbx_struct_conn_angle.ptnr1_label_asym_id 
_pdbx_struct_conn_angle.ptnr1_label_comp_id 
_pdbx_struct_conn_angle.ptnr1_label_seq_id 
_pdbx_struct_conn_angle.ptnr1_auth_atom_id 
_pdbx_struct_conn_angle.ptnr1_auth_asym_id 
_pdbx_struct_conn_angle.ptnr1_auth_comp_id 
_pdbx_struct_conn_angle.ptnr1_auth_seq_id 
_pdbx_struct_conn_angle.ptnr1_PDB_ins_code 
_pdbx_struct_conn_angle.ptnr1_symmetry 
_pdbx_struct_conn_angle.ptnr2_label_atom_id 
_pdbx_struct_conn_angle.ptnr2_label_alt_id 
_pdbx_struct_conn_angle.ptnr2_label_asym_id 
_pdbx_struct_conn_angle.ptnr2_label_comp_id 
_pdbx_struct_conn_angle.ptnr2_label_seq_id 
_pdbx_struct_conn_angle.ptnr2_auth_atom_id 
_pdbx_struct_conn_angle.ptnr2_auth_asym_id 
_pdbx_struct_conn_angle.ptnr2_auth_comp_id 
_pdbx_struct_conn_angle.ptnr2_auth_seq_id 
_pdbx_struct_conn_angle.ptnr2_PDB_ins_code 
_pdbx_struct_conn_angle.ptnr2_symmetry 
_pdbx_struct_conn_angle.ptnr3_label_atom_id 
_pdbx_struct_conn_angle.ptnr3_label_alt_id 
_pdbx_struct_conn_angle.ptnr3_label_asym_id 
_pdbx_struct_conn_angle.ptnr3_label_comp_id 
_pdbx_struct_conn_angle.ptnr3_label_seq_id 
_pdbx_struct_conn_angle.ptnr3_auth_atom_id 
_pdbx_struct_conn_angle.ptnr3_auth_asym_id 
_pdbx_struct_conn_angle.ptnr3_auth_comp_id 
_pdbx_struct_conn_angle.ptnr3_auth_seq_id 
_pdbx_struct_conn_angle.ptnr3_PDB_ins_code 
_pdbx_struct_conn_angle.ptnr3_symmetry 
_pdbx_struct_conn_angle.value 
_pdbx_struct_conn_angle.value_esd 
1  O ? D HOH . ? A HOH 702 ? 1_555 MG ? C MG . ? A MG 901 ? 1_555 O ? D HOH . ? A HOH 705 ? 1_555 92.4  ? 
2  O ? D HOH . ? A HOH 702 ? 1_555 MG ? C MG . ? A MG 901 ? 1_555 O ? E HOH . ? B HOH 706 ? 1_555 174.8 ? 
3  O ? D HOH . ? A HOH 705 ? 1_555 MG ? C MG . ? A MG 901 ? 1_555 O ? E HOH . ? B HOH 706 ? 1_555 88.6  ? 
4  O ? D HOH . ? A HOH 702 ? 1_555 MG ? C MG . ? A MG 901 ? 1_555 O ? E HOH . ? B HOH 708 ? 1_555 94.0  ? 
5  O ? D HOH . ? A HOH 705 ? 1_555 MG ? C MG . ? A MG 901 ? 1_555 O ? E HOH . ? B HOH 708 ? 1_555 86.2  ? 
6  O ? E HOH . ? B HOH 706 ? 1_555 MG ? C MG . ? A MG 901 ? 1_555 O ? E HOH . ? B HOH 708 ? 1_555 91.1  ? 
7  O ? D HOH . ? A HOH 702 ? 1_555 MG ? C MG . ? A MG 901 ? 1_555 O ? E HOH . ? B HOH 715 ? 1_555 89.9  ? 
8  O ? D HOH . ? A HOH 705 ? 1_555 MG ? C MG . ? A MG 901 ? 1_555 O ? E HOH . ? B HOH 715 ? 1_555 91.5  ? 
9  O ? E HOH . ? B HOH 706 ? 1_555 MG ? C MG . ? A MG 901 ? 1_555 O ? E HOH . ? B HOH 715 ? 1_555 85.1  ? 
10 O ? E HOH . ? B HOH 708 ? 1_555 MG ? C MG . ? A MG 901 ? 1_555 O ? E HOH . ? B HOH 715 ? 1_555 175.5 ? 
11 O ? D HOH . ? A HOH 702 ? 1_555 MG ? C MG . ? A MG 901 ? 1_555 O ? E HOH . ? B HOH 720 ? 1_555 88.6  ? 
12 O ? D HOH . ? A HOH 705 ? 1_555 MG ? C MG . ? A MG 901 ? 1_555 O ? E HOH . ? B HOH 720 ? 1_555 174.9 ? 
13 O ? E HOH . ? B HOH 706 ? 1_555 MG ? C MG . ? A MG 901 ? 1_555 O ? E HOH . ? B HOH 720 ? 1_555 90.8  ? 
14 O ? E HOH . ? B HOH 708 ? 1_555 MG ? C MG . ? A MG 901 ? 1_555 O ? E HOH . ? B HOH 720 ? 1_555 88.8  ? 
15 O ? E HOH . ? B HOH 715 ? 1_555 MG ? C MG . ? A MG 901 ? 1_555 O ? E HOH . ? B HOH 720 ? 1_555 93.5  ? 
# 
_struct_site.id                   AC1 
_struct_site.pdbx_evidence_code   Software 
_struct_site.pdbx_auth_asym_id    A 
_struct_site.pdbx_auth_comp_id    MG 
_struct_site.pdbx_auth_seq_id     901 
_struct_site.pdbx_auth_ins_code   ? 
_struct_site.pdbx_num_residues    6 
_struct_site.details              'BINDING SITE FOR RESIDUE MG A 901' 
# 
loop_
_struct_site_gen.id 
_struct_site_gen.site_id 
_struct_site_gen.pdbx_num_res 
_struct_site_gen.label_comp_id 
_struct_site_gen.label_asym_id 
_struct_site_gen.label_seq_id 
_struct_site_gen.pdbx_auth_ins_code 
_struct_site_gen.auth_comp_id 
_struct_site_gen.auth_asym_id 
_struct_site_gen.auth_seq_id 
_struct_site_gen.label_atom_id 
_struct_site_gen.label_alt_id 
_struct_site_gen.symmetry 
_struct_site_gen.details 
1 AC1 6 HOH D . ? HOH A 702 . ? 1_555 ? 
2 AC1 6 HOH D . ? HOH A 705 . ? 1_555 ? 
3 AC1 6 HOH E . ? HOH B 706 . ? 1_555 ? 
4 AC1 6 HOH E . ? HOH B 708 . ? 1_555 ? 
5 AC1 6 HOH E . ? HOH B 715 . ? 1_555 ? 
6 AC1 6 HOH E . ? HOH B 720 . ? 1_555 ? 
# 
loop_
_pdbx_validate_rmsd_bond.id 
_pdbx_validate_rmsd_bond.PDB_model_num 
_pdbx_validate_rmsd_bond.auth_atom_id_1 
_pdbx_validate_rmsd_bond.auth_asym_id_1 
_pdbx_validate_rmsd_bond.auth_comp_id_1 
_pdbx_validate_rmsd_bond.auth_seq_id_1 
_pdbx_validate_rmsd_bond.PDB_ins_code_1 
_pdbx_validate_rmsd_bond.label_alt_id_1 
_pdbx_validate_rmsd_bond.auth_atom_id_2 
_pdbx_validate_rmsd_bond.auth_asym_id_2 
_pdbx_validate_rmsd_bond.auth_comp_id_2 
_pdbx_validate_rmsd_bond.auth_seq_id_2 
_pdbx_validate_rmsd_bond.PDB_ins_code_2 
_pdbx_validate_rmsd_bond.label_alt_id_2 
_pdbx_validate_rmsd_bond.bond_value 
_pdbx_validate_rmsd_bond.bond_target_value 
_pdbx_validate_rmsd_bond.bond_deviation 
_pdbx_validate_rmsd_bond.bond_standard_deviation 
_pdbx_validate_rmsd_bond.linker_flag 
1  1 "O4'" A DC 1   ? ? "C1'" A DC 1   ? ? 1.496 1.420 0.076  0.011 N 
2  1 "C2'" A DC 3   ? ? "C1'" A DC 3   ? ? 1.455 1.518 -0.063 0.010 N 
3  1 "O4'" A DC 3   ? ? "C1'" A DC 3   ? ? 1.529 1.420 0.109  0.011 N 
4  1 "O4'" A DA 5   ? ? "C1'" A DA 5   ? ? 1.518 1.420 0.098  0.011 N 
5  1 "O4'" A DT 8   ? ? "C1'" A DT 8   ? ? 1.497 1.420 0.077  0.011 N 
6  1 "C2'" A DC 9   ? ? "C1'" A DC 9   ? ? 1.430 1.518 -0.088 0.010 N 
7  1 "O4'" A DC 9   ? ? "C1'" A DC 9   ? ? 1.569 1.420 0.149  0.011 N 
8  1 "C2'" A DC 11  ? ? "C1'" A DC 11  ? ? 1.449 1.518 -0.069 0.010 N 
9  1 "O4'" A DC 11  ? ? "C1'" A DC 11  ? ? 1.546 1.420 0.126  0.011 N 
10 1 "C2'" A DG 12  ? ? "C1'" A DG 12  ? ? 1.445 1.518 -0.073 0.010 N 
11 1 "O4'" A DG 12  ? ? "C1'" A DG 12  ? ? 1.512 1.420 0.092  0.011 N 
12 1 "O4'" B DC 113 ? ? "C1'" B DC 113 ? ? 1.499 1.420 0.079  0.011 N 
13 1 "O4'" B DC 115 ? ? "C1'" B DC 115 ? ? 1.524 1.420 0.104  0.011 N 
14 1 "C2'" B DA 117 ? ? "C1'" B DA 117 ? ? 1.458 1.518 -0.060 0.010 N 
15 1 "O4'" B DA 117 ? ? "C1'" B DA 117 ? ? 1.543 1.420 0.123  0.011 N 
16 1 "O4'" B DA 118 ? ? "C1'" B DA 118 ? ? 1.499 1.420 0.079  0.011 N 
17 1 "C2'" B DT 120 ? ? "C1'" B DT 120 ? ? 1.452 1.518 -0.066 0.010 N 
18 1 "O4'" B DT 120 ? ? "C1'" B DT 120 ? ? 1.519 1.420 0.099  0.011 N 
19 1 "C2'" B DC 121 ? ? "C1'" B DC 121 ? ? 1.439 1.518 -0.079 0.010 N 
20 1 "O4'" B DC 121 ? ? "C1'" B DC 121 ? ? 1.549 1.420 0.129  0.011 N 
21 1 "C2'" B DC 123 ? ? "C1'" B DC 123 ? ? 1.415 1.518 -0.103 0.010 N 
22 1 "O4'" B DC 123 ? ? "C1'" B DC 123 ? ? 1.557 1.420 0.137  0.011 N 
23 1 "C2'" B DG 124 ? ? "C1'" B DG 124 ? ? 1.424 1.518 -0.094 0.010 N 
24 1 "O4'" B DG 124 ? ? "C1'" B DG 124 ? ? 1.552 1.420 0.132  0.011 N 
# 
loop_
_pdbx_validate_rmsd_angle.id 
_pdbx_validate_rmsd_angle.PDB_model_num 
_pdbx_validate_rmsd_angle.auth_atom_id_1 
_pdbx_validate_rmsd_angle.auth_asym_id_1 
_pdbx_validate_rmsd_angle.auth_comp_id_1 
_pdbx_validate_rmsd_angle.auth_seq_id_1 
_pdbx_validate_rmsd_angle.PDB_ins_code_1 
_pdbx_validate_rmsd_angle.label_alt_id_1 
_pdbx_validate_rmsd_angle.auth_atom_id_2 
_pdbx_validate_rmsd_angle.auth_asym_id_2 
_pdbx_validate_rmsd_angle.auth_comp_id_2 
_pdbx_validate_rmsd_angle.auth_seq_id_2 
_pdbx_validate_rmsd_angle.PDB_ins_code_2 
_pdbx_validate_rmsd_angle.label_alt_id_2 
_pdbx_validate_rmsd_angle.auth_atom_id_3 
_pdbx_validate_rmsd_angle.auth_asym_id_3 
_pdbx_validate_rmsd_angle.auth_comp_id_3 
_pdbx_validate_rmsd_angle.auth_seq_id_3 
_pdbx_validate_rmsd_angle.PDB_ins_code_3 
_pdbx_validate_rmsd_angle.label_alt_id_3 
_pdbx_validate_rmsd_angle.angle_value 
_pdbx_validate_rmsd_angle.angle_target_value 
_pdbx_validate_rmsd_angle.angle_deviation 
_pdbx_validate_rmsd_angle.angle_standard_deviation 
_pdbx_validate_rmsd_angle.linker_flag 
1  1 "O4'" A DC 1   ? ? "C4'" A DC 1   ? ? "C3'" A DC  1   ? ? 110.01 106.00 4.01   0.60 N 
2  1 N1    A DC 1   ? ? "C1'" A DC 1   ? ? "C2'" A DC  1   ? ? 123.26 114.30 8.96   1.40 N 
3  1 OP1   A DG 2   ? ? P     A DG 2   ? ? OP2   A DG  2   ? ? 128.75 119.60 9.15   1.50 N 
4  1 "O4'" A DC 3   ? ? "C1'" A DC 3   ? ? N1    A DC  3   ? ? 102.45 108.00 -5.55  0.70 N 
5  1 "O4'" A DG 4   ? ? "C1'" A DG 4   ? ? N9    A DG  4   ? ? 110.12 108.30 1.82   0.30 N 
6  1 "O4'" A DA 5   ? ? "C1'" A DA 5   ? ? N9    A DA  5   ? ? 103.74 108.00 -4.26  0.70 N 
7  1 N1    A DC 9   ? ? "C1'" A DC 9   ? ? "C2'" A DC  9   ? ? 126.23 114.30 11.93  1.40 N 
8  1 "O4'" A DC 9   ? ? "C1'" A DC 9   ? ? N1    A DC  9   ? ? 97.15  108.00 -10.85 0.70 N 
9  1 N1    A DC 11  ? ? "C1'" A DC 11  ? ? "C2'" A DC  11  ? ? 125.18 114.30 10.88  1.40 N 
10 1 "O4'" A DC 11  ? ? "C1'" A DC 11  ? ? N1    A DC  11  ? ? 98.92  108.00 -9.08  0.70 N 
11 1 "O4'" A DG 12  ? ? "C1'" A DG 12  ? ? N9    A DG  12  ? ? 99.93  108.00 -8.07  0.70 N 
12 1 "O4'" B DC 113 ? ? "C1'" B DC 113 ? ? N1    B DC  113 ? ? 103.54 108.00 -4.46  0.70 N 
13 1 "O4'" B DG 114 ? ? "C1'" B DG 114 ? ? N9    B DG  114 ? ? 103.79 108.00 -4.21  0.70 N 
14 1 "O4'" B DC 115 ? ? "C1'" B DC 115 ? ? N1    B DC  115 ? ? 100.73 108.00 -7.27  0.70 N 
15 1 "O4'" B DG 116 ? ? "C1'" B DG 116 ? ? N9    B DG  116 ? ? 113.03 108.30 4.73   0.30 N 
16 1 "C3'" B DG 116 ? ? "O3'" B DG 116 ? ? P     B DA  117 ? ? 128.93 119.70 9.23   1.20 Y 
17 1 "O4'" B DA 117 ? ? "C1'" B DA 117 ? ? N9    B DA  117 ? ? 100.77 108.00 -7.23  0.70 N 
18 1 "C3'" B DA 118 ? ? "O3'" B DA 118 ? ? P     B TFT 119 ? ? 128.15 119.70 8.45   1.20 Y 
19 1 "O5'" B DT 120 ? ? "C5'" B DT 120 ? ? "C4'" B DT  120 ? ? 102.56 109.40 -6.84  0.80 N 
20 1 "O4'" B DT 120 ? ? "C1'" B DT 120 ? ? N1    B DT  120 ? ? 100.25 108.00 -7.75  0.70 N 
21 1 "C1'" B DC 121 ? ? "O4'" B DC 121 ? ? "C4'" B DC  121 ? ? 101.45 110.10 -8.65  1.00 N 
22 1 N1    B DC 121 ? ? "C1'" B DC 121 ? ? "C2'" B DC  121 ? ? 123.74 114.30 9.44   1.40 N 
23 1 "O4'" B DC 121 ? ? "C1'" B DC 121 ? ? N1    B DC  121 ? ? 99.97  108.00 -8.03  0.70 N 
24 1 N1    B DC 123 ? ? "C1'" B DC 123 ? ? "C2'" B DC  123 ? ? 123.59 114.30 9.29   1.40 N 
25 1 "O4'" B DC 123 ? ? "C1'" B DC 123 ? ? N1    B DC  123 ? ? 98.87  108.00 -9.13  0.70 N 
26 1 N9    B DG 124 ? ? "C1'" B DG 124 ? ? "C2'" B DG  124 ? ? 123.44 114.30 9.14   1.40 N 
27 1 "O4'" B DG 124 ? ? "C1'" B DG 124 ? ? N9    B DG  124 ? ? 99.77  108.00 -8.23  0.70 N 
# 
loop_
_pdbx_struct_mod_residue.id 
_pdbx_struct_mod_residue.label_asym_id 
_pdbx_struct_mod_residue.label_comp_id 
_pdbx_struct_mod_residue.label_seq_id 
_pdbx_struct_mod_residue.auth_asym_id 
_pdbx_struct_mod_residue.auth_comp_id 
_pdbx_struct_mod_residue.auth_seq_id 
_pdbx_struct_mod_residue.PDB_ins_code 
_pdbx_struct_mod_residue.parent_comp_id 
_pdbx_struct_mod_residue.details 
1 A TFT 7 A TFT 7   ? DT ? 
2 B TFT 7 B TFT 119 ? DT ? 
# 
loop_
_chem_comp_atom.comp_id 
_chem_comp_atom.atom_id 
_chem_comp_atom.type_symbol 
_chem_comp_atom.pdbx_aromatic_flag 
_chem_comp_atom.pdbx_stereo_config 
_chem_comp_atom.pdbx_ordinal 
DA  OP3    O  N N 1   
DA  P      P  N N 2   
DA  OP1    O  N N 3   
DA  OP2    O  N N 4   
DA  "O5'"  O  N N 5   
DA  "C5'"  C  N N 6   
DA  "C4'"  C  N R 7   
DA  "O4'"  O  N N 8   
DA  "C3'"  C  N S 9   
DA  "O3'"  O  N N 10  
DA  "C2'"  C  N N 11  
DA  "C1'"  C  N R 12  
DA  N9     N  Y N 13  
DA  C8     C  Y N 14  
DA  N7     N  Y N 15  
DA  C5     C  Y N 16  
DA  C6     C  Y N 17  
DA  N6     N  N N 18  
DA  N1     N  Y N 19  
DA  C2     C  Y N 20  
DA  N3     N  Y N 21  
DA  C4     C  Y N 22  
DA  HOP3   H  N N 23  
DA  HOP2   H  N N 24  
DA  "H5'"  H  N N 25  
DA  "H5''" H  N N 26  
DA  "H4'"  H  N N 27  
DA  "H3'"  H  N N 28  
DA  "HO3'" H  N N 29  
DA  "H2'"  H  N N 30  
DA  "H2''" H  N N 31  
DA  "H1'"  H  N N 32  
DA  H8     H  N N 33  
DA  H61    H  N N 34  
DA  H62    H  N N 35  
DA  H2     H  N N 36  
DC  OP3    O  N N 37  
DC  P      P  N N 38  
DC  OP1    O  N N 39  
DC  OP2    O  N N 40  
DC  "O5'"  O  N N 41  
DC  "C5'"  C  N N 42  
DC  "C4'"  C  N R 43  
DC  "O4'"  O  N N 44  
DC  "C3'"  C  N S 45  
DC  "O3'"  O  N N 46  
DC  "C2'"  C  N N 47  
DC  "C1'"  C  N R 48  
DC  N1     N  N N 49  
DC  C2     C  N N 50  
DC  O2     O  N N 51  
DC  N3     N  N N 52  
DC  C4     C  N N 53  
DC  N4     N  N N 54  
DC  C5     C  N N 55  
DC  C6     C  N N 56  
DC  HOP3   H  N N 57  
DC  HOP2   H  N N 58  
DC  "H5'"  H  N N 59  
DC  "H5''" H  N N 60  
DC  "H4'"  H  N N 61  
DC  "H3'"  H  N N 62  
DC  "HO3'" H  N N 63  
DC  "H2'"  H  N N 64  
DC  "H2''" H  N N 65  
DC  "H1'"  H  N N 66  
DC  H41    H  N N 67  
DC  H42    H  N N 68  
DC  H5     H  N N 69  
DC  H6     H  N N 70  
DG  OP3    O  N N 71  
DG  P      P  N N 72  
DG  OP1    O  N N 73  
DG  OP2    O  N N 74  
DG  "O5'"  O  N N 75  
DG  "C5'"  C  N N 76  
DG  "C4'"  C  N R 77  
DG  "O4'"  O  N N 78  
DG  "C3'"  C  N S 79  
DG  "O3'"  O  N N 80  
DG  "C2'"  C  N N 81  
DG  "C1'"  C  N R 82  
DG  N9     N  Y N 83  
DG  C8     C  Y N 84  
DG  N7     N  Y N 85  
DG  C5     C  Y N 86  
DG  C6     C  N N 87  
DG  O6     O  N N 88  
DG  N1     N  N N 89  
DG  C2     C  N N 90  
DG  N2     N  N N 91  
DG  N3     N  N N 92  
DG  C4     C  Y N 93  
DG  HOP3   H  N N 94  
DG  HOP2   H  N N 95  
DG  "H5'"  H  N N 96  
DG  "H5''" H  N N 97  
DG  "H4'"  H  N N 98  
DG  "H3'"  H  N N 99  
DG  "HO3'" H  N N 100 
DG  "H2'"  H  N N 101 
DG  "H2''" H  N N 102 
DG  "H1'"  H  N N 103 
DG  H8     H  N N 104 
DG  H1     H  N N 105 
DG  H21    H  N N 106 
DG  H22    H  N N 107 
DT  OP3    O  N N 108 
DT  P      P  N N 109 
DT  OP1    O  N N 110 
DT  OP2    O  N N 111 
DT  "O5'"  O  N N 112 
DT  "C5'"  C  N N 113 
DT  "C4'"  C  N R 114 
DT  "O4'"  O  N N 115 
DT  "C3'"  C  N S 116 
DT  "O3'"  O  N N 117 
DT  "C2'"  C  N N 118 
DT  "C1'"  C  N R 119 
DT  N1     N  N N 120 
DT  C2     C  N N 121 
DT  O2     O  N N 122 
DT  N3     N  N N 123 
DT  C4     C  N N 124 
DT  O4     O  N N 125 
DT  C5     C  N N 126 
DT  C7     C  N N 127 
DT  C6     C  N N 128 
DT  HOP3   H  N N 129 
DT  HOP2   H  N N 130 
DT  "H5'"  H  N N 131 
DT  "H5''" H  N N 132 
DT  "H4'"  H  N N 133 
DT  "H3'"  H  N N 134 
DT  "HO3'" H  N N 135 
DT  "H2'"  H  N N 136 
DT  "H2''" H  N N 137 
DT  "H1'"  H  N N 138 
DT  H3     H  N N 139 
DT  H71    H  N N 140 
DT  H72    H  N N 141 
DT  H73    H  N N 142 
DT  H6     H  N N 143 
HOH O      O  N N 144 
HOH H1     H  N N 145 
HOH H2     H  N N 146 
MG  MG     MG N N 147 
TFT P      P  N N 148 
TFT OP1    O  N N 149 
TFT OP2    O  N N 150 
TFT O3T    O  N N 151 
TFT N1     N  N N 152 
TFT C6     C  N N 153 
TFT C2     C  N N 154 
TFT O2     O  N N 155 
TFT N3     N  N N 156 
TFT C4     C  N N 157 
TFT O4     O  N N 158 
TFT C5     C  N N 159 
TFT C5M    C  N N 160 
TFT C2T    C  N R 161 
TFT C4T    C  N N 162 
TFT O4T    O  N N 163 
TFT C1T    C  N R 164 
TFT C3T    C  N S 165 
TFT O2T    O  N N 166 
TFT OP3    O  N N 167 
TFT HOP2   H  N N 168 
TFT H6     H  N N 169 
TFT H3     H  N N 170 
TFT H71    H  N N 171 
TFT H72    H  N N 172 
TFT H73    H  N N 173 
TFT H2TC   H  N N 174 
TFT H4T1   H  N N 175 
TFT H4T2   H  N N 176 
TFT H1TC   H  N N 177 
TFT H3TC   H  N N 178 
TFT H2T    H  N N 179 
TFT HOP3   H  N N 180 
# 
loop_
_chem_comp_bond.comp_id 
_chem_comp_bond.atom_id_1 
_chem_comp_bond.atom_id_2 
_chem_comp_bond.value_order 
_chem_comp_bond.pdbx_aromatic_flag 
_chem_comp_bond.pdbx_stereo_config 
_chem_comp_bond.pdbx_ordinal 
DA  OP3   P      sing N N 1   
DA  OP3   HOP3   sing N N 2   
DA  P     OP1    doub N N 3   
DA  P     OP2    sing N N 4   
DA  P     "O5'"  sing N N 5   
DA  OP2   HOP2   sing N N 6   
DA  "O5'" "C5'"  sing N N 7   
DA  "C5'" "C4'"  sing N N 8   
DA  "C5'" "H5'"  sing N N 9   
DA  "C5'" "H5''" sing N N 10  
DA  "C4'" "O4'"  sing N N 11  
DA  "C4'" "C3'"  sing N N 12  
DA  "C4'" "H4'"  sing N N 13  
DA  "O4'" "C1'"  sing N N 14  
DA  "C3'" "O3'"  sing N N 15  
DA  "C3'" "C2'"  sing N N 16  
DA  "C3'" "H3'"  sing N N 17  
DA  "O3'" "HO3'" sing N N 18  
DA  "C2'" "C1'"  sing N N 19  
DA  "C2'" "H2'"  sing N N 20  
DA  "C2'" "H2''" sing N N 21  
DA  "C1'" N9     sing N N 22  
DA  "C1'" "H1'"  sing N N 23  
DA  N9    C8     sing Y N 24  
DA  N9    C4     sing Y N 25  
DA  C8    N7     doub Y N 26  
DA  C8    H8     sing N N 27  
DA  N7    C5     sing Y N 28  
DA  C5    C6     sing Y N 29  
DA  C5    C4     doub Y N 30  
DA  C6    N6     sing N N 31  
DA  C6    N1     doub Y N 32  
DA  N6    H61    sing N N 33  
DA  N6    H62    sing N N 34  
DA  N1    C2     sing Y N 35  
DA  C2    N3     doub Y N 36  
DA  C2    H2     sing N N 37  
DA  N3    C4     sing Y N 38  
DC  OP3   P      sing N N 39  
DC  OP3   HOP3   sing N N 40  
DC  P     OP1    doub N N 41  
DC  P     OP2    sing N N 42  
DC  P     "O5'"  sing N N 43  
DC  OP2   HOP2   sing N N 44  
DC  "O5'" "C5'"  sing N N 45  
DC  "C5'" "C4'"  sing N N 46  
DC  "C5'" "H5'"  sing N N 47  
DC  "C5'" "H5''" sing N N 48  
DC  "C4'" "O4'"  sing N N 49  
DC  "C4'" "C3'"  sing N N 50  
DC  "C4'" "H4'"  sing N N 51  
DC  "O4'" "C1'"  sing N N 52  
DC  "C3'" "O3'"  sing N N 53  
DC  "C3'" "C2'"  sing N N 54  
DC  "C3'" "H3'"  sing N N 55  
DC  "O3'" "HO3'" sing N N 56  
DC  "C2'" "C1'"  sing N N 57  
DC  "C2'" "H2'"  sing N N 58  
DC  "C2'" "H2''" sing N N 59  
DC  "C1'" N1     sing N N 60  
DC  "C1'" "H1'"  sing N N 61  
DC  N1    C2     sing N N 62  
DC  N1    C6     sing N N 63  
DC  C2    O2     doub N N 64  
DC  C2    N3     sing N N 65  
DC  N3    C4     doub N N 66  
DC  C4    N4     sing N N 67  
DC  C4    C5     sing N N 68  
DC  N4    H41    sing N N 69  
DC  N4    H42    sing N N 70  
DC  C5    C6     doub N N 71  
DC  C5    H5     sing N N 72  
DC  C6    H6     sing N N 73  
DG  OP3   P      sing N N 74  
DG  OP3   HOP3   sing N N 75  
DG  P     OP1    doub N N 76  
DG  P     OP2    sing N N 77  
DG  P     "O5'"  sing N N 78  
DG  OP2   HOP2   sing N N 79  
DG  "O5'" "C5'"  sing N N 80  
DG  "C5'" "C4'"  sing N N 81  
DG  "C5'" "H5'"  sing N N 82  
DG  "C5'" "H5''" sing N N 83  
DG  "C4'" "O4'"  sing N N 84  
DG  "C4'" "C3'"  sing N N 85  
DG  "C4'" "H4'"  sing N N 86  
DG  "O4'" "C1'"  sing N N 87  
DG  "C3'" "O3'"  sing N N 88  
DG  "C3'" "C2'"  sing N N 89  
DG  "C3'" "H3'"  sing N N 90  
DG  "O3'" "HO3'" sing N N 91  
DG  "C2'" "C1'"  sing N N 92  
DG  "C2'" "H2'"  sing N N 93  
DG  "C2'" "H2''" sing N N 94  
DG  "C1'" N9     sing N N 95  
DG  "C1'" "H1'"  sing N N 96  
DG  N9    C8     sing Y N 97  
DG  N9    C4     sing Y N 98  
DG  C8    N7     doub Y N 99  
DG  C8    H8     sing N N 100 
DG  N7    C5     sing Y N 101 
DG  C5    C6     sing N N 102 
DG  C5    C4     doub Y N 103 
DG  C6    O6     doub N N 104 
DG  C6    N1     sing N N 105 
DG  N1    C2     sing N N 106 
DG  N1    H1     sing N N 107 
DG  C2    N2     sing N N 108 
DG  C2    N3     doub N N 109 
DG  N2    H21    sing N N 110 
DG  N2    H22    sing N N 111 
DG  N3    C4     sing N N 112 
DT  OP3   P      sing N N 113 
DT  OP3   HOP3   sing N N 114 
DT  P     OP1    doub N N 115 
DT  P     OP2    sing N N 116 
DT  P     "O5'"  sing N N 117 
DT  OP2   HOP2   sing N N 118 
DT  "O5'" "C5'"  sing N N 119 
DT  "C5'" "C4'"  sing N N 120 
DT  "C5'" "H5'"  sing N N 121 
DT  "C5'" "H5''" sing N N 122 
DT  "C4'" "O4'"  sing N N 123 
DT  "C4'" "C3'"  sing N N 124 
DT  "C4'" "H4'"  sing N N 125 
DT  "O4'" "C1'"  sing N N 126 
DT  "C3'" "O3'"  sing N N 127 
DT  "C3'" "C2'"  sing N N 128 
DT  "C3'" "H3'"  sing N N 129 
DT  "O3'" "HO3'" sing N N 130 
DT  "C2'" "C1'"  sing N N 131 
DT  "C2'" "H2'"  sing N N 132 
DT  "C2'" "H2''" sing N N 133 
DT  "C1'" N1     sing N N 134 
DT  "C1'" "H1'"  sing N N 135 
DT  N1    C2     sing N N 136 
DT  N1    C6     sing N N 137 
DT  C2    O2     doub N N 138 
DT  C2    N3     sing N N 139 
DT  N3    C4     sing N N 140 
DT  N3    H3     sing N N 141 
DT  C4    O4     doub N N 142 
DT  C4    C5     sing N N 143 
DT  C5    C7     sing N N 144 
DT  C5    C6     doub N N 145 
DT  C7    H71    sing N N 146 
DT  C7    H72    sing N N 147 
DT  C7    H73    sing N N 148 
DT  C6    H6     sing N N 149 
HOH O     H1     sing N N 150 
HOH O     H2     sing N N 151 
TFT P     OP1    doub N N 152 
TFT P     OP2    sing N N 153 
TFT P     O3T    sing N N 154 
TFT P     OP3    sing N N 155 
TFT OP2   HOP2   sing N N 156 
TFT O3T   C3T    sing N N 157 
TFT N1    C6     sing N N 158 
TFT N1    C2     sing N N 159 
TFT N1    C1T    sing N N 160 
TFT C6    C5     doub N N 161 
TFT C6    H6     sing N N 162 
TFT C2    O2     doub N N 163 
TFT C2    N3     sing N N 164 
TFT N3    C4     sing N N 165 
TFT N3    H3     sing N N 166 
TFT C4    O4     doub N N 167 
TFT C4    C5     sing N N 168 
TFT C5    C5M    sing N N 169 
TFT C5M   H71    sing N N 170 
TFT C5M   H72    sing N N 171 
TFT C5M   H73    sing N N 172 
TFT C2T   C1T    sing N N 173 
TFT C2T   C3T    sing N N 174 
TFT C2T   O2T    sing N N 175 
TFT C2T   H2TC   sing N N 176 
TFT C4T   O4T    sing N N 177 
TFT C4T   C3T    sing N N 178 
TFT C4T   H4T1   sing N N 179 
TFT C4T   H4T2   sing N N 180 
TFT O4T   C1T    sing N N 181 
TFT C1T   H1TC   sing N N 182 
TFT C3T   H3TC   sing N N 183 
TFT O2T   H2T    sing N N 184 
TFT OP3   HOP3   sing N N 185 
# 
_ndb_struct_conf_na.entry_id   1N1O 
_ndb_struct_conf_na.feature    'b-form double helix' 
# 
loop_
_ndb_struct_na_base_pair.model_number 
_ndb_struct_na_base_pair.i_label_asym_id 
_ndb_struct_na_base_pair.i_label_comp_id 
_ndb_struct_na_base_pair.i_label_seq_id 
_ndb_struct_na_base_pair.i_symmetry 
_ndb_struct_na_base_pair.j_label_asym_id 
_ndb_struct_na_base_pair.j_label_comp_id 
_ndb_struct_na_base_pair.j_label_seq_id 
_ndb_struct_na_base_pair.j_symmetry 
_ndb_struct_na_base_pair.shear 
_ndb_struct_na_base_pair.stretch 
_ndb_struct_na_base_pair.stagger 
_ndb_struct_na_base_pair.buckle 
_ndb_struct_na_base_pair.propeller 
_ndb_struct_na_base_pair.opening 
_ndb_struct_na_base_pair.pair_number 
_ndb_struct_na_base_pair.pair_name 
_ndb_struct_na_base_pair.i_auth_asym_id 
_ndb_struct_na_base_pair.i_auth_seq_id 
_ndb_struct_na_base_pair.i_PDB_ins_code 
_ndb_struct_na_base_pair.j_auth_asym_id 
_ndb_struct_na_base_pair.j_auth_seq_id 
_ndb_struct_na_base_pair.j_PDB_ins_code 
_ndb_struct_na_base_pair.hbond_type_28 
_ndb_struct_na_base_pair.hbond_type_12 
1 A DC  1  1_555 B DG  12 1_555 0.218  -0.106 0.115  4.713   -13.772 -0.442 1  A_DC1:DG124_B  A 1  ? B 124 ? 19 1 
1 A DG  2  1_555 B DC  11 1_555 -0.178 -0.176 0.446  6.936   -11.760 -2.598 2  A_DG2:DC123_B  A 2  ? B 123 ? 19 1 
1 A DC  3  1_555 B DG  10 1_555 0.147  -0.175 0.176  -4.299  -4.342  -0.681 3  A_DC3:DG122_B  A 3  ? B 122 ? 19 1 
1 A DG  4  1_555 B DC  9  1_555 -0.224 -0.066 0.039  12.715  -7.773  0.581  4  A_DG4:DC121_B  A 4  ? B 121 ? 19 1 
1 A DA  5  1_555 B DT  8  1_555 -0.070 -0.102 0.006  10.520  -12.652 4.520  5  A_DA5:DT120_B  A 5  ? B 120 ? 20 1 
1 A DA  6  1_555 B TFT 7  1_555 0.200  -0.040 0.021  5.108   -15.361 1.042  6  A_DA6:TFT119_B A 6  ? B 119 ? 20 1 
1 A TFT 7  1_555 B DA  6  1_555 -0.116 -0.116 0.051  -0.110  -15.226 2.172  7  A_TFT7:DA118_B A 7  ? B 118 ? 20 1 
1 A DT  8  1_555 B DA  5  1_555 -0.028 -0.148 -0.088 -1.918  -12.344 3.586  8  A_DT8:DA117_B  A 8  ? B 117 ? 20 1 
1 A DC  9  1_555 B DG  4  1_555 0.232  -0.111 0.124  -13.576 -7.098  -1.593 9  A_DC9:DG116_B  A 9  ? B 116 ? 19 1 
1 A DG  10 1_555 B DC  3  1_555 -0.149 -0.105 0.273  5.561   -6.742  2.149  10 A_DG10:DC115_B A 10 ? B 115 ? 19 1 
1 A DC  11 1_555 B DG  2  1_555 0.126  -0.177 0.213  0.884   -15.718 -2.131 11 A_DC11:DG114_B A 11 ? B 114 ? 19 1 
1 A DG  12 1_555 B DC  1  1_555 -0.280 -0.132 0.306  4.294   -5.894  -0.990 12 A_DG12:DC113_B A 12 ? B 113 ? 19 1 
# 
loop_
_ndb_struct_na_base_pair_step.model_number 
_ndb_struct_na_base_pair_step.i_label_asym_id_1 
_ndb_struct_na_base_pair_step.i_label_comp_id_1 
_ndb_struct_na_base_pair_step.i_label_seq_id_1 
_ndb_struct_na_base_pair_step.i_symmetry_1 
_ndb_struct_na_base_pair_step.j_label_asym_id_1 
_ndb_struct_na_base_pair_step.j_label_comp_id_1 
_ndb_struct_na_base_pair_step.j_label_seq_id_1 
_ndb_struct_na_base_pair_step.j_symmetry_1 
_ndb_struct_na_base_pair_step.i_label_asym_id_2 
_ndb_struct_na_base_pair_step.i_label_comp_id_2 
_ndb_struct_na_base_pair_step.i_label_seq_id_2 
_ndb_struct_na_base_pair_step.i_symmetry_2 
_ndb_struct_na_base_pair_step.j_label_asym_id_2 
_ndb_struct_na_base_pair_step.j_label_comp_id_2 
_ndb_struct_na_base_pair_step.j_label_seq_id_2 
_ndb_struct_na_base_pair_step.j_symmetry_2 
_ndb_struct_na_base_pair_step.shift 
_ndb_struct_na_base_pair_step.slide 
_ndb_struct_na_base_pair_step.rise 
_ndb_struct_na_base_pair_step.tilt 
_ndb_struct_na_base_pair_step.roll 
_ndb_struct_na_base_pair_step.twist 
_ndb_struct_na_base_pair_step.x_displacement 
_ndb_struct_na_base_pair_step.y_displacement 
_ndb_struct_na_base_pair_step.helical_rise 
_ndb_struct_na_base_pair_step.inclination 
_ndb_struct_na_base_pair_step.tip 
_ndb_struct_na_base_pair_step.helical_twist 
_ndb_struct_na_base_pair_step.step_number 
_ndb_struct_na_base_pair_step.step_name 
_ndb_struct_na_base_pair_step.i_auth_asym_id_1 
_ndb_struct_na_base_pair_step.i_auth_seq_id_1 
_ndb_struct_na_base_pair_step.i_PDB_ins_code_1 
_ndb_struct_na_base_pair_step.j_auth_asym_id_1 
_ndb_struct_na_base_pair_step.j_auth_seq_id_1 
_ndb_struct_na_base_pair_step.j_PDB_ins_code_1 
_ndb_struct_na_base_pair_step.i_auth_asym_id_2 
_ndb_struct_na_base_pair_step.i_auth_seq_id_2 
_ndb_struct_na_base_pair_step.i_PDB_ins_code_2 
_ndb_struct_na_base_pair_step.j_auth_asym_id_2 
_ndb_struct_na_base_pair_step.j_auth_seq_id_2 
_ndb_struct_na_base_pair_step.j_PDB_ins_code_2 
1 A DC  1  1_555 B DG  12 1_555 A DG  2  1_555 B DC  11 1_555 0.099  0.067  3.232 -2.414 5.203  34.432 -0.668 -0.527 3.194 8.714   
4.042  34.893 1  AA_DC1DG2:DC123DG124_BB   A 1  ? B 124 ? A 2  ? B 123 ? 
1 A DG  2  1_555 B DC  11 1_555 A DC  3  1_555 B DG  10 1_555 0.588  0.453  3.605 2.849  -6.771 42.508 1.348  -0.492 3.526 -9.256  
-3.895 43.109 2  AA_DG2DC3:DG122DC123_BB   A 2  ? B 123 ? A 3  ? B 122 ? 
1 A DC  3  1_555 B DG  10 1_555 A DG  4  1_555 B DC  9  1_555 -0.221 0.552  3.008 1.683  9.321  26.296 -0.958 0.839  3.004 19.694  
-3.556 27.922 3  AA_DC3DG4:DC121DG122_BB   A 3  ? B 122 ? A 4  ? B 121 ? 
1 A DG  4  1_555 B DC  9  1_555 A DA  5  1_555 B DT  8  1_555 -0.102 -0.239 3.317 -0.548 2.402  35.034 -0.759 0.086  3.295 3.983   
0.909  35.117 4  AA_DG4DA5:DT120DC121_BB   A 4  ? B 121 ? A 5  ? B 120 ? 
1 A DA  5  1_555 B DT  8  1_555 A DA  6  1_555 B TFT 7  1_555 0.077  -0.607 3.356 -0.657 3.117  37.318 -1.362 -0.207 3.295 4.860   
1.025  37.448 5  AA_DA5DA6:TFT119DT120_BB  A 5  ? B 120 ? A 6  ? B 119 ? 
1 A DA  6  1_555 B TFT 7  1_555 A TFT 7  1_555 B DA  6  1_555 0.127  -0.281 3.345 -0.235 -4.861 32.830 0.348  -0.263 3.350 -8.542  
0.413  33.179 6  AA_DA6TFT7:DA118TFT119_BB A 6  ? B 119 ? A 7  ? B 118 ? 
1 A TFT 7  1_555 B DA  6  1_555 A DT  8  1_555 B DA  5  1_555 -0.124 -0.419 3.241 1.444  0.425  35.176 -0.755 0.417  3.228 0.703   
-2.388 35.207 7  AA_TFT7DT8:DA117DA118_BB  A 7  ? B 118 ? A 8  ? B 117 ? 
1 A DT  8  1_555 B DA  5  1_555 A DC  9  1_555 B DG  4  1_555 -0.306 -0.363 3.507 -0.595 -0.937 42.801 -0.396 0.356  3.517 -1.284  
0.815  42.815 8  AA_DT8DC9:DG116DA117_BB   A 8  ? B 117 ? A 9  ? B 116 ? 
1 A DC  9  1_555 B DG  4  1_555 A DG  10 1_555 B DC  3  1_555 0.615  0.728  2.962 -3.162 2.544  25.505 0.986  -2.174 2.923 5.715   
7.105  25.820 9  AA_DC9DG10:DC115DG116_BB  A 9  ? B 116 ? A 10 ? B 115 ? 
1 A DG  10 1_555 B DC  3  1_555 A DC  11 1_555 B DG  2  1_555 -1.256 0.480  3.423 -2.394 -9.327 42.677 1.576  1.448  3.315 -12.624 
3.241  43.700 10 AA_DG10DC11:DG114DC115_BB A 10 ? B 115 ? A 11 ? B 114 ? 
1 A DC  11 1_555 B DG  2  1_555 A DG  12 1_555 B DC  1  1_555 -0.129 0.253  3.196 -1.110 4.807  32.666 -0.356 0.041  3.202 8.486   
1.959  33.026 11 AA_DC11DG12:DC113DG114_BB A 11 ? B 114 ? A 12 ? B 113 ? 
# 
_pdbx_initial_refinement_model.accession_code   ? 
_pdbx_initial_refinement_model.id               1 
_pdbx_initial_refinement_model.entity_id_list   ? 
_pdbx_initial_refinement_model.type             'experimental model' 
_pdbx_initial_refinement_model.source_name      Other 
_pdbx_initial_refinement_model.details          'B-form DNA (native Dickerson-Drew dodecamer)' 
# 
_atom_sites.entry_id                    1N1O 
_atom_sites.fract_transf_matrix[1][1]   -0.01129770 
_atom_sites.fract_transf_matrix[1][2]   0.03526568 
_atom_sites.fract_transf_matrix[1][3]   -0.01392284 
_atom_sites.fract_transf_matrix[2][1]   -0.02041932 
_atom_sites.fract_transf_matrix[2][2]   -0.01042662 
_atom_sites.fract_transf_matrix[2][3]   -0.00984071 
_atom_sites.fract_transf_matrix[3][1]   -0.00757157 
_atom_sites.fract_transf_matrix[3][2]   0.00266305 
_atom_sites.fract_transf_matrix[3][3]   0.01288928 
_atom_sites.fract_transf_vector[1]      0.577726 
_atom_sites.fract_transf_vector[2]      0.525428 
_atom_sites.fract_transf_vector[3]      0.133560 
# 
loop_
_atom_type.symbol 
C  
MG 
N  
O  
P  
# 
loop_
_atom_site.group_PDB 
_atom_site.id 
_atom_site.type_symbol 
_atom_site.label_atom_id 
_atom_site.label_alt_id 
_atom_site.label_comp_id 
_atom_site.label_asym_id 
_atom_site.label_entity_id 
_atom_site.label_seq_id 
_atom_site.pdbx_PDB_ins_code 
_atom_site.Cartn_x 
_atom_site.Cartn_y 
_atom_site.Cartn_z 
_atom_site.occupancy 
_atom_site.B_iso_or_equiv 
_atom_site.pdbx_formal_charge 
_atom_site.auth_seq_id 
_atom_site.auth_comp_id 
_atom_site.auth_asym_id 
_atom_site.auth_atom_id 
_atom_site.pdbx_PDB_model_num 
ATOM   1   O  "O5'" . DC  A 1 1  ? -20.224 2.206   5.127   1.00 30.28 ? 1   DC  A "O5'" 1 
ATOM   2   C  "C5'" . DC  A 1 1  ? -19.358 2.083   6.294   1.00 21.47 ? 1   DC  A "C5'" 1 
ATOM   3   C  "C4'" . DC  A 1 1  ? -18.622 3.442   6.398   1.00 22.18 ? 1   DC  A "C4'" 1 
ATOM   4   O  "O4'" . DC  A 1 1  ? -17.865 3.387   7.640   1.00 20.89 ? 1   DC  A "O4'" 1 
ATOM   5   C  "C3'" . DC  A 1 1  ? -17.712 3.760   5.258   1.00 21.43 ? 1   DC  A "C3'" 1 
ATOM   6   O  "O3'" . DC  A 1 1  ? -17.744 5.186   4.930   1.00 22.68 ? 1   DC  A "O3'" 1 
ATOM   7   C  "C2'" . DC  A 1 1  ? -16.413 3.287   5.808   1.00 21.55 ? 1   DC  A "C2'" 1 
ATOM   8   C  "C1'" . DC  A 1 1  ? -16.425 3.561   7.274   1.00 20.12 ? 1   DC  A "C1'" 1 
ATOM   9   N  N1    . DC  A 1 1  ? -15.694 2.724   8.269   1.00 17.81 ? 1   DC  A N1    1 
ATOM   10  C  C2    . DC  A 1 1  ? -15.037 3.376   9.321   1.00 17.75 ? 1   DC  A C2    1 
ATOM   11  O  O2    . DC  A 1 1  ? -15.068 4.618   9.382   1.00 20.10 ? 1   DC  A O2    1 
ATOM   12  N  N3    . DC  A 1 1  ? -14.369 2.647   10.244  1.00 17.69 ? 1   DC  A N3    1 
ATOM   13  C  C4    . DC  A 1 1  ? -14.322 1.325   10.174  1.00 17.84 ? 1   DC  A C4    1 
ATOM   14  N  N4    . DC  A 1 1  ? -13.659 0.651   11.122  1.00 19.46 ? 1   DC  A N4    1 
ATOM   15  C  C5    . DC  A 1 1  ? -14.999 0.622   9.126   1.00 19.07 ? 1   DC  A C5    1 
ATOM   16  C  C6    . DC  A 1 1  ? -15.665 1.355   8.227   1.00 18.79 ? 1   DC  A C6    1 
ATOM   17  P  P     . DG  A 1 2  ? -17.041 5.724   3.559   1.00 25.94 ? 2   DG  A P     1 
ATOM   18  O  OP1   . DG  A 1 2  ? -17.747 6.935   3.165   1.00 34.16 ? 2   DG  A OP1   1 
ATOM   19  O  OP2   . DG  A 1 2  ? -16.676 4.575   2.742   1.00 29.37 ? 2   DG  A OP2   1 
ATOM   20  O  "O5'" . DG  A 1 2  ? -15.635 6.169   4.217   1.00 27.32 ? 2   DG  A "O5'" 1 
ATOM   21  C  "C5'" . DG  A 1 2  ? -15.744 7.298   5.130   1.00 27.23 ? 2   DG  A "C5'" 1 
ATOM   22  C  "C4'" . DG  A 1 2  ? -14.326 7.652   5.476   1.00 21.55 ? 2   DG  A "C4'" 1 
ATOM   23  O  "O4'" . DG  A 1 2  ? -13.891 6.636   6.431   1.00 25.10 ? 2   DG  A "O4'" 1 
ATOM   24  C  "C3'" . DG  A 1 2  ? -13.373 7.644   4.323   1.00 22.06 ? 2   DG  A "C3'" 1 
ATOM   25  O  "O3'" . DG  A 1 2  ? -12.635 8.861   4.447   1.00 25.81 ? 2   DG  A "O3'" 1 
ATOM   26  C  "C2'" . DG  A 1 2  ? -12.556 6.436   4.512   1.00 20.98 ? 2   DG  A "C2'" 1 
ATOM   27  C  "C1'" . DG  A 1 2  ? -12.533 6.272   5.995   1.00 20.43 ? 2   DG  A "C1'" 1 
ATOM   28  N  N9    . DG  A 1 2  ? -12.329 4.943   6.549   1.00 17.49 ? 2   DG  A N9    1 
ATOM   29  C  C8    . DG  A 1 2  ? -12.783 3.757   6.009   1.00 16.30 ? 2   DG  A C8    1 
ATOM   30  N  N7    . DG  A 1 2  ? -12.445 2.723   6.731   1.00 15.66 ? 2   DG  A N7    1 
ATOM   31  C  C5    . DG  A 1 2  ? -11.742 3.266   7.809   1.00 14.31 ? 2   DG  A C5    1 
ATOM   32  C  C6    . DG  A 1 2  ? -11.126 2.640   8.920   1.00 13.45 ? 2   DG  A C6    1 
ATOM   33  O  O6    . DG  A 1 2  ? -11.076 1.437   9.204   1.00 14.93 ? 2   DG  A O6    1 
ATOM   34  N  N1    . DG  A 1 2  ? -10.518 3.557   9.771   1.00 13.30 ? 2   DG  A N1    1 
ATOM   35  C  C2    . DG  A 1 2  ? -10.496 4.917   9.568   1.00 13.58 ? 2   DG  A C2    1 
ATOM   36  N  N2    . DG  A 1 2  ? -9.862  5.656   10.502  1.00 14.71 ? 2   DG  A N2    1 
ATOM   37  N  N3    . DG  A 1 2  ? -11.074 5.519   8.545   1.00 15.14 ? 2   DG  A N3    1 
ATOM   38  C  C4    . DG  A 1 2  ? -11.665 4.632   7.706   1.00 13.91 ? 2   DG  A C4    1 
ATOM   39  P  P     . DC  A 1 3  ? -11.767 9.514   3.342   1.00 22.77 ? 3   DC  A P     1 
ATOM   40  O  OP1   . DC  A 1 3  ? -12.362 10.850  3.057   1.00 31.38 ? 3   DC  A OP1   1 
ATOM   41  O  OP2   . DC  A 1 3  ? -11.577 8.590   2.176   1.00 32.17 ? 3   DC  A OP2   1 
ATOM   42  O  "O5'" . DC  A 1 3  ? -10.397 9.668   4.080   1.00 23.96 ? 3   DC  A "O5'" 1 
ATOM   43  C  "C5'" . DC  A 1 3  ? -10.350 10.348  5.350   1.00 19.69 ? 3   DC  A "C5'" 1 
ATOM   44  C  "C4'" . DC  A 1 3  ? -9.175  9.774   6.131   1.00 17.92 ? 3   DC  A "C4'" 1 
ATOM   45  O  "O4'" . DC  A 1 3  ? -9.526  8.434   6.447   1.00 18.19 ? 3   DC  A "O4'" 1 
ATOM   46  C  "C3'" . DC  A 1 3  ? -7.875  9.692   5.388   1.00 19.82 ? 3   DC  A "C3'" 1 
ATOM   47  O  "O3'" . DC  A 1 3  ? -7.086  10.824  5.689   1.00 24.93 ? 3   DC  A "O3'" 1 
ATOM   48  C  "C2'" . DC  A 1 3  ? -7.205  8.495   5.925   1.00 25.80 ? 3   DC  A "C2'" 1 
ATOM   49  C  "C1'" . DC  A 1 3  ? -8.192  7.718   6.659   1.00 19.99 ? 3   DC  A "C1'" 1 
ATOM   50  N  N1    . DC  A 1 3  ? -8.506  6.343   6.266   1.00 17.07 ? 3   DC  A N1    1 
ATOM   51  C  C2    . DC  A 1 3  ? -8.048  5.307   7.089   1.00 15.59 ? 3   DC  A C2    1 
ATOM   52  O  O2    . DC  A 1 3  ? -7.448  5.605   8.130   1.00 16.71 ? 3   DC  A O2    1 
ATOM   53  N  N3    . DC  A 1 3  ? -8.340  4.026   6.768   1.00 16.08 ? 3   DC  A N3    1 
ATOM   54  C  C4    . DC  A 1 3  ? -8.991  3.759   5.630   1.00 15.98 ? 3   DC  A C4    1 
ATOM   55  N  N4    . DC  A 1 3  ? -9.229  2.486   5.338   1.00 17.68 ? 3   DC  A N4    1 
ATOM   56  C  C5    . DC  A 1 3  ? -9.409  4.793   4.741   1.00 19.09 ? 3   DC  A C5    1 
ATOM   57  C  C6    . DC  A 1 3  ? -9.141  6.053   5.098   1.00 17.82 ? 3   DC  A C6    1 
ATOM   58  P  P     . DG  A 1 4  ? -5.749  11.139  4.907   1.00 34.43 ? 4   DG  A P     1 
ATOM   59  O  OP1   . DG  A 1 4  ? -5.448  12.579  5.035   1.00 50.60 ? 4   DG  A OP1   1 
ATOM   60  O  OP2   . DG  A 1 4  ? -5.823  10.536  3.534   1.00 48.14 ? 4   DG  A OP2   1 
ATOM   61  O  "O5'" . DG  A 1 4  ? -4.656  10.331  5.705   1.00 24.33 ? 4   DG  A "O5'" 1 
ATOM   62  C  "C5'" . DG  A 1 4  ? -4.401  10.676  7.102   1.00 24.50 ? 4   DG  A "C5'" 1 
ATOM   63  C  "C4'" . DG  A 1 4  ? -3.311  9.726   7.559   1.00 23.58 ? 4   DG  A "C4'" 1 
ATOM   64  O  "O4'" . DG  A 1 4  ? -3.870  8.393   7.551   1.00 24.23 ? 4   DG  A "O4'" 1 
ATOM   65  C  "C3'" . DG  A 1 4  ? -2.088  9.703   6.688   1.00 25.75 ? 4   DG  A "C3'" 1 
ATOM   66  O  "O3'" . DG  A 1 4  ? -1.001  9.605   7.600   1.00 33.98 ? 4   DG  A "O3'" 1 
ATOM   67  C  "C2'" . DG  A 1 4  ? -2.256  8.512   5.818   1.00 27.96 ? 4   DG  A "C2'" 1 
ATOM   68  C  "C1'" . DG  A 1 4  ? -3.043  7.560   6.704   1.00 24.94 ? 4   DG  A "C1'" 1 
ATOM   69  N  N9    . DG  A 1 4  ? -3.871  6.624   5.959   1.00 22.93 ? 4   DG  A N9    1 
ATOM   70  C  C8    . DG  A 1 4  ? -4.558  6.847   4.793   1.00 25.47 ? 4   DG  A C8    1 
ATOM   71  N  N7    . DG  A 1 4  ? -5.217  5.803   4.368   1.00 23.29 ? 4   DG  A N7    1 
ATOM   72  C  C5    . DG  A 1 4  ? -4.949  4.818   5.315   1.00 20.83 ? 4   DG  A C5    1 
ATOM   73  C  C6    . DG  A 1 4  ? -5.365  3.468   5.403   1.00 19.35 ? 4   DG  A C6    1 
ATOM   74  O  O6    . DG  A 1 4  ? -6.098  2.806   4.654   1.00 20.87 ? 4   DG  A O6    1 
ATOM   75  N  N1    . DG  A 1 4  ? -4.841  2.827   6.530   1.00 17.67 ? 4   DG  A N1    1 
ATOM   76  C  C2    . DG  A 1 4  ? -4.029  3.414   7.462   1.00 18.52 ? 4   DG  A C2    1 
ATOM   77  N  N2    . DG  A 1 4  ? -3.636  2.627   8.479   1.00 18.39 ? 4   DG  A N2    1 
ATOM   78  N  N3    . DG  A 1 4  ? -3.644  4.671   7.388   1.00 19.64 ? 4   DG  A N3    1 
ATOM   79  C  C4    . DG  A 1 4  ? -4.123  5.313   6.310   1.00 20.40 ? 4   DG  A C4    1 
ATOM   80  P  P     . DA  A 1 5  ? 0.539   9.562   7.226   1.00 32.30 ? 5   DA  A P     1 
ATOM   81  O  OP1   . DA  A 1 5  ? 1.213   10.505  8.192   1.00 45.70 ? 5   DA  A OP1   1 
ATOM   82  O  OP2   . DA  A 1 5  ? 0.811   9.684   5.772   1.00 43.30 ? 5   DA  A OP2   1 
ATOM   83  O  "O5'" . DA  A 1 5  ? 0.941   8.104   7.616   1.00 23.20 ? 5   DA  A "O5'" 1 
ATOM   84  C  "C5'" . DA  A 1 5  ? 0.720   7.624   8.950   1.00 21.86 ? 5   DA  A "C5'" 1 
ATOM   85  C  "C4'" . DA  A 1 5  ? 1.056   6.145   9.006   1.00 20.70 ? 5   DA  A "C4'" 1 
ATOM   86  O  "O4'" . DA  A 1 5  ? 0.065   5.446   8.224   1.00 23.13 ? 5   DA  A "O4'" 1 
ATOM   87  C  "C3'" . DA  A 1 5  ? 2.393   5.751   8.437   1.00 21.49 ? 5   DA  A "C3'" 1 
ATOM   88  O  "O3'" . DA  A 1 5  ? 2.988   4.872   9.371   1.00 19.65 ? 5   DA  A "O3'" 1 
ATOM   89  C  "C2'" . DA  A 1 5  ? 2.110   5.061   7.135   1.00 21.03 ? 5   DA  A "C2'" 1 
ATOM   90  C  "C1'" . DA  A 1 5  ? 0.786   4.472   7.309   1.00 19.81 ? 5   DA  A "C1'" 1 
ATOM   91  N  N9    . DA  A 1 5  ? -0.105  4.344   6.173   1.00 19.34 ? 5   DA  A N9    1 
ATOM   92  C  C8    . DA  A 1 5  ? -0.438  5.304   5.249   1.00 18.34 ? 5   DA  A C8    1 
ATOM   93  N  N7    . DA  A 1 5  ? -1.279  4.893   4.335   1.00 18.97 ? 5   DA  A N7    1 
ATOM   94  C  C5    . DA  A 1 5  ? -1.537  3.581   4.688   1.00 18.88 ? 5   DA  A C5    1 
ATOM   95  C  C6    . DA  A 1 5  ? -2.355  2.592   4.118   1.00 18.28 ? 5   DA  A C6    1 
ATOM   96  N  N6    . DA  A 1 5  ? -3.101  2.776   3.027   1.00 18.98 ? 5   DA  A N6    1 
ATOM   97  N  N1    . DA  A 1 5  ? -2.366  1.385   4.717   1.00 19.02 ? 5   DA  A N1    1 
ATOM   98  C  C2    . DA  A 1 5  ? -1.625  1.182   5.813   1.00 19.94 ? 5   DA  A C2    1 
ATOM   99  N  N3    . DA  A 1 5  ? -0.811  2.035   6.432   1.00 18.37 ? 5   DA  A N3    1 
ATOM   100 C  C4    . DA  A 1 5  ? -0.822  3.225   5.820   1.00 18.20 ? 5   DA  A C4    1 
ATOM   101 P  P     . DA  A 1 6  ? 4.397   4.174   9.202   1.00 19.47 ? 6   DA  A P     1 
ATOM   102 O  OP1   . DA  A 1 6  ? 4.902   3.877   10.601  1.00 20.69 ? 6   DA  A OP1   1 
ATOM   103 O  OP2   . DA  A 1 6  ? 5.266   4.963   8.270   1.00 20.34 ? 6   DA  A OP2   1 
ATOM   104 O  "O5'" . DA  A 1 6  ? 4.105   2.820   8.454   1.00 18.19 ? 6   DA  A "O5'" 1 
ATOM   105 C  "C5'" . DA  A 1 6  ? 3.415   1.771   9.158   1.00 18.52 ? 6   DA  A "C5'" 1 
ATOM   106 C  "C4'" . DA  A 1 6  ? 3.404   0.555   8.238   1.00 16.71 ? 6   DA  A "C4'" 1 
ATOM   107 O  "O4'" . DA  A 1 6  ? 2.446   0.826   7.196   1.00 18.32 ? 6   DA  A "O4'" 1 
ATOM   108 C  "C3'" . DA  A 1 6  ? 4.715   0.250   7.574   1.00 16.48 ? 6   DA  A "C3'" 1 
ATOM   109 O  "O3'" . DA  A 1 6  ? 4.945   -1.142  7.683   1.00 17.80 ? 6   DA  A "O3'" 1 
ATOM   110 C  "C2'" . DA  A 1 6  ? 4.499   0.723   6.168   1.00 15.82 ? 6   DA  A "C2'" 1 
ATOM   111 C  "C1'" . DA  A 1 6  ? 3.057   0.425   5.925   1.00 15.83 ? 6   DA  A "C1'" 1 
ATOM   112 N  N9    . DA  A 1 6  ? 2.386   1.149   4.857   1.00 14.65 ? 6   DA  A N9    1 
ATOM   113 C  C8    . DA  A 1 6  ? 2.539   2.467   4.522   1.00 15.67 ? 6   DA  A C8    1 
ATOM   114 N  N7    . DA  A 1 6  ? 1.795   2.838   3.506   1.00 15.90 ? 6   DA  A N7    1 
ATOM   115 C  C5    . DA  A 1 6  ? 1.061   1.702   3.176   1.00 15.25 ? 6   DA  A C5    1 
ATOM   116 C  C6    . DA  A 1 6  ? 0.121   1.419   2.169   1.00 15.48 ? 6   DA  A C6    1 
ATOM   117 N  N6    . DA  A 1 6  ? -0.344  2.327   1.295   1.00 17.19 ? 6   DA  A N6    1 
ATOM   118 N  N1    . DA  A 1 6  ? -0.382  0.164   2.101   1.00 16.04 ? 6   DA  A N1    1 
ATOM   119 C  C2    . DA  A 1 6  ? 0.037   -0.755  2.976   1.00 15.54 ? 6   DA  A C2    1 
ATOM   120 N  N3    . DA  A 1 6  ? 0.944   -0.608  3.952   1.00 15.97 ? 6   DA  A N3    1 
ATOM   121 C  C4    . DA  A 1 6  ? 1.427   0.645   3.995   1.00 15.53 ? 6   DA  A C4    1 
HETATM 122 P  P     . TFT A 1 7  ? 6.279   -1.830  7.101   1.00 18.87 ? 7   TFT A P     1 
HETATM 123 O  OP1   . TFT A 1 7  ? 6.512   -3.016  7.992   1.00 21.63 ? 7   TFT A OP1   1 
HETATM 124 O  OP2   . TFT A 1 7  ? 7.363   -0.825  6.892   1.00 18.95 ? 7   TFT A OP2   1 
HETATM 125 O  O3T   . TFT A 1 7  ? 5.883   -2.374  5.651   1.00 17.61 ? 7   TFT A O3T   1 
HETATM 126 N  N1    . TFT A 1 7  ? 3.781   -1.986  2.614   1.00 15.91 ? 7   TFT A N1    1 
HETATM 127 C  C6    . TFT A 1 7  ? 4.572   -0.896  2.915   1.00 15.74 ? 7   TFT A C6    1 
HETATM 128 C  C2    . TFT A 1 7  ? 2.885   -1.923  1.582   1.00 15.42 ? 7   TFT A C2    1 
HETATM 129 O  O2    . TFT A 1 7  ? 2.149   -2.851  1.280   1.00 17.07 ? 7   TFT A O2    1 
HETATM 130 N  N3    . TFT A 1 7  ? 2.866   -0.714  0.934   1.00 15.53 ? 7   TFT A N3    1 
HETATM 131 C  C4    . TFT A 1 7  ? 3.620   0.402   1.203   1.00 15.07 ? 7   TFT A C4    1 
HETATM 132 O  O4    . TFT A 1 7  ? 3.483   1.388   0.502   1.00 16.98 ? 7   TFT A O4    1 
HETATM 133 C  C5    . TFT A 1 7  ? 4.577   0.289   2.284   1.00 15.59 ? 7   TFT A C5    1 
HETATM 134 C  C5M   . TFT A 1 7  ? 5.440   1.468   2.615   1.00 17.40 ? 7   TFT A C5M   1 
HETATM 135 C  C2T   . TFT A 1 7  ? 5.224   -3.749  3.853   1.00 18.30 ? 7   TFT A C2T   1 
HETATM 136 C  C4T   . TFT A 1 7  ? 3.766   -3.547  5.728   1.00 17.70 ? 7   TFT A C4T   1 
HETATM 137 O  O4T   . TFT A 1 7  ? 3.223   -2.764  4.646   1.00 16.73 ? 7   TFT A O4T   1 
HETATM 138 C  C1T   . TFT A 1 7  ? 3.869   -3.203  3.432   1.00 16.79 ? 7   TFT A C1T   1 
HETATM 139 C  C3T   . TFT A 1 7  ? 5.220   -3.608  5.390   1.00 19.57 ? 7   TFT A C3T   1 
HETATM 140 O  O2T   . TFT A 1 7  ? 5.057   -5.137  3.576   1.00 23.45 ? 7   TFT A O2T   1 
ATOM   141 P  P     . DT  A 1 8  ? 6.320   -6.017  3.100   1.00 20.69 ? 8   DT  A P     1 
ATOM   142 O  OP1   . DT  A 1 8  ? 6.537   -6.984  4.187   1.00 26.72 ? 8   DT  A OP1   1 
ATOM   143 O  OP2   . DT  A 1 8  ? 7.489   -5.211  2.576   1.00 23.49 ? 8   DT  A OP2   1 
ATOM   144 O  "O5'" . DT  A 1 8  ? 5.642   -6.803  1.904   1.00 22.53 ? 8   DT  A "O5'" 1 
ATOM   145 C  "C5'" . DT  A 1 8  ? 4.322   -7.392  2.103   1.00 25.39 ? 8   DT  A "C5'" 1 
ATOM   146 C  "C4'" . DT  A 1 8  ? 3.582   -7.446  0.781   1.00 22.05 ? 8   DT  A "C4'" 1 
ATOM   147 O  "O4'" . DT  A 1 8  ? 3.331   -6.077  0.398   1.00 20.38 ? 8   DT  A "O4'" 1 
ATOM   148 C  "C3'" . DT  A 1 8  ? 4.335   -8.094  -0.344  1.00 20.48 ? 8   DT  A "C3'" 1 
ATOM   149 O  "O3'" . DT  A 1 8  ? 3.428   -8.959  -1.043  1.00 21.99 ? 8   DT  A "O3'" 1 
ATOM   150 C  "C2'" . DT  A 1 8  ? 4.850   -6.948  -1.164  1.00 18.64 ? 8   DT  A "C2'" 1 
ATOM   151 C  "C1'" . DT  A 1 8  ? 3.847   -5.894  -0.996  1.00 18.13 ? 8   DT  A "C1'" 1 
ATOM   152 N  N1    . DT  A 1 8  ? 4.277   -4.485  -1.054  1.00 16.18 ? 8   DT  A N1    1 
ATOM   153 C  C2    . DT  A 1 8  ? 3.693   -3.651  -1.972  1.00 14.37 ? 8   DT  A C2    1 
ATOM   154 O  O2    . DT  A 1 8  ? 2.797   -3.993  -2.726  1.00 16.50 ? 8   DT  A O2    1 
ATOM   155 N  N3    . DT  A 1 8  ? 4.196   -2.372  -1.980  1.00 14.15 ? 8   DT  A N3    1 
ATOM   156 C  C4    . DT  A 1 8  ? 5.205   -1.860  -1.189  1.00 14.14 ? 8   DT  A C4    1 
ATOM   157 O  O4    . DT  A 1 8  ? 5.543   -0.691  -1.296  1.00 15.03 ? 8   DT  A O4    1 
ATOM   158 C  C5    . DT  A 1 8  ? 5.796   -2.808  -0.271  1.00 14.68 ? 8   DT  A C5    1 
ATOM   159 C  C7    . DT  A 1 8  ? 6.925   -2.383  0.615   1.00 17.08 ? 8   DT  A C7    1 
ATOM   160 C  C6    . DT  A 1 8  ? 5.306   -4.051  -0.246  1.00 15.58 ? 8   DT  A C6    1 
ATOM   161 P  P     . DC  A 1 9  ? 3.745   -9.755  -2.401  1.00 22.84 ? 9   DC  A P     1 
ATOM   162 O  OP1   . DC  A 1 9  ? 2.814   -10.910 -2.394  1.00 28.93 ? 9   DC  A OP1   1 
ATOM   163 O  OP2   . DC  A 1 9  ? 5.218   -9.897  -2.572  1.00 28.67 ? 9   DC  A OP2   1 
ATOM   164 O  "O5'" . DC  A 1 9  ? 3.280   -8.745  -3.517  1.00 20.56 ? 9   DC  A "O5'" 1 
ATOM   165 C  "C5'" . DC  A 1 9  ? 1.908   -8.375  -3.603  1.00 20.02 ? 9   DC  A "C5'" 1 
ATOM   166 C  "C4'" . DC  A 1 9  ? 1.676   -7.639  -4.922  1.00 17.55 ? 9   DC  A "C4'" 1 
ATOM   167 O  "O4'" . DC  A 1 9  ? 2.365   -6.363  -4.844  1.00 18.48 ? 9   DC  A "O4'" 1 
ATOM   168 C  "C3'" . DC  A 1 9  ? 2.178   -8.341  -6.143  1.00 18.33 ? 9   DC  A "C3'" 1 
ATOM   169 O  "O3'" . DC  A 1 9  ? 1.098   -8.304  -7.097  1.00 20.99 ? 9   DC  A "O3'" 1 
ATOM   170 C  "C2'" . DC  A 1 9  ? 3.384   -7.587  -6.585  1.00 19.21 ? 9   DC  A "C2'" 1 
ATOM   171 C  "C1'" . DC  A 1 9  ? 3.189   -6.231  -6.173  1.00 18.51 ? 9   DC  A "C1'" 1 
ATOM   172 N  N1    . DC  A 1 9  ? 4.226   -5.321  -5.656  1.00 16.16 ? 9   DC  A N1    1 
ATOM   173 C  C2    . DC  A 1 9  ? 4.341   -4.020  -6.146  1.00 14.60 ? 9   DC  A C2    1 
ATOM   174 O  O2    . DC  A 1 9  ? 3.586   -3.625  -7.042  1.00 15.48 ? 9   DC  A O2    1 
ATOM   175 N  N3    . DC  A 1 9  ? 5.294   -3.206  -5.617  1.00 14.90 ? 9   DC  A N3    1 
ATOM   176 C  C4    . DC  A 1 9  ? 6.086   -3.642  -4.636  1.00 15.05 ? 9   DC  A C4    1 
ATOM   177 N  N4    . DC  A 1 9  ? 6.993   -2.796  -4.139  1.00 14.96 ? 9   DC  A N4    1 
ATOM   178 C  C5    . DC  A 1 9  ? 6.007   -4.963  -4.129  1.00 15.65 ? 9   DC  A C5    1 
ATOM   179 C  C6    . DC  A 1 9  ? 5.044   -5.748  -4.653  1.00 16.32 ? 9   DC  A C6    1 
ATOM   180 P  P     . DG  A 1 10 ? 1.014   -9.222  -8.392  1.00 21.80 ? 10  DG  A P     1 
ATOM   181 O  OP1   . DG  A 1 10 ? -0.413  -9.300  -8.748  1.00 28.13 ? 10  DG  A OP1   1 
ATOM   182 O  OP2   . DG  A 1 10 ? 1.847   -10.433 -8.114  1.00 28.81 ? 10  DG  A OP2   1 
ATOM   183 O  "O5'" . DG  A 1 10 ? 1.824   -8.418  -9.452  1.00 22.30 ? 10  DG  A "O5'" 1 
ATOM   184 C  "C5'" . DG  A 1 10 ? 1.362   -7.162  -9.978  1.00 23.05 ? 10  DG  A "C5'" 1 
ATOM   185 C  "C4'" . DG  A 1 10 ? 2.468   -6.513  -10.781 1.00 22.97 ? 10  DG  A "C4'" 1 
ATOM   186 O  "O4'" . DG  A 1 10 ? 3.395   -5.976  -9.761  1.00 20.02 ? 10  DG  A "O4'" 1 
ATOM   187 C  "C3'" . DG  A 1 10 ? 3.293   -7.357  -11.681 1.00 23.39 ? 10  DG  A "C3'" 1 
ATOM   188 O  "O3'" . DG  A 1 10 ? 3.569   -6.655  -12.876 1.00 24.55 ? 10  DG  A "O3'" 1 
ATOM   189 C  "C2'" . DG  A 1 10 ? 4.582   -7.595  -10.922 1.00 22.28 ? 10  DG  A "C2'" 1 
ATOM   190 C  "C1'" . DG  A 1 10 ? 4.724   -6.206  -10.325 1.00 20.13 ? 10  DG  A "C1'" 1 
ATOM   191 N  N9    . DG  A 1 10 ? 5.716   -6.020  -9.287  1.00 17.91 ? 10  DG  A N9    1 
ATOM   192 C  C8    . DG  A 1 10 ? 6.286   -6.921  -8.421  1.00 19.27 ? 10  DG  A C8    1 
ATOM   193 N  N7    . DG  A 1 10 ? 7.162   -6.373  -7.631  1.00 18.14 ? 10  DG  A N7    1 
ATOM   194 C  C5    . DG  A 1 10 ? 7.185   -5.031  -8.008  1.00 15.83 ? 10  DG  A C5    1 
ATOM   195 C  C6    . DG  A 1 10 ? 7.934   -3.931  -7.518  1.00 15.47 ? 10  DG  A C6    1 
ATOM   196 O  O6    . DG  A 1 10 ? 8.781   -3.887  -6.610  1.00 17.84 ? 10  DG  A O6    1 
ATOM   197 N  N1    . DG  A 1 10 ? 7.633   -2.747  -8.194  1.00 15.32 ? 10  DG  A N1    1 
ATOM   198 C  C2    . DG  A 1 10 ? 6.721   -2.639  -9.214  1.00 15.38 ? 10  DG  A C2    1 
ATOM   199 N  N2    . DG  A 1 10 ? 6.561   -1.432  -9.749  1.00 15.69 ? 10  DG  A N2    1 
ATOM   200 N  N3    . DG  A 1 10 ? 6.009   -3.658  -9.670  1.00 15.82 ? 10  DG  A N3    1 
ATOM   201 C  C4    . DG  A 1 10 ? 6.293   -4.804  -9.030  1.00 15.65 ? 10  DG  A C4    1 
ATOM   202 P  P     . DC  A 1 11 ? 2.749   -6.854  -14.239 1.00 26.26 ? 11  DC  A P     1 
ATOM   203 O  OP1   . DC  A 1 11 ? 1.377   -7.283  -13.882 1.00 31.85 ? 11  DC  A OP1   1 
ATOM   204 O  OP2   . DC  A 1 11 ? 3.580   -7.745  -15.156 1.00 32.56 ? 11  DC  A OP2   1 
ATOM   205 O  "O5'" . DC  A 1 11 ? 2.778   -5.402  -14.806 1.00 24.27 ? 11  DC  A "O5'" 1 
ATOM   206 C  "C5'" . DC  A 1 11 ? 2.036   -4.291  -14.246 1.00 24.83 ? 11  DC  A "C5'" 1 
ATOM   207 C  "C4'" . DC  A 1 11 ? 2.790   -2.989  -14.410 1.00 21.73 ? 11  DC  A "C4'" 1 
ATOM   208 O  "O4'" . DC  A 1 11 ? 3.961   -3.091  -13.535 1.00 21.11 ? 11  DC  A "O4'" 1 
ATOM   209 C  "C3'" . DC  A 1 11 ? 3.313   -2.666  -15.768 1.00 21.47 ? 11  DC  A "C3'" 1 
ATOM   210 O  "O3'" . DC  A 1 11 ? 3.125   -1.270  -15.970 1.00 24.05 ? 11  DC  A "O3'" 1 
ATOM   211 C  "C2'" . DC  A 1 11 ? 4.768   -3.077  -15.720 1.00 20.78 ? 11  DC  A "C2'" 1 
ATOM   212 C  "C1'" . DC  A 1 11 ? 5.201   -2.723  -14.383 1.00 19.83 ? 11  DC  A "C1'" 1 
ATOM   213 N  N1    . DC  A 1 11 ? 6.220   -3.433  -13.612 1.00 17.71 ? 11  DC  A N1    1 
ATOM   214 C  C2    . DC  A 1 11 ? 7.174   -2.701  -12.897 1.00 16.54 ? 11  DC  A C2    1 
ATOM   215 O  O2    . DC  A 1 11 ? 7.156   -1.463  -12.971 1.00 16.30 ? 11  DC  A O2    1 
ATOM   216 N  N3    . DC  A 1 11 ? 8.097   -3.364  -12.166 1.00 15.96 ? 11  DC  A N3    1 
ATOM   217 C  C4    . DC  A 1 11 ? 8.060   -4.696  -12.079 1.00 17.52 ? 11  DC  A C4    1 
ATOM   218 N  N4    . DC  A 1 11 ? 8.980   -5.322  -11.349 1.00 17.75 ? 11  DC  A N4    1 
ATOM   219 C  C5    . DC  A 1 11 ? 7.095   -5.465  -12.793 1.00 19.87 ? 11  DC  A C5    1 
ATOM   220 C  C6    . DC  A 1 11 ? 6.205   -4.803  -13.534 1.00 20.32 ? 11  DC  A C6    1 
ATOM   221 P  P     . DG  A 1 12 ? 3.188   -0.563  -17.363 1.00 28.45 ? 12  DG  A P     1 
ATOM   222 O  OP1   . DG  A 1 12 ? 2.375   0.708   -17.432 1.00 36.29 ? 12  DG  A OP1   1 
ATOM   223 O  OP2   . DG  A 1 12 ? 2.831   -1.643  -18.382 1.00 37.91 ? 12  DG  A OP2   1 
ATOM   224 O  "O5'" . DG  A 1 12 ? 4.675   -0.202  -17.622 1.00 26.67 ? 12  DG  A "O5'" 1 
ATOM   225 C  "C5'" . DG  A 1 12 ? 5.154   0.873   -16.842 1.00 26.26 ? 12  DG  A "C5'" 1 
ATOM   226 C  "C4'" . DG  A 1 12 ? 6.615   1.162   -17.257 1.00 20.02 ? 12  DG  A "C4'" 1 
ATOM   227 O  "O4'" . DG  A 1 12 ? 7.414   0.320   -16.495 1.00 27.51 ? 12  DG  A "O4'" 1 
ATOM   228 C  "C3'" . DG  A 1 12 ? 6.987   0.876   -18.707 1.00 17.67 ? 12  DG  A "C3'" 1 
ATOM   229 O  "O3'" . DG  A 1 12 ? 7.290   2.099   -19.368 1.00 19.96 ? 12  DG  A "O3'" 1 
ATOM   230 C  "C2'" . DG  A 1 12 ? 8.176   -0.032  -18.655 1.00 17.28 ? 12  DG  A "C2'" 1 
ATOM   231 C  "C1'" . DG  A 1 12 ? 8.633   -0.097  -17.285 1.00 18.84 ? 12  DG  A "C1'" 1 
ATOM   232 N  N9    . DG  A 1 12 ? 8.923   -1.363  -16.647 1.00 16.90 ? 12  DG  A N9    1 
ATOM   233 C  C8    . DG  A 1 12 ? 8.288   -2.558  -16.847 1.00 18.61 ? 12  DG  A C8    1 
ATOM   234 N  N7    . DG  A 1 12 ? 8.784   -3.519  -16.105 1.00 18.69 ? 12  DG  A N7    1 
ATOM   235 C  C5    . DG  A 1 12 ? 9.787   -2.922  -15.363 1.00 16.52 ? 12  DG  A C5    1 
ATOM   236 C  C6    . DG  A 1 12 ? 10.658  -3.460  -14.383 1.00 17.32 ? 12  DG  A C6    1 
ATOM   237 O  O6    . DG  A 1 12 ? 10.735  -4.627  -13.958 1.00 20.17 ? 12  DG  A O6    1 
ATOM   238 N  N1    . DG  A 1 12 ? 11.521  -2.492  -13.882 1.00 16.04 ? 12  DG  A N1    1 
ATOM   239 C  C2    . DG  A 1 12 ? 11.536  -1.177  -14.282 1.00 15.54 ? 12  DG  A C2    1 
ATOM   240 N  N2    . DG  A 1 12 ? 12.449  -0.398  -13.681 1.00 17.36 ? 12  DG  A N2    1 
ATOM   241 N  N3    . DG  A 1 12 ? 10.719  -0.658  -15.182 1.00 15.22 ? 12  DG  A N3    1 
ATOM   242 C  C4    . DG  A 1 12 ? 9.876   -1.586  -15.679 1.00 15.86 ? 12  DG  A C4    1 
ATOM   243 O  "O5'" . DC  B 1 1  ? 18.273  -4.648  -8.646  1.00 51.71 ? 113 DC  B "O5'" 1 
ATOM   244 C  "C5'" . DC  B 1 1  ? 19.253  -3.926  -9.430  1.00 35.46 ? 113 DC  B "C5'" 1 
ATOM   245 C  "C4'" . DC  B 1 1  ? 18.665  -2.557  -9.744  1.00 29.67 ? 113 DC  B "C4'" 1 
ATOM   246 O  "O4'" . DC  B 1 1  ? 17.556  -2.704  -10.644 1.00 23.60 ? 113 DC  B "O4'" 1 
ATOM   247 C  "C3'" . DC  B 1 1  ? 18.166  -1.858  -8.515  1.00 29.31 ? 113 DC  B "C3'" 1 
ATOM   248 O  "O3'" . DC  B 1 1  ? 18.612  -0.477  -8.627  1.00 32.68 ? 113 DC  B "O3'" 1 
ATOM   249 C  "C2'" . DC  B 1 1  ? 16.701  -2.040  -8.533  1.00 28.20 ? 113 DC  B "C2'" 1 
ATOM   250 C  "C1'" . DC  B 1 1  ? 16.332  -2.145  -9.984  1.00 22.87 ? 113 DC  B "C1'" 1 
ATOM   251 N  N1    . DC  B 1 1  ? 15.236  -3.033  -10.469 1.00 22.23 ? 113 DC  B N1    1 
ATOM   252 C  C2    . DC  B 1 1  ? 14.273  -2.618  -11.394 1.00 18.13 ? 113 DC  B C2    1 
ATOM   253 O  O2    . DC  B 1 1  ? 14.288  -1.460  -11.809 1.00 19.34 ? 113 DC  B O2    1 
ATOM   254 N  N3    . DC  B 1 1  ? 13.292  -3.476  -11.784 1.00 19.38 ? 113 DC  B N3    1 
ATOM   255 C  C4    . DC  B 1 1  ? 13.283  -4.724  -11.286 1.00 20.30 ? 113 DC  B C4    1 
ATOM   256 N  N4    . DC  B 1 1  ? 12.322  -5.575  -11.689 1.00 23.41 ? 113 DC  B N4    1 
ATOM   257 C  C5    . DC  B 1 1  ? 14.262  -5.177  -10.362 1.00 23.03 ? 113 DC  B C5    1 
ATOM   258 C  C6    . DC  B 1 1  ? 15.210  -4.315  -9.988  1.00 26.07 ? 113 DC  B C6    1 
ATOM   259 P  P     . DG  B 1 2  ? 18.521  0.478   -7.334  1.00 31.91 ? 114 DG  B P     1 
ATOM   260 O  OP1   . DG  B 1 2  ? 19.666  1.422   -7.472  1.00 44.01 ? 114 DG  B OP1   1 
ATOM   261 O  OP2   . DG  B 1 2  ? 18.185  -0.376  -6.173  1.00 44.69 ? 114 DG  B OP2   1 
ATOM   262 O  "O5'" . DG  B 1 2  ? 17.124  1.251   -7.568  1.00 31.63 ? 114 DG  B "O5'" 1 
ATOM   263 C  "C5'" . DG  B 1 2  ? 17.017  1.978   -8.790  1.00 27.14 ? 114 DG  B "C5'" 1 
ATOM   264 C  "C4'" . DG  B 1 2  ? 15.592  2.422   -9.013  1.00 22.91 ? 114 DG  B "C4'" 1 
ATOM   265 O  "O4'" . DG  B 1 2  ? 14.870  1.239   -9.407  1.00 22.54 ? 114 DG  B "O4'" 1 
ATOM   266 C  "C3'" . DG  B 1 2  ? 14.909  2.953   -7.806  1.00 23.31 ? 114 DG  B "C3'" 1 
ATOM   267 O  "O3'" . DG  B 1 2  ? 14.671  4.357   -8.061  1.00 24.31 ? 114 DG  B "O3'" 1 
ATOM   268 C  "C2'" . DG  B 1 2  ? 13.649  2.196   -7.647  1.00 21.25 ? 114 DG  B "C2'" 1 
ATOM   269 C  "C1'" . DG  B 1 2  ? 13.489  1.461   -8.913  1.00 20.10 ? 114 DG  B "C1'" 1 
ATOM   270 N  N9    . DG  B 1 2  ? 12.924  0.124   -8.853  1.00 18.46 ? 114 DG  B N9    1 
ATOM   271 C  C8    . DG  B 1 2  ? 13.356  -0.879  -8.012  1.00 18.50 ? 114 DG  B C8    1 
ATOM   272 N  N7    . DG  B 1 2  ? 12.688  -1.986  -8.161  1.00 18.36 ? 114 DG  B N7    1 
ATOM   273 C  C5    . DG  B 1 2  ? 11.763  -1.703  -9.158  1.00 15.58 ? 114 DG  B C5    1 
ATOM   274 C  C6    . DG  B 1 2  ? 10.767  -2.520  -9.742  1.00 14.77 ? 114 DG  B C6    1 
ATOM   275 O  O6    . DG  B 1 2  ? 10.497  -3.701  -9.483  1.00 16.86 ? 114 DG  B O6    1 
ATOM   276 N  N1    . DG  B 1 2  ? 10.048  -1.841  -10.724 1.00 14.44 ? 114 DG  B N1    1 
ATOM   277 C  C2    . DG  B 1 2  ? 10.271  -0.529  -11.083 1.00 14.79 ? 114 DG  B C2    1 
ATOM   278 N  N2    . DG  B 1 2  ? 9.487   -0.035  -12.049 1.00 15.25 ? 114 DG  B N2    1 
ATOM   279 N  N3    . DG  B 1 2  ? 11.207  0.255   -10.559 1.00 15.81 ? 114 DG  B N3    1 
ATOM   280 C  C4    . DG  B 1 2  ? 11.905  -0.400  -9.604  1.00 16.20 ? 114 DG  B C4    1 
ATOM   281 P  P     . DC  B 1 3  ? 13.883  5.260   -7.027  1.00 24.36 ? 115 DC  B P     1 
ATOM   282 O  OP1   . DC  B 1 3  ? 14.340  6.640   -7.311  1.00 28.86 ? 115 DC  B OP1   1 
ATOM   283 O  OP2   . DC  B 1 3  ? 13.875  4.785   -5.600  1.00 26.85 ? 115 DC  B OP2   1 
ATOM   284 O  "O5'" . DC  B 1 3  ? 12.361  5.140   -7.526  1.00 23.57 ? 115 DC  B "O5'" 1 
ATOM   285 C  "C5'" . DC  B 1 3  ? 11.976  5.565   -8.884  1.00 23.17 ? 115 DC  B "C5'" 1 
ATOM   286 C  "C4'" . DC  B 1 3  ? 10.607  4.988   -9.194  1.00 20.10 ? 115 DC  B "C4'" 1 
ATOM   287 O  "O4'" . DC  B 1 3  ? 10.751  3.564   -9.079  1.00 19.52 ? 115 DC  B "O4'" 1 
ATOM   288 C  "C3'" . DC  B 1 3  ? 9.464   5.306   -8.268  1.00 21.33 ? 115 DC  B "C3'" 1 
ATOM   289 O  "O3'" . DC  B 1 3  ? 8.923   6.544   -8.662  1.00 22.96 ? 115 DC  B "O3'" 1 
ATOM   290 C  "C2'" . DC  B 1 3  ? 8.503   4.189   -8.487  1.00 24.07 ? 115 DC  B "C2'" 1 
ATOM   291 C  "C1'" . DC  B 1 3  ? 9.333   3.042   -8.877  1.00 20.85 ? 115 DC  B "C1'" 1 
ATOM   292 N  N1    . DC  B 1 3  ? 9.584   1.908   -7.964  1.00 18.89 ? 115 DC  B N1    1 
ATOM   293 C  C2    . DC  B 1 3  ? 8.825   0.752   -8.200  1.00 15.60 ? 115 DC  B C2    1 
ATOM   294 O  O2    . DC  B 1 3  ? 8.040   0.781   -9.152  1.00 16.77 ? 115 DC  B O2    1 
ATOM   295 N  N3    . DC  B 1 3  ? 9.021   -0.326  -7.429  1.00 15.80 ? 115 DC  B N3    1 
ATOM   296 C  C4    . DC  B 1 3  ? 9.850   -0.268  -6.385  1.00 17.23 ? 115 DC  B C4    1 
ATOM   297 N  N4    . DC  B 1 3  ? 9.978   -1.363  -5.636  1.00 20.08 ? 115 DC  B N4    1 
ATOM   298 C  C5    . DC  B 1 3  ? 10.607  0.900   -6.092  1.00 21.01 ? 115 DC  B C5    1 
ATOM   299 C  C6    . DC  B 1 3  ? 10.424  1.954   -6.890  1.00 20.42 ? 115 DC  B C6    1 
ATOM   300 P  P     . DG  B 1 4  ? 7.782   7.246   -7.832  1.00 25.21 ? 116 DG  B P     1 
ATOM   301 O  OP1   . DG  B 1 4  ? 7.740   8.682   -8.291  1.00 32.07 ? 116 DG  B OP1   1 
ATOM   302 O  OP2   . DG  B 1 4  ? 7.939   6.982   -6.360  1.00 28.34 ? 116 DG  B OP2   1 
ATOM   303 O  "O5'" . DG  B 1 4  ? 6.430   6.653   -8.312  1.00 22.56 ? 116 DG  B "O5'" 1 
ATOM   304 C  "C5'" . DG  B 1 4  ? 6.022   6.738   -9.680  1.00 23.26 ? 116 DG  B "C5'" 1 
ATOM   305 C  "C4'" . DG  B 1 4  ? 4.729   5.929   -9.866  1.00 21.05 ? 116 DG  B "C4'" 1 
ATOM   306 O  "O4'" . DG  B 1 4  ? 5.072   4.578   -9.502  1.00 18.89 ? 116 DG  B "O4'" 1 
ATOM   307 C  "C3'" . DG  B 1 4  ? 3.563   6.317   -9.031  1.00 23.02 ? 116 DG  B "C3'" 1 
ATOM   308 O  "O3'" . DG  B 1 4  ? 2.347   6.062   -9.769  1.00 26.85 ? 116 DG  B "O3'" 1 
ATOM   309 C  "C2'" . DG  B 1 4  ? 3.723   5.452   -7.824  1.00 21.23 ? 116 DG  B "C2'" 1 
ATOM   310 C  "C1'" . DG  B 1 4  ? 4.303   4.154   -8.405  1.00 18.00 ? 116 DG  B "C1'" 1 
ATOM   311 N  N9    . DG  B 1 4  ? 5.086   3.425   -7.404  1.00 17.25 ? 116 DG  B N9    1 
ATOM   312 C  C8    . DG  B 1 4  ? 5.940   3.885   -6.426  1.00 18.58 ? 116 DG  B C8    1 
ATOM   313 N  N7    . DG  B 1 4  ? 6.451   2.926   -5.705  1.00 17.64 ? 116 DG  B N7    1 
ATOM   314 C  C5    . DG  B 1 4  ? 5.900   1.764   -6.236  1.00 15.22 ? 116 DG  B C5    1 
ATOM   315 C  C6    . DG  B 1 4  ? 6.085   0.416   -5.838  1.00 14.44 ? 116 DG  B C6    1 
ATOM   316 O  O6    . DG  B 1 4  ? 6.803   -0.032  -4.930  1.00 15.11 ? 116 DG  B O6    1 
ATOM   317 N  N1    . DG  B 1 4  ? 5.315   -0.445  -6.608  1.00 14.74 ? 116 DG  B N1    1 
ATOM   318 C  C2    . DG  B 1 4  ? 4.515   -0.050  -7.652  1.00 14.55 ? 116 DG  B C2    1 
ATOM   319 N  N2    . DG  B 1 4  ? 3.860   -1.048  -8.288  1.00 16.34 ? 116 DG  B N2    1 
ATOM   320 N  N3    . DG  B 1 4  ? 4.346   1.192   -8.044  1.00 15.20 ? 116 DG  B N3    1 
ATOM   321 C  C4    . DG  B 1 4  ? 5.055   2.052   -7.281  1.00 15.73 ? 116 DG  B C4    1 
ATOM   322 P  P     . DA  B 1 5  ? 0.854   5.816   -9.209  1.00 26.23 ? 117 DA  B P     1 
ATOM   323 O  OP1   . DA  B 1 5  ? -0.116  6.299   -10.230 1.00 29.62 ? 117 DA  B OP1   1 
ATOM   324 O  OP2   . DA  B 1 5  ? 0.725   6.364   -7.814  1.00 31.11 ? 117 DA  B OP2   1 
ATOM   325 O  "O5'" . DA  B 1 5  ? 0.737   4.254   -9.105  1.00 25.89 ? 117 DA  B "O5'" 1 
ATOM   326 C  "C5'" . DA  B 1 5  ? 0.883   3.495   -10.326 1.00 22.76 ? 117 DA  B "C5'" 1 
ATOM   327 C  "C4'" . DA  B 1 5  ? 0.391   2.096   -10.052 1.00 22.41 ? 117 DA  B "C4'" 1 
ATOM   328 O  "O4'" . DA  B 1 5  ? 1.214   1.491   -9.027  1.00 19.69 ? 117 DA  B "O4'" 1 
ATOM   329 C  "C3'" . DA  B 1 5  ? -1.035  2.018   -9.538  1.00 25.43 ? 117 DA  B "C3'" 1 
ATOM   330 O  "O3'" . DA  B 1 5  ? -1.603  0.850   -10.147 1.00 27.76 ? 117 DA  B "O3'" 1 
ATOM   331 C  "C2'" . DA  B 1 5  ? -0.882  1.973   -8.063  1.00 24.42 ? 117 DA  B "C2'" 1 
ATOM   332 C  "C1'" . DA  B 1 5  ? 0.315   1.181   -7.813  1.00 20.53 ? 117 DA  B "C1'" 1 
ATOM   333 N  N9    . DA  B 1 5  ? 1.220   1.466   -6.729  1.00 17.92 ? 117 DA  B N9    1 
ATOM   334 C  C8    . DA  B 1 5  ? 1.661   2.705   -6.345  1.00 18.90 ? 117 DA  B C8    1 
ATOM   335 N  N7    . DA  B 1 5  ? 2.478   2.666   -5.320  1.00 17.94 ? 117 DA  B N7    1 
ATOM   336 C  C5    . DA  B 1 5  ? 2.572   1.316   -5.001  1.00 16.15 ? 117 DA  B C5    1 
ATOM   337 C  C6    . DA  B 1 5  ? 3.277   0.624   -4.008  1.00 14.45 ? 117 DA  B C6    1 
ATOM   338 N  N6    . DA  B 1 5  ? 4.084   1.212   -3.114  1.00 15.01 ? 117 DA  B N6    1 
ATOM   339 N  N1    . DA  B 1 5  ? 3.135   -0.720  -3.958  1.00 14.44 ? 117 DA  B N1    1 
ATOM   340 C  C2    . DA  B 1 5  ? 2.351   -1.317  -4.860  1.00 14.70 ? 117 DA  B C2    1 
ATOM   341 N  N3    . DA  B 1 5  ? 1.629   -0.772  -5.840  1.00 16.06 ? 117 DA  B N3    1 
ATOM   342 C  C4    . DA  B 1 5  ? 1.784   0.564   -5.853  1.00 16.11 ? 117 DA  B C4    1 
ATOM   343 P  P     . DA  B 1 6  ? -3.094  0.310   -9.928  1.00 31.07 ? 118 DA  B P     1 
ATOM   344 O  OP1   . DA  B 1 6  ? -3.505  -0.526  -11.096 1.00 39.79 ? 118 DA  B OP1   1 
ATOM   345 O  OP2   . DA  B 1 6  ? -3.872  1.543   -9.567  1.00 38.75 ? 118 DA  B OP2   1 
ATOM   346 O  "O5'" . DA  B 1 6  ? -3.016  -0.569  -8.629  1.00 27.16 ? 118 DA  B "O5'" 1 
ATOM   347 C  "C5'" . DA  B 1 6  ? -2.412  -1.859  -8.645  1.00 24.83 ? 118 DA  B "C5'" 1 
ATOM   348 C  "C4'" . DA  B 1 6  ? -2.492  -2.420  -7.238  1.00 23.25 ? 118 DA  B "C4'" 1 
ATOM   349 O  "O4'" . DA  B 1 6  ? -1.559  -1.667  -6.418  1.00 22.62 ? 118 DA  B "O4'" 1 
ATOM   350 C  "C3'" . DA  B 1 6  ? -3.814  -2.293  -6.565  1.00 26.26 ? 118 DA  B "C3'" 1 
ATOM   351 O  "O3'" . DA  B 1 6  ? -4.219  -3.599  -6.153  1.00 28.13 ? 118 DA  B "O3'" 1 
ATOM   352 C  "C2'" . DA  B 1 6  ? -3.604  -1.420  -5.378  1.00 24.23 ? 118 DA  B "C2'" 1 
ATOM   353 C  "C1'" . DA  B 1 6  ? -2.182  -1.625  -5.055  1.00 20.73 ? 118 DA  B "C1'" 1 
ATOM   354 N  N9    . DA  B 1 6  ? -1.474  -0.597  -4.337  1.00 18.80 ? 118 DA  B N9    1 
ATOM   355 C  C8    . DA  B 1 6  ? -1.539  0.754   -4.578  1.00 19.75 ? 118 DA  B C8    1 
ATOM   356 N  N7    . DA  B 1 6  ? -0.793  1.471   -3.775  1.00 19.23 ? 118 DA  B N7    1 
ATOM   357 C  C5    . DA  B 1 6  ? -0.197  0.521   -2.953  1.00 16.37 ? 118 DA  B C5    1 
ATOM   358 C  C6    . DA  B 1 6  ? 0.709   0.624   -1.885  1.00 16.08 ? 118 DA  B C6    1 
ATOM   359 N  N6    . DA  B 1 6  ? 1.194   1.793   -1.471  1.00 17.27 ? 118 DA  B N6    1 
ATOM   360 N  N1    . DA  B 1 6  ? 1.106   -0.513  -1.275  1.00 15.23 ? 118 DA  B N1    1 
ATOM   361 C  C2    . DA  B 1 6  ? 0.621   -1.685  -1.711  1.00 15.31 ? 118 DA  B C2    1 
ATOM   362 N  N3    . DA  B 1 6  ? -0.220  -1.907  -2.713  1.00 15.69 ? 118 DA  B N3    1 
ATOM   363 C  C4    . DA  B 1 6  ? -0.599  -0.760  -3.293  1.00 16.19 ? 118 DA  B C4    1 
HETATM 364 P  P     . TFT B 1 7  ? -5.542  -4.017  -5.389  1.00 33.76 ? 119 TFT B P     1 
HETATM 365 O  OP1   . TFT B 1 7  ? -5.777  -5.440  -5.773  1.00 41.51 ? 119 TFT B OP1   1 
HETATM 366 O  OP2   . TFT B 1 7  ? -6.523  -2.913  -5.615  1.00 41.34 ? 119 TFT B OP2   1 
HETATM 367 O  O3T   . TFT B 1 7  ? -5.229  -3.872  -3.766  1.00 28.55 ? 119 TFT B O3T   1 
HETATM 368 N  N1    . TFT B 1 7  ? -3.144  -2.624  -1.075  1.00 20.75 ? 119 TFT B N1    1 
HETATM 369 C  C6    . TFT B 1 7  ? -3.838  -1.698  -1.828  1.00 21.61 ? 119 TFT B C6    1 
HETATM 370 C  C2    . TFT B 1 7  ? -2.246  -2.209  -0.116  1.00 19.33 ? 119 TFT B C2    1 
HETATM 371 O  O2    . TFT B 1 7  ? -1.568  -2.972  0.549   1.00 19.45 ? 119 TFT B O2    1 
HETATM 372 N  N3    . TFT B 1 7  ? -2.137  -0.856  0.078   1.00 17.90 ? 119 TFT B N3    1 
HETATM 373 C  C4    . TFT B 1 7  ? -2.807  0.091   -0.670  1.00 19.17 ? 119 TFT B C4    1 
HETATM 374 O  O4    . TFT B 1 7  ? -2.639  1.267   -0.375  1.00 19.91 ? 119 TFT B O4    1 
HETATM 375 C  C5    . TFT B 1 7  ? -3.763  -0.361  -1.669  1.00 21.24 ? 119 TFT B C5    1 
HETATM 376 C  C5M   . TFT B 1 7  ? -4.546  0.626   -2.484  1.00 24.90 ? 119 TFT B C5M   1 
HETATM 377 C  C2T   . TFT B 1 7  ? -4.591  -4.770  -1.611  1.00 23.97 ? 119 TFT B C2T   1 
HETATM 378 C  C4T   . TFT B 1 7  ? -3.156  -5.123  -3.464  1.00 25.24 ? 119 TFT B C4T   1 
HETATM 379 O  O4T   . TFT B 1 7  ? -2.595  -4.048  -2.674  1.00 23.49 ? 119 TFT B O4T   1 
HETATM 380 C  C1T   . TFT B 1 7  ? -3.266  -4.048  -1.390  1.00 21.75 ? 119 TFT B C1T   1 
HETATM 381 C  C3T   . TFT B 1 7  ? -4.612  -4.985  -3.128  1.00 25.94 ? 119 TFT B C3T   1 
HETATM 382 O  O2T   . TFT B 1 7  ? -4.427  -6.060  -1.033  1.00 26.78 ? 119 TFT B O2T   1 
ATOM   383 P  P     . DT  B 1 8  ? -5.279  -6.555  0.160   1.00 27.83 ? 120 DT  B P     1 
ATOM   384 O  OP1   . DT  B 1 8  ? -5.440  -8.019  0.024   1.00 32.70 ? 120 DT  B OP1   1 
ATOM   385 O  OP2   . DT  B 1 8  ? -6.464  -5.619  0.320   1.00 28.76 ? 120 DT  B OP2   1 
ATOM   386 O  "O5'" . DT  B 1 8  ? -4.458  -6.268  1.456   1.00 29.59 ? 120 DT  B "O5'" 1 
ATOM   387 C  "C5'" . DT  B 1 8  ? -3.107  -6.858  1.455   1.00 27.95 ? 120 DT  B "C5'" 1 
ATOM   388 C  "C4'" . DT  B 1 8  ? -2.597  -6.514  2.835   1.00 23.71 ? 120 DT  B "C4'" 1 
ATOM   389 O  "O4'" . DT  B 1 8  ? -2.470  -5.077  2.829   1.00 24.03 ? 120 DT  B "O4'" 1 
ATOM   390 C  "C3'" . DT  B 1 8  ? -3.479  -6.852  3.996   1.00 23.54 ? 120 DT  B "C3'" 1 
ATOM   391 O  "O3'" . DT  B 1 8  ? -2.617  -7.399  4.995   1.00 23.63 ? 120 DT  B "O3'" 1 
ATOM   392 C  "C2'" . DT  B 1 8  ? -4.125  -5.570  4.408   1.00 22.24 ? 120 DT  B "C2'" 1 
ATOM   393 C  "C1'" . DT  B 1 8  ? -3.187  -4.521  4.047   1.00 21.12 ? 120 DT  B "C1'" 1 
ATOM   394 N  N1    . DT  B 1 8  ? -3.624  -3.219  3.522   1.00 20.25 ? 120 DT  B N1    1 
ATOM   395 C  C2    . DT  B 1 8  ? -3.082  -2.077  4.061   1.00 19.51 ? 120 DT  B C2    1 
ATOM   396 O  O2    . DT  B 1 8  ? -2.244  -2.089  4.941   1.00 20.66 ? 120 DT  B O2    1 
ATOM   397 N  N3    . DT  B 1 8  ? -3.537  -0.913  3.502   1.00 19.58 ? 120 DT  B N3    1 
ATOM   398 C  C4    . DT  B 1 8  ? -4.463  -0.754  2.496   1.00 20.85 ? 120 DT  B C4    1 
ATOM   399 O  O4    . DT  B 1 8  ? -4.757  0.389   2.144   1.00 20.34 ? 120 DT  B O4    1 
ATOM   400 C  C5    . DT  B 1 8  ? -5.026  -1.990  2.006   1.00 21.78 ? 120 DT  B C5    1 
ATOM   401 C  C7    . DT  B 1 8  ? -6.047  -1.953  0.915   1.00 25.53 ? 120 DT  B C7    1 
ATOM   402 C  C6    . DT  B 1 8  ? -4.564  -3.140  2.518   1.00 21.20 ? 120 DT  B C6    1 
ATOM   403 P  P     . DC  B 1 9  ? -3.124  -7.991  6.414   1.00 23.27 ? 121 DC  B P     1 
ATOM   404 O  OP1   . DC  B 1 9  ? -2.006  -8.828  6.922   1.00 29.78 ? 121 DC  B OP1   1 
ATOM   405 O  OP2   . DC  B 1 9  ? -4.506  -8.506  6.261   1.00 26.88 ? 121 DC  B OP2   1 
ATOM   406 O  "O5'" . DC  B 1 9  ? -3.188  -6.703  7.338   1.00 22.67 ? 121 DC  B "O5'" 1 
ATOM   407 C  "C5'" . DC  B 1 9  ? -2.011  -6.015  7.682   1.00 20.63 ? 121 DC  B "C5'" 1 
ATOM   408 C  "C4'" . DC  B 1 9  ? -2.383  -4.776  8.468   1.00 21.69 ? 121 DC  B "C4'" 1 
ATOM   409 O  "O4'" . DC  B 1 9  ? -2.982  -3.843  7.537   1.00 20.59 ? 121 DC  B "O4'" 1 
ATOM   410 C  "C3'" . DC  B 1 9  ? -3.385  -4.969  9.573   1.00 21.73 ? 121 DC  B "C3'" 1 
ATOM   411 O  "O3'" . DC  B 1 9  ? -2.679  -4.993  10.814  1.00 26.59 ? 121 DC  B "O3'" 1 
ATOM   412 C  "C2'" . DC  B 1 9  ? -4.315  -3.805  9.483   1.00 22.51 ? 121 DC  B "C2'" 1 
ATOM   413 C  "C1'" . DC  B 1 9  ? -3.766  -2.913  8.496   1.00 20.44 ? 121 DC  B "C1'" 1 
ATOM   414 N  N1    . DC  B 1 9  ? -4.578  -2.175  7.525   1.00 18.95 ? 121 DC  B N1    1 
ATOM   415 C  C2    . DC  B 1 9  ? -4.486  -0.782  7.477   1.00 17.95 ? 121 DC  B C2    1 
ATOM   416 O  O2    . DC  B 1 9  ? -3.719  -0.181  8.241   1.00 18.87 ? 121 DC  B O2    1 
ATOM   417 N  N3    . DC  B 1 9  ? -5.228  -0.110  6.576   1.00 17.29 ? 121 DC  B N3    1 
ATOM   418 C  C4    . DC  B 1 9  ? -6.049  -0.755  5.750   1.00 17.82 ? 121 DC  B C4    1 
ATOM   419 N  N4    . DC  B 1 9  ? -6.747  -0.023  4.885   1.00 18.74 ? 121 DC  B N4    1 
ATOM   420 C  C5    . DC  B 1 9  ? -6.191  -2.167  5.800   1.00 18.84 ? 121 DC  B C5    1 
ATOM   421 C  C6    . DC  B 1 9  ? -5.436  -2.837  6.687   1.00 19.97 ? 121 DC  B C6    1 
ATOM   422 P  P     . DG  B 1 10 ? -3.326  -5.310  12.224  1.00 29.04 ? 122 DG  B P     1 
ATOM   423 O  OP1   . DG  B 1 10 ? -2.191  -5.603  13.174  1.00 36.88 ? 122 DG  B OP1   1 
ATOM   424 O  OP2   . DG  B 1 10 ? -4.487  -6.222  12.093  1.00 34.84 ? 122 DG  B OP2   1 
ATOM   425 O  "O5'" . DG  B 1 10 ? -3.944  -3.939  12.728  1.00 25.34 ? 122 DG  B "O5'" 1 
ATOM   426 C  "C5'" . DG  B 1 10 ? -3.056  -2.848  13.017  1.00 24.91 ? 122 DG  B "C5'" 1 
ATOM   427 C  "C4'" . DG  B 1 10 ? -3.930  -1.628  13.374  1.00 20.97 ? 122 DG  B "C4'" 1 
ATOM   428 O  "O4'" . DG  B 1 10 ? -4.505  -1.160  12.123  1.00 19.66 ? 122 DG  B "O4'" 1 
ATOM   429 C  "C3'" . DG  B 1 10 ? -5.066  -1.866  14.273  1.00 20.01 ? 122 DG  B "C3'" 1 
ATOM   430 O  "O3'" . DG  B 1 10 ? -5.217  -0.762  15.181  1.00 20.86 ? 122 DG  B "O3'" 1 
ATOM   431 C  "C2'" . DG  B 1 10 ? -6.255  -1.934  13.361  1.00 20.30 ? 122 DG  B "C2'" 1 
ATOM   432 C  "C1'" . DG  B 1 10 ? -5.907  -0.868  12.387  1.00 17.82 ? 122 DG  B "C1'" 1 
ATOM   433 N  N9    . DG  B 1 10 ? -6.640  -0.899  11.139  1.00 17.63 ? 122 DG  B N9    1 
ATOM   434 C  C8    . DG  B 1 10 ? -7.205  -1.958  10.487  1.00 18.05 ? 122 DG  B C8    1 
ATOM   435 N  N7    . DG  B 1 10 ? -7.802  -1.617  9.371   1.00 17.04 ? 122 DG  B N7    1 
ATOM   436 C  C5    . DG  B 1 10 ? -7.604  -0.246  9.284   1.00 15.73 ? 122 DG  B C5    1 
ATOM   437 C  C6    . DG  B 1 10 ? -8.006  0.694   8.307   1.00 15.06 ? 122 DG  B C6    1 
ATOM   438 O  O6    . DG  B 1 10 ? -8.647  0.471   7.272   1.00 16.53 ? 122 DG  B O6    1 
ATOM   439 N  N1    . DG  B 1 10 ? -7.597  1.991   8.617   1.00 14.75 ? 122 DG  B N1    1 
ATOM   440 C  C2    . DG  B 1 10 ? -6.877  2.330   9.730   1.00 15.17 ? 122 DG  B C2    1 
ATOM   441 N  N2    . DG  B 1 10 ? -6.575  3.636   9.862   1.00 15.48 ? 122 DG  B N2    1 
ATOM   442 N  N3    . DG  B 1 10 ? -6.498  1.460   10.648  1.00 15.89 ? 122 DG  B N3    1 
ATOM   443 C  C4    . DG  B 1 10 ? -6.882  0.207   10.367  1.00 16.15 ? 122 DG  B C4    1 
ATOM   444 P  P     . DC  B 1 11 ? -5.789  -0.905  16.655  1.00 21.50 ? 123 DC  B P     1 
ATOM   445 O  OP1   . DC  B 1 11 ? -4.701  -1.444  17.464  1.00 25.76 ? 123 DC  B OP1   1 
ATOM   446 O  OP2   . DC  B 1 11 ? -7.172  -1.516  16.638  1.00 23.75 ? 123 DC  B OP2   1 
ATOM   447 O  "O5'" . DC  B 1 11 ? -6.073  0.619   16.997  1.00 20.81 ? 123 DC  B "O5'" 1 
ATOM   448 C  "C5'" . DC  B 1 11 ? -4.947  1.535   16.909  1.00 18.70 ? 123 DC  B "C5'" 1 
ATOM   449 C  "C4'" . DC  B 1 11 ? -5.389  2.855   16.294  1.00 18.32 ? 123 DC  B "C4'" 1 
ATOM   450 O  "O4'" . DC  B 1 11 ? -5.681  2.569   14.923  1.00 18.51 ? 123 DC  B "O4'" 1 
ATOM   451 C  "C3'" . DC  B 1 11 ? -6.647  3.484   16.796  1.00 18.83 ? 123 DC  B "C3'" 1 
ATOM   452 O  "O3'" . DC  B 1 11 ? -6.408  4.350   17.888  1.00 19.69 ? 123 DC  B "O3'" 1 
ATOM   453 C  "C2'" . DC  B 1 11 ? -7.119  4.343   15.662  1.00 20.88 ? 123 DC  B "C2'" 1 
ATOM   454 C  "C1'" . DC  B 1 11 ? -6.796  3.577   14.516  1.00 20.60 ? 123 DC  B "C1'" 1 
ATOM   455 N  N1    . DC  B 1 11 ? -7.739  2.628   13.870  1.00 16.48 ? 123 DC  B N1    1 
ATOM   456 C  C2    . DC  B 1 11 ? -8.479  3.191   12.831  1.00 14.85 ? 123 DC  B C2    1 
ATOM   457 O  O2    . DC  B 1 11 ? -8.312  4.393   12.573  1.00 16.35 ? 123 DC  B O2    1 
ATOM   458 N  N3    . DC  B 1 11 ? -9.330  2.408   12.133  1.00 14.81 ? 123 DC  B N3    1 
ATOM   459 C  C4    . DC  B 1 11 ? -9.491  1.127   12.479  1.00 15.77 ? 123 DC  B C4    1 
ATOM   460 N  N4    . DC  B 1 11 ? -10.351 0.385   11.774  1.00 16.38 ? 123 DC  B N4    1 
ATOM   461 C  C5    . DC  B 1 11 ? -8.751  0.537   13.543  1.00 19.54 ? 123 DC  B C5    1 
ATOM   462 C  C6    . DC  B 1 11 ? -7.906  1.321   14.229  1.00 17.58 ? 123 DC  B C6    1 
ATOM   463 P  P     . DG  B 1 12 ? -7.554  4.815   18.847  1.00 19.75 ? 124 DG  B P     1 
ATOM   464 O  OP1   . DG  B 1 12 ? -6.822  5.426   19.988  1.00 23.62 ? 124 DG  B OP1   1 
ATOM   465 O  OP2   . DG  B 1 12 ? -8.552  3.720   19.051  1.00 21.30 ? 124 DG  B OP2   1 
ATOM   466 O  "O5'" . DG  B 1 12 ? -8.339  5.951   18.083  1.00 18.09 ? 124 DG  B "O5'" 1 
ATOM   467 C  "C5'" . DG  B 1 12 ? -7.764  7.247   17.797  1.00 18.23 ? 124 DG  B "C5'" 1 
ATOM   468 C  "C4'" . DG  B 1 12 ? -8.652  7.980   16.811  1.00 16.08 ? 124 DG  B "C4'" 1 
ATOM   469 O  "O4'" . DG  B 1 12 ? -8.759  7.208   15.577  1.00 16.31 ? 124 DG  B "O4'" 1 
ATOM   470 C  "C3'" . DG  B 1 12 ? -10.060 8.203   17.257  1.00 16.57 ? 124 DG  B "C3'" 1 
ATOM   471 O  "O3'" . DG  B 1 12 ? -10.135 9.357   18.100  1.00 17.39 ? 124 DG  B "O3'" 1 
ATOM   472 C  "C2'" . DG  B 1 12 ? -10.792 8.393   15.950  1.00 16.32 ? 124 DG  B "C2'" 1 
ATOM   473 C  "C1'" . DG  B 1 12 ? -10.206 7.442   15.066  1.00 15.50 ? 124 DG  B "C1'" 1 
ATOM   474 N  N9    . DG  B 1 12 ? -10.665 6.036   14.959  1.00 14.63 ? 124 DG  B N9    1 
ATOM   475 C  C8    . DG  B 1 12 ? -10.380 4.981   15.774  1.00 15.87 ? 124 DG  B C8    1 
ATOM   476 N  N7    . DG  B 1 12 ? -10.930 3.864   15.383  1.00 16.80 ? 124 DG  B N7    1 
ATOM   477 C  C5    . DG  B 1 12 ? -11.614 4.202   14.228  1.00 15.76 ? 124 DG  B C5    1 
ATOM   478 C  C6    . DG  B 1 12 ? -12.388 3.414   13.342  1.00 15.52 ? 124 DG  B C6    1 
ATOM   479 O  O6    . DG  B 1 12 ? -12.660 2.211   13.419  1.00 17.57 ? 124 DG  B O6    1 
ATOM   480 N  N1    . DG  B 1 12 ? -12.904 4.165   12.302  1.00 16.08 ? 124 DG  B N1    1 
ATOM   481 C  C2    . DG  B 1 12 ? -12.696 5.507   12.122  1.00 15.01 ? 124 DG  B C2    1 
ATOM   482 N  N2    . DG  B 1 12 ? -13.278 6.045   11.054  1.00 16.88 ? 124 DG  B N2    1 
ATOM   483 N  N3    . DG  B 1 12 ? -11.968 6.258   12.926  1.00 15.23 ? 124 DG  B N3    1 
ATOM   484 C  C4    . DG  B 1 12 ? -11.452 5.542   13.946  1.00 14.26 ? 124 DG  B C4    1 
HETATM 485 MG MG    . MG  C 2 .  ? -12.219 -1.626  6.307   1.00 17.71 ? 901 MG  A MG    1 
HETATM 486 O  O     . HOH D 3 .  ? 0.223   -4.741  -3.390  1.00 19.03 ? 701 HOH A O     1 
HETATM 487 O  O     . HOH D 3 .  ? -12.979 0.199   5.703   1.00 18.87 ? 702 HOH A O     1 
HETATM 488 O  O     . HOH D 3 .  ? 0.958   -3.071  -7.376  1.00 18.44 ? 703 HOH A O     1 
HETATM 489 O  O     . HOH D 3 .  ? -11.822 -0.934  8.196   1.00 16.53 ? 705 HOH A O     1 
HETATM 490 O  O     . HOH D 3 .  ? 8.058   -0.599  4.137   1.00 22.97 ? 707 HOH A O     1 
HETATM 491 O  O     . HOH D 3 .  ? -0.348  -6.470  -1.297  1.00 27.92 ? 709 HOH A O     1 
HETATM 492 O  O     . HOH D 3 .  ? -0.541  -4.962  -6.008  1.00 21.86 ? 710 HOH A O     1 
HETATM 493 O  O     . HOH D 3 .  ? 5.257   4.221   5.575   1.00 25.34 ? 711 HOH A O     1 
HETATM 494 O  O     . HOH D 3 .  ? 0.332   -4.862  1.426   1.00 27.31 ? 716 HOH A O     1 
HETATM 495 O  O     . HOH D 3 .  ? 3.625   -2.784  -10.849 1.00 19.99 ? 718 HOH A O     1 
HETATM 496 O  O     . HOH D 3 .  ? -18.722 2.395   9.994   1.00 33.06 ? 719 HOH A O     1 
HETATM 497 O  O     . HOH D 3 .  ? 7.616   1.032   -21.954 1.00 26.94 ? 721 HOH A O     1 
HETATM 498 O  O     . HOH D 3 .  ? 8.865   -3.906  -2.147  1.00 22.17 ? 723 HOH A O     1 
HETATM 499 O  O     . HOH D 3 .  ? -14.550 3.238   3.024   1.00 31.14 ? 724 HOH A O     1 
HETATM 500 O  O     . HOH D 3 .  ? 0.794   -5.119  4.408   1.00 28.56 ? 725 HOH A O     1 
HETATM 501 O  O     . HOH D 3 .  ? 7.771   -1.874  10.278  1.00 21.69 ? 726 HOH A O     1 
HETATM 502 O  O     . HOH D 3 .  ? -12.481 -2.369  10.407  1.00 38.51 ? 728 HOH A O     1 
HETATM 503 O  O     . HOH D 3 .  ? -7.424  3.223   2.246   1.00 40.87 ? 731 HOH A O     1 
HETATM 504 O  O     . HOH D 3 .  ? -1.965  -6.913  -7.184  1.00 35.07 ? 734 HOH A O     1 
HETATM 505 O  O     . HOH D 3 .  ? 5.950   -0.308  11.546  1.00 28.51 ? 737 HOH A O     1 
HETATM 506 O  O     . HOH D 3 .  ? 5.969   -2.917  -19.280 1.00 31.74 ? 740 HOH A O     1 
HETATM 507 O  O     . HOH D 3 .  ? 8.501   -8.318  -11.026 1.00 31.76 ? 743 HOH A O     1 
HETATM 508 O  O     . HOH D 3 .  ? 0.552   0.658   -14.906 1.00 50.61 ? 744 HOH A O     1 
HETATM 509 O  O     . HOH D 3 .  ? 4.611   -10.729 -8.637  0.50 49.19 ? 745 HOH A O     1 
HETATM 510 O  O     . HOH D 3 .  ? -0.201  0.980   8.905   1.00 38.32 ? 747 HOH A O     1 
HETATM 511 O  O     . HOH D 3 .  ? 5.932   -1.135  -21.496 1.00 39.93 ? 750 HOH A O     1 
HETATM 512 O  O     . HOH D 3 .  ? 4.394   3.961   0.347   1.00 36.95 ? 751 HOH A O     1 
HETATM 513 O  O     . HOH D 3 .  ? 4.637   3.000   -19.962 1.00 36.47 ? 754 HOH A O     1 
HETATM 514 O  O     . HOH D 3 .  ? 7.496   1.020   -0.702  1.00 32.97 ? 757 HOH A O     1 
HETATM 515 O  O     . HOH D 3 .  ? 0.347   5.080   0.430   1.00 33.21 ? 764 HOH A O     1 
HETATM 516 O  O     . HOH D 3 .  ? 2.144   5.257   2.213   1.00 38.33 ? 766 HOH A O     1 
HETATM 517 O  O     . HOH D 3 .  ? -10.765 1.924   2.938   1.00 44.45 ? 773 HOH A O     1 
HETATM 518 O  O     . HOH D 3 .  ? 0.972   -3.123  -10.131 1.00 31.34 ? 775 HOH A O     1 
HETATM 519 O  O     . HOH D 3 .  ? 7.369   -8.222  -3.101  1.00 47.70 ? 778 HOH A O     1 
HETATM 520 O  O     . HOH D 3 .  ? 8.226   -7.810  -5.541  1.00 37.08 ? 780 HOH A O     1 
HETATM 521 O  O     . HOH D 3 .  ? 6.892   -12.400 -2.612  1.00 61.33 ? 783 HOH A O     1 
HETATM 522 O  O     . HOH D 3 .  ? 8.982   2.087   3.442   1.00 39.18 ? 788 HOH A O     1 
HETATM 523 O  O     . HOH D 3 .  ? 4.704   -7.639  5.914   1.00 34.12 ? 789 HOH A O     1 
HETATM 524 O  O     . HOH D 3 .  ? 2.037   -11.398 1.199   1.00 54.71 ? 790 HOH A O     1 
HETATM 525 O  O     . HOH D 3 .  ? -3.771  5.030   0.979   1.00 38.80 ? 791 HOH A O     1 
HETATM 526 O  O     . HOH D 3 .  ? -19.817 -0.029  9.362   1.00 25.57 ? 796 HOH A O     1 
HETATM 527 O  O     . HOH D 3 .  ? 7.843   3.189   5.450   1.00 26.43 ? 800 HOH A O     1 
HETATM 528 O  O     . HOH D 3 .  ? 8.002   -6.120  -16.635 1.00 40.25 ? 801 HOH A O     1 
HETATM 529 O  O     . HOH D 3 .  ? 8.612   -5.596  0.042   1.00 35.46 ? 802 HOH A O     1 
HETATM 530 O  O     . HOH D 3 .  ? -0.885  -6.276  -13.184 1.00 41.49 ? 805 HOH A O     1 
HETATM 531 O  O     . HOH D 3 .  ? 9.989   -7.356  -14.254 0.50 35.73 ? 808 HOH A O     1 
HETATM 532 O  O     . HOH D 3 .  ? -2.131  6.374   2.110   1.00 34.98 ? 809 HOH A O     1 
HETATM 533 O  O     . HOH D 3 .  ? 3.385   -3.081  9.834   0.50 47.13 ? 814 HOH A O     1 
HETATM 534 O  O     . HOH D 3 .  ? 3.046   3.090   12.496  1.00 44.52 ? 815 HOH A O     1 
HETATM 535 O  O     . HOH D 3 .  ? -0.980  -4.614  -11.290 1.00 46.44 ? 817 HOH A O     1 
HETATM 536 O  O     . HOH D 3 .  ? 9.727   -5.306  -4.275  1.00 34.58 ? 820 HOH A O     1 
HETATM 537 O  O     . HOH D 3 .  ? -2.523  13.208  6.701   0.50 41.53 ? 821 HOH A O     1 
HETATM 538 O  O     . HOH D 3 .  ? -3.161  9.140   2.394   0.50 44.42 ? 824 HOH A O     1 
HETATM 539 O  O     . HOH D 3 .  ? 2.192   3.037   -18.762 1.00 54.37 ? 830 HOH A O     1 
HETATM 540 O  O     . HOH D 3 .  ? 3.544   -1.011  11.826  1.00 56.42 ? 831 HOH A O     1 
HETATM 541 O  O     . HOH D 3 .  ? -3.507  13.190  3.365   0.50 47.45 ? 833 HOH A O     1 
HETATM 542 O  O     . HOH D 3 .  ? -1.196  -3.794  -16.535 0.50 52.23 ? 834 HOH A O     1 
HETATM 543 O  O     . HOH D 3 .  ? -11.960 3.708   1.704   1.00 49.95 ? 838 HOH A O     1 
HETATM 544 O  O     . HOH D 3 .  ? -6.795  5.923   1.996   1.00 37.28 ? 839 HOH A O     1 
HETATM 545 O  O     . HOH D 3 .  ? 8.567   2.529   0.923   1.00 68.98 ? 840 HOH A O     1 
HETATM 546 O  O     . HOH D 3 .  ? -9.930  5.703   1.376   1.00 68.03 ? 841 HOH A O     1 
HETATM 547 O  O     . HOH D 3 .  ? -10.659 -0.423  1.776   1.00 62.84 ? 849 HOH A O     1 
HETATM 548 O  O     . HOH D 3 .  ? 8.386   -7.988  -0.645  0.50 84.24 ? 851 HOH A O     1 
HETATM 549 O  O     . HOH D 3 .  ? -0.270  3.081   10.840  1.00 68.19 ? 852 HOH A O     1 
HETATM 550 O  O     . HOH D 3 .  ? 6.825   -9.394  -18.284 0.50 42.99 ? 860 HOH A O     1 
HETATM 551 O  O     . HOH D 3 .  ? 6.192   -5.312  -18.768 1.00 53.35 ? 861 HOH A O     1 
HETATM 552 O  O     . HOH D 3 .  ? 5.721   7.618   8.158   1.00 40.90 ? 863 HOH A O     1 
HETATM 553 O  O     . HOH D 3 .  ? 2.598   -4.395  -19.144 0.50 41.63 ? 866 HOH A O     1 
HETATM 554 O  O     . HOH D 3 .  ? 2.201   -12.179 -5.409  0.50 54.45 ? 867 HOH A O     1 
HETATM 555 O  O     . HOH D 3 .  ? -2.761  13.049  1.223   0.50 51.33 ? 869 HOH A O     1 
HETATM 556 O  O     . HOH D 3 .  ? -11.489 12.376  0.739   0.50 45.30 ? 871 HOH A O     1 
HETATM 557 O  O     . HOH D 3 .  ? -2.743  -5.436  -9.730  1.00 64.51 ? 872 HOH A O     1 
HETATM 558 O  O     . HOH D 3 .  ? 4.367   -12.186 6.967   0.50 66.72 ? 873 HOH A O     1 
HETATM 559 O  O     . HOH D 3 .  ? -8.818  12.725  1.506   0.50 42.28 ? 875 HOH A O     1 
HETATM 560 O  O     . HOH D 3 .  ? 10.385  -9.305  -6.803  0.50 43.65 ? 876 HOH A O     1 
HETATM 561 O  O     . HOH D 3 .  ? 6.589   -10.220 -9.513  0.50 30.84 ? 878 HOH A O     1 
HETATM 562 O  O     . HOH D 3 .  ? -18.668 3.533   1.225   0.50 46.02 ? 879 HOH A O     1 
HETATM 563 O  O     . HOH D 3 .  ? 4.722   -6.294  -17.148 1.00 51.33 ? 882 HOH A O     1 
HETATM 564 O  O     . HOH D 3 .  ? 1.056   -12.836 -9.254  1.00 68.44 ? 887 HOH A O     1 
HETATM 565 O  O     . HOH D 3 .  ? -1.936  -11.287 -8.173  1.00 37.33 ? 888 HOH A O     1 
HETATM 566 O  O     . HOH D 3 .  ? -20.654 4.280   3.099   1.00 41.26 ? 890 HOH A O     1 
HETATM 567 O  O     . HOH D 3 .  ? -5.806  19.083  6.135   0.50 53.35 ? 892 HOH A O     1 
HETATM 568 O  O     . HOH D 3 .  ? -16.458 9.126   1.764   1.00 63.16 ? 893 HOH A O     1 
HETATM 569 O  O     . HOH D 3 .  ? 11.484  -9.375  -0.236  0.50 49.45 ? 898 HOH A O     1 
HETATM 570 O  O     . HOH D 3 .  ? -13.054 6.964   0.793   1.00 54.92 ? 900 HOH A O     1 
HETATM 571 O  O     . HOH D 3 .  ? 6.086   5.605   12.134  1.00 44.28 ? 902 HOH A O     1 
HETATM 572 O  O     . HOH D 3 .  ? 5.459   -4.808  8.700   0.50 39.26 ? 903 HOH A O     1 
HETATM 573 O  O     . HOH D 3 .  ? 0.639   -10.153 -13.349 0.50 51.06 ? 905 HOH A O     1 
HETATM 574 O  O     . HOH D 3 .  ? -1.041  -10.502 -11.394 1.00 67.81 ? 906 HOH A O     1 
HETATM 575 O  O     . HOH D 3 .  ? -5.107  -4.461  -9.956  1.00 59.13 ? 911 HOH A O     1 
HETATM 576 O  O     . HOH D 3 .  ? -11.920 13.472  4.902   0.50 47.56 ? 912 HOH A O     1 
HETATM 577 O  O     . HOH D 3 .  ? -12.166 -5.276  10.091  0.50 45.65 ? 913 HOH A O     1 
HETATM 578 O  O     . HOH D 3 .  ? 1.916   11.039  4.190   1.00 65.28 ? 914 HOH A O     1 
HETATM 579 O  O     . HOH D 3 .  ? 6.679   -9.483  -13.329 0.50 57.14 ? 917 HOH A O     1 
HETATM 580 O  O     . HOH D 3 .  ? -13.529 -6.984  12.156  0.50 50.15 ? 918 HOH A O     1 
HETATM 581 O  O     . HOH D 3 .  ? 6.381   -7.874  -15.469 0.50 45.49 ? 920 HOH A O     1 
HETATM 582 O  O     . HOH D 3 .  ? 1.515   5.273   12.880  0.50 48.79 ? 924 HOH A O     1 
HETATM 583 O  O     . HOH D 3 .  ? 4.734   6.061   4.437   0.50 56.52 ? 925 HOH A O     1 
HETATM 584 O  O     . HOH D 3 .  ? 3.163   -13.959 -10.150 1.00 55.84 ? 927 HOH A O     1 
HETATM 585 O  O     . HOH D 3 .  ? 1.472   1.344   12.447  0.50 64.53 ? 931 HOH A O     1 
HETATM 586 O  O     . HOH D 3 .  ? -0.764  -6.570  -16.562 0.50 47.38 ? 936 HOH A O     1 
HETATM 587 O  O     . HOH D 3 .  ? -16.324 1.224   0.183   0.50 49.70 ? 937 HOH A O     1 
HETATM 588 O  O     . HOH D 3 .  ? 6.011   -7.241  8.357   0.50 68.37 ? 939 HOH A O     1 
HETATM 589 O  O     . HOH D 3 .  ? -14.104 2.990   -1.373  0.50 47.85 ? 943 HOH A O     1 
HETATM 590 O  O     . HOH D 3 .  ? 0.317   -3.329  -18.486 0.50 55.26 ? 949 HOH A O     1 
HETATM 591 O  O     . HOH D 3 .  ? 1.672   -7.091  4.939   1.00 57.27 ? 950 HOH A O     1 
HETATM 592 O  O     . HOH E 3 .  ? -11.620 -3.556  6.945   1.00 18.12 ? 706 HOH B O     1 
HETATM 593 O  O     . HOH E 3 .  ? -10.274 -1.126  5.865   1.00 17.45 ? 708 HOH B O     1 
HETATM 594 O  O     . HOH E 3 .  ? -10.149 2.056   17.465  1.00 26.00 ? 712 HOH B O     1 
HETATM 595 O  O     . HOH E 3 .  ? -9.102  -3.649  8.052   1.00 23.46 ? 713 HOH B O     1 
HETATM 596 O  O     . HOH E 3 .  ? -8.832  -1.529  3.516   1.00 22.03 ? 714 HOH B O     1 
HETATM 597 O  O     . HOH E 3 .  ? -14.115 -2.225  6.867   1.00 19.53 ? 715 HOH B O     1 
HETATM 598 O  O     . HOH E 3 .  ? 0.293   -2.685  5.747   1.00 21.33 ? 717 HOH B O     1 
HETATM 599 O  O     . HOH E 3 .  ? -12.436 -2.292  4.401   1.00 19.54 ? 720 HOH B O     1 
HETATM 600 O  O     . HOH E 3 .  ? -7.870  10.961  18.794  1.00 28.02 ? 727 HOH B O     1 
HETATM 601 O  O     . HOH E 3 .  ? -10.399 -2.469  12.636  1.00 29.03 ? 729 HOH B O     1 
HETATM 602 O  O     . HOH E 3 .  ? -9.714  -0.508  16.917  1.00 29.25 ? 730 HOH B O     1 
HETATM 603 O  O     . HOH E 3 .  ? 8.600   0.974   -3.083  1.00 33.36 ? 733 HOH B O     1 
HETATM 604 O  O     . HOH E 3 .  ? -4.172  2.163   12.116  1.00 26.23 ? 735 HOH B O     1 
HETATM 605 O  O     . HOH E 3 .  ? -4.092  2.284   -6.227  1.00 42.09 ? 738 HOH B O     1 
HETATM 606 O  O     . HOH E 3 .  ? -1.133  4.230   -3.912  1.00 39.28 ? 741 HOH B O     1 
HETATM 607 O  O     . HOH E 3 .  ? -7.699  -4.267  16.020  1.00 40.69 ? 742 HOH B O     1 
HETATM 608 O  O     . HOH E 3 .  ? -8.105  -5.302  13.558  1.00 53.64 ? 746 HOH B O     1 
HETATM 609 O  O     . HOH E 3 .  ? 13.218  -4.052  -6.405  1.00 38.71 ? 748 HOH B O     1 
HETATM 610 O  O     . HOH E 3 .  ? 13.932  8.673   -10.133 1.00 34.90 ? 749 HOH B O     1 
HETATM 611 O  O     . HOH E 3 .  ? -2.484  -5.458  15.869  1.00 52.02 ? 753 HOH B O     1 
HETATM 612 O  O     . HOH E 3 .  ? 11.785  -1.269  -3.376  1.00 48.91 ? 755 HOH B O     1 
HETATM 613 O  O     . HOH E 3 .  ? -7.124  -2.097  -2.867  1.00 45.89 ? 758 HOH B O     1 
HETATM 614 O  O     . HOH E 3 .  ? 5.346   3.886   -2.463  1.00 50.26 ? 759 HOH B O     1 
HETATM 615 O  O     . HOH E 3 .  ? -7.172  -7.422  9.713   0.50 48.03 ? 760 HOH B O     1 
HETATM 616 O  O     . HOH E 3 .  ? -2.408  -1.200  16.679  0.50 47.98 ? 761 HOH B O     1 
HETATM 617 O  O     . HOH E 3 .  ? -9.249  3.133   21.457  1.00 54.09 ? 763 HOH B O     1 
HETATM 618 O  O     . HOH E 3 .  ? -6.167  7.979   21.283  1.00 60.56 ? 765 HOH B O     1 
HETATM 619 O  O     . HOH E 3 .  ? 11.447  9.792   -6.511  0.50 52.13 ? 769 HOH B O     1 
HETATM 620 O  O     . HOH E 3 .  ? -2.670  5.099   -10.703 1.00 47.41 ? 772 HOH B O     1 
HETATM 621 O  O     . HOH E 3 .  ? -3.363  3.723   -1.191  1.00 39.93 ? 774 HOH B O     1 
HETATM 622 O  O     . HOH E 3 .  ? -7.506  -11.222 12.321  1.00 52.32 ? 776 HOH B O     1 
HETATM 623 O  O     . HOH E 3 .  ? 0.964   -2.220  8.356   1.00 42.20 ? 777 HOH B O     1 
HETATM 624 O  O     . HOH E 3 .  ? -7.156  -5.076  11.429  1.00 36.92 ? 782 HOH B O     1 
HETATM 625 O  O     . HOH E 3 .  ? 17.994  6.096   -7.055  1.00 70.20 ? 784 HOH B O     1 
HETATM 626 O  O     . HOH E 3 .  ? -1.335  5.388   -6.411  1.00 58.04 ? 787 HOH B O     1 
HETATM 627 O  O     . HOH E 3 .  ? 22.241  -1.641  -9.683  0.50 53.58 ? 792 HOH B O     1 
HETATM 628 O  O     . HOH E 3 .  ? -2.120  -0.063  10.498  1.00 29.31 ? 797 HOH B O     1 
HETATM 629 O  O     . HOH E 3 .  ? 11.409  -5.792  -7.678  1.00 33.20 ? 798 HOH B O     1 
HETATM 630 O  O     . HOH E 3 .  ? 2.991   4.951   -3.932  1.00 35.76 ? 799 HOH B O     1 
HETATM 631 O  O     . HOH E 3 .  ? -6.784  1.546   0.723   1.00 40.32 ? 803 HOH B O     1 
HETATM 632 O  O     . HOH E 3 .  ? 15.356  10.855  -8.482  1.00 39.31 ? 804 HOH B O     1 
HETATM 633 O  O     . HOH E 3 .  ? 12.873  -8.455  -11.246 1.00 33.10 ? 806 HOH B O     1 
HETATM 634 O  O     . HOH E 3 .  ? 0.642   4.712   -2.088  1.00 37.41 ? 807 HOH B O     1 
HETATM 635 O  O     . HOH E 3 .  ? 10.140  -1.538  -1.551  1.00 62.35 ? 810 HOH B O     1 
HETATM 636 O  O     . HOH E 3 .  ? 15.872  8.401   -5.667  1.00 48.83 ? 811 HOH B O     1 
HETATM 637 O  O     . HOH E 3 .  ? 15.913  -1.042  -5.372  1.00 72.28 ? 812 HOH B O     1 
HETATM 638 O  O     . HOH E 3 .  ? -3.949  5.960   22.910  0.50 55.56 ? 813 HOH B O     1 
HETATM 639 O  O     . HOH E 3 .  ? -8.169  -4.492  -1.486  1.00 55.82 ? 819 HOH B O     1 
HETATM 640 O  O     . HOH E 3 .  ? -7.692  -5.193  6.107   1.00 31.74 ? 822 HOH B O     1 
HETATM 641 O  O     . HOH E 3 .  ? -12.300 0.245   15.295  1.00 50.51 ? 823 HOH B O     1 
HETATM 642 O  O     . HOH E 3 .  ? 11.206  9.022   -10.852 1.00 47.29 ? 832 HOH B O     1 
HETATM 643 O  O     . HOH E 3 .  ? 0.109   -4.339  12.182  1.00 65.16 ? 835 HOH B O     1 
HETATM 644 O  O     . HOH E 3 .  ? 0.208   -9.256  6.751   0.50 60.58 ? 837 HOH B O     1 
HETATM 645 O  O     . HOH E 3 .  ? -1.640  -8.735  -2.088  1.00 47.47 ? 843 HOH B O     1 
HETATM 646 O  O     . HOH E 3 .  ? -1.955  -9.269  -4.808  0.50 66.47 ? 846 HOH B O     1 
HETATM 647 O  O     . HOH E 3 .  ? -8.907  -8.790  1.732   0.50 57.02 ? 847 HOH B O     1 
HETATM 648 O  O     . HOH E 3 .  ? -1.747  1.557   12.776  0.50 53.70 ? 848 HOH B O     1 
HETATM 649 O  O     . HOH E 3 .  ? -8.008  -6.722  -4.066  0.50 46.71 ? 850 HOH B O     1 
HETATM 650 O  O     . HOH E 3 .  ? 15.136  9.048   -3.242  0.50 55.98 ? 854 HOH B O     1 
HETATM 651 O  O     . HOH E 3 .  ? -0.882  0.573   14.627  1.00 68.08 ? 855 HOH B O     1 
HETATM 652 O  O     . HOH E 3 .  ? -2.009  -1.960  -11.456 0.50 86.99 ? 858 HOH B O     1 
HETATM 653 O  O     . HOH E 3 .  ? 10.590  2.629   -2.855  1.00 50.49 ? 859 HOH B O     1 
HETATM 654 O  O     . HOH E 3 .  ? 7.761   9.917   -10.730 0.50 40.89 ? 862 HOH B O     1 
HETATM 655 O  O     . HOH E 3 .  ? -3.750  -9.351  -1.551  0.50 53.96 ? 865 HOH B O     1 
HETATM 656 O  O     . HOH E 3 .  ? -5.010  1.243   20.850  0.50 43.41 ? 868 HOH B O     1 
HETATM 657 O  O     . HOH E 3 .  ? -8.134  0.615   -1.284  1.00 47.57 ? 870 HOH B O     1 
HETATM 658 O  O     . HOH E 3 .  ? 12.198  3.696   -4.322  0.50 39.59 ? 874 HOH B O     1 
HETATM 659 O  O     . HOH E 3 .  ? -1.777  8.342   -8.807  0.50 50.02 ? 877 HOH B O     1 
HETATM 660 O  O     . HOH E 3 .  ? 0.758   -6.031  9.257   0.50 50.08 ? 880 HOH B O     1 
HETATM 661 O  O     . HOH E 3 .  ? 6.148   6.857   -4.433  1.00 44.67 ? 884 HOH B O     1 
HETATM 662 O  O     . HOH E 3 .  ? -3.569  -0.506  19.854  1.00 56.81 ? 885 HOH B O     1 
HETATM 663 O  O     . HOH E 3 .  ? -3.909  -7.493  -5.739  0.50 39.55 ? 889 HOH B O     1 
HETATM 664 O  O     . HOH E 3 .  ? -4.809  -10.067 -7.110  0.50 42.97 ? 891 HOH B O     1 
HETATM 665 O  O     . HOH E 3 .  ? 15.865  4.315   -4.262  0.50 47.94 ? 895 HOH B O     1 
HETATM 666 O  O     . HOH E 3 .  ? -3.655  4.464   -8.535  0.50 36.53 ? 899 HOH B O     1 
HETATM 667 O  O     . HOH E 3 .  ? -4.633  4.409   -11.954 0.50 58.85 ? 907 HOH B O     1 
HETATM 668 O  O     . HOH E 3 .  ? -6.296  -6.870  7.185   1.00 60.35 ? 908 HOH B O     1 
HETATM 669 O  O     . HOH E 3 .  ? 21.415  0.882   -9.202  0.50 35.77 ? 909 HOH B O     1 
HETATM 670 O  O     . HOH E 3 .  ? -6.759  0.347   -6.204  0.50 43.41 ? 910 HOH B O     1 
HETATM 671 O  O     . HOH E 3 .  ? -8.141  -8.097  12.941  1.00 50.71 ? 916 HOH B O     1 
HETATM 672 O  O     . HOH E 3 .  ? -6.158  -9.909  2.272   0.50 49.04 ? 919 HOH B O     1 
HETATM 673 O  O     . HOH E 3 .  ? 10.625  6.361   -4.310  0.50 37.15 ? 921 HOH B O     1 
HETATM 674 O  O     . HOH E 3 .  ? 16.193  -6.926  -8.456  0.50 47.85 ? 922 HOH B O     1 
HETATM 675 O  O     . HOH E 3 .  ? 14.456  0.569   -3.848  0.50 42.75 ? 928 HOH B O     1 
HETATM 676 O  O     . HOH E 3 .  ? -1.545  1.255   18.674  0.50 52.63 ? 933 HOH B O     1 
HETATM 677 O  O     . HOH E 3 .  ? 17.559  -4.382  -5.408  0.50 66.98 ? 935 HOH B O     1 
HETATM 678 O  O     . HOH E 3 .  ? 1.140   9.130   -6.739  0.50 49.90 ? 938 HOH B O     1 
HETATM 679 O  O     . HOH E 3 .  ? -6.657  -8.258  3.977   0.50 41.33 ? 941 HOH B O     1 
HETATM 680 O  O     . HOH E 3 .  ? -4.421  4.617   -3.859  0.50 53.14 ? 942 HOH B O     1 
HETATM 681 O  O     . HOH E 3 .  ? -8.023  -9.921  10.449  0.50 60.65 ? 945 HOH B O     1 
HETATM 682 O  O     . HOH E 3 .  ? 19.134  3.274   -6.086  0.50 70.22 ? 952 HOH B O     1 
# 
loop_
_atom_site_anisotrop.id 
_atom_site_anisotrop.type_symbol 
_atom_site_anisotrop.pdbx_label_atom_id 
_atom_site_anisotrop.pdbx_label_alt_id 
_atom_site_anisotrop.pdbx_label_comp_id 
_atom_site_anisotrop.pdbx_label_asym_id 
_atom_site_anisotrop.pdbx_label_seq_id 
_atom_site_anisotrop.pdbx_PDB_ins_code 
_atom_site_anisotrop.U[1][1] 
_atom_site_anisotrop.U[2][2] 
_atom_site_anisotrop.U[3][3] 
_atom_site_anisotrop.U[1][2] 
_atom_site_anisotrop.U[1][3] 
_atom_site_anisotrop.U[2][3] 
_atom_site_anisotrop.pdbx_auth_seq_id 
_atom_site_anisotrop.pdbx_auth_comp_id 
_atom_site_anisotrop.pdbx_auth_asym_id 
_atom_site_anisotrop.pdbx_auth_atom_id 
1   O  "O5'" . DC  A 1  ? 0.3198 0.4746 0.3559 -0.1373 -0.0849 0.0117  1   DC  A "O5'" 
2   C  "C5'" . DC  A 1  ? 0.2228 0.3445 0.2486 -0.0493 0.0164  -0.0807 1   DC  A "C5'" 
3   C  "C4'" . DC  A 1  ? 0.2072 0.3563 0.2792 -0.0475 0.0078  -0.0663 1   DC  A "C4'" 
4   O  "O4'" . DC  A 1  ? 0.1872 0.3414 0.2651 -0.0223 0.0219  -0.0831 1   DC  A "O4'" 
5   C  "C3'" . DC  A 1  ? 0.2089 0.3307 0.2746 -0.0232 0.0029  -0.0437 1   DC  A "C3'" 
6   O  "O3'" . DC  A 1  ? 0.2522 0.3354 0.2739 -0.0147 -0.0109 -0.0483 1   DC  A "O3'" 
7   C  "C2'" . DC  A 1  ? 0.2145 0.3657 0.2387 0.0182  0.0125  -0.0919 1   DC  A "C2'" 
8   C  "C1'" . DC  A 1  ? 0.1889 0.3375 0.2382 -0.0130 0.0299  -0.0786 1   DC  A "C1'" 
9   N  N1    . DC  A 1  ? 0.1745 0.2821 0.2200 -0.0476 0.0294  -0.0951 1   DC  A N1    
10  C  C2    . DC  A 1  ? 0.1723 0.2740 0.2283 -0.0347 0.0328  -0.1025 1   DC  A C2    
11  O  O2    . DC  A 1  ? 0.2775 0.2747 0.2113 -0.0529 -0.0022 -0.0788 1   DC  A O2    
12  N  N3    . DC  A 1  ? 0.1922 0.2706 0.2094 -0.0422 0.0293  -0.1022 1   DC  A N3    
13  C  C4    . DC  A 1  ? 0.2134 0.2669 0.1976 -0.0592 0.0501  -0.0809 1   DC  A C4    
14  N  N4    . DC  A 1  ? 0.2226 0.2958 0.2210 -0.0697 0.0437  -0.0498 1   DC  A N4    
15  C  C5    . DC  A 1  ? 0.2374 0.2693 0.2179 -0.0666 0.0381  -0.0882 1   DC  A C5    
16  C  C6    . DC  A 1  ? 0.1854 0.2880 0.2406 -0.0349 0.0303  -0.1155 1   DC  A C6    
17  P  P     . DG  A 2  ? 0.3004 0.3733 0.3119 -0.0175 -0.0124 0.0138  2   DG  A P     
18  O  OP1   . DG  A 2  ? 0.4800 0.3945 0.4233 -0.0035 -0.1347 0.0626  2   DG  A OP1   
19  O  OP2   . DG  A 2  ? 0.4242 0.3536 0.3385 -0.1495 0.1347  -0.0295 2   DG  A OP2   
20  O  "O5'" . DG  A 2  ? 0.2987 0.2973 0.4419 -0.0511 -0.0117 0.0030  2   DG  A "O5'" 
21  C  "C5'" . DG  A 2  ? 0.2888 0.2771 0.4688 -0.0430 0.0109  -0.0003 2   DG  A "C5'" 
22  C  "C4'" . DG  A 2  ? 0.2899 0.2317 0.2973 -0.0083 0.0057  0.0575  2   DG  A "C4'" 
23  O  "O4'" . DG  A 2  ? 0.4144 0.2763 0.2628 0.0946  0.0891  0.0633  2   DG  A "O4'" 
24  C  "C3'" . DG  A 2  ? 0.2847 0.2999 0.2536 -0.0360 -0.0241 0.0722  2   DG  A "C3'" 
25  O  "O3'" . DG  A 2  ? 0.3728 0.3239 0.2840 -0.0912 0.0129  0.0580  2   DG  A "O3'" 
26  C  "C2'" . DG  A 2  ? 0.2529 0.3266 0.2178 -0.0199 0.0143  0.0681  2   DG  A "C2'" 
27  C  "C1'" . DG  A 2  ? 0.3197 0.2449 0.2117 0.0095  -0.0205 0.0184  2   DG  A "C1'" 
28  N  N9    . DG  A 2  ? 0.2180 0.2392 0.2073 -0.0189 -0.0132 0.0184  2   DG  A N9    
29  C  C8    . DG  A 2  ? 0.1828 0.2516 0.1847 -0.0263 0.0092  0.0095  2   DG  A C8    
30  N  N7    . DG  A 2  ? 0.1654 0.2436 0.1860 -0.0224 0.0170  0.0047  2   DG  A N7    
31  C  C5    . DG  A 2  ? 0.1557 0.2256 0.1623 -0.0093 0.0362  -0.0017 2   DG  A C5    
32  C  C6    . DG  A 2  ? 0.1519 0.1996 0.1594 -0.0088 0.0440  -0.0089 2   DG  A C6    
33  O  O6    . DG  A 2  ? 0.1875 0.1916 0.1882 -0.0137 0.0261  -0.0126 2   DG  A O6    
34  N  N1    . DG  A 2  ? 0.1502 0.1830 0.1722 0.0210  0.0360  -0.0220 2   DG  A N1    
35  C  C2    . DG  A 2  ? 0.1467 0.1829 0.1866 0.0161  0.0212  -0.0107 2   DG  A C2    
36  N  N2    . DG  A 2  ? 0.1769 0.1921 0.1900 0.0019  0.0104  -0.0042 2   DG  A N2    
37  N  N3    . DG  A 2  ? 0.1674 0.2160 0.1920 0.0060  0.0105  0.0035  2   DG  A N3    
38  C  C4    . DG  A 2  ? 0.1302 0.2221 0.1762 0.0042  0.0328  -0.0010 2   DG  A C4    
39  P  P     . DC  A 3  ? 0.3137 0.3210 0.2306 -0.0488 -0.0175 0.0601  3   DC  A P     
40  O  OP1   . DC  A 3  ? 0.4216 0.3694 0.4013 -0.0188 -0.0971 0.1584  3   DC  A OP1   
41  O  OP2   . DC  A 3  ? 0.4398 0.5352 0.2471 -0.0412 -0.0393 -0.0392 3   DC  A OP2   
42  O  "O5'" . DC  A 3  ? 0.2783 0.4376 0.1944 0.0099  0.0120  0.0018  3   DC  A "O5'" 
43  C  "C5'" . DC  A 3  ? 0.2231 0.2716 0.2535 0.0432  0.0129  -0.0149 3   DC  A "C5'" 
44  C  "C4'" . DC  A 3  ? 0.2159 0.2547 0.2104 0.0246  0.0206  -0.0067 3   DC  A "C4'" 
45  O  "O4'" . DC  A 3  ? 0.1983 0.2704 0.2226 0.0219  0.0366  -0.0003 3   DC  A "O4'" 
46  C  "C3'" . DC  A 3  ? 0.2132 0.2838 0.2563 0.0144  0.0394  0.0098  3   DC  A "C3'" 
47  O  "O3'" . DC  A 3  ? 0.2442 0.2519 0.4510 0.0040  0.0132  0.0568  3   DC  A "O3'" 
48  C  "C2'" . DC  A 3  ? 0.1955 0.2522 0.5328 0.0074  0.0611  0.0490  3   DC  A "C2'" 
49  C  "C1'" . DC  A 3  ? 0.1934 0.2451 0.3210 0.0066  0.0042  0.0079  3   DC  A "C1'" 
50  N  N1    . DC  A 3  ? 0.1705 0.2569 0.2210 0.0041  0.0216  0.0160  3   DC  A N1    
51  C  C2    . DC  A 3  ? 0.1767 0.2414 0.1742 0.0282  0.0439  -0.0161 3   DC  A C2    
52  O  O2    . DC  A 3  ? 0.1861 0.2467 0.2023 0.0298  0.0187  -0.0157 3   DC  A O2    
53  N  N3    . DC  A 3  ? 0.1564 0.2482 0.2063 0.0193  0.0427  -0.0237 3   DC  A N3    
54  C  C4    . DC  A 3  ? 0.1678 0.2456 0.1938 0.0297  0.0488  -0.0256 3   DC  A C4    
55  N  N4    . DC  A 3  ? 0.2041 0.2554 0.2123 0.0115  0.0588  -0.0421 3   DC  A N4    
56  C  C5    . DC  A 3  ? 0.2294 0.2736 0.2226 0.0351  0.0206  -0.0128 3   DC  A C5    
57  C  C6    . DC  A 3  ? 0.1940 0.2599 0.2233 0.0172  0.0093  0.0273  3   DC  A C6    
58  P  P     . DG  A 4  ? 0.2502 0.5116 0.5465 -0.0597 0.0029  0.2048  4   DG  A P     
59  O  OP1   . DG  A 4  ? 0.3289 0.4643 1.1291 -0.0822 -0.1020 0.4449  4   DG  A OP1   
60  O  OP2   . DG  A 4  ? 0.3675 1.0813 0.3805 -0.0377 0.0522  0.2597  4   DG  A OP2   
61  O  "O5'" . DG  A 4  ? 0.2330 0.3315 0.3599 -0.0101 0.0882  0.0584  4   DG  A "O5'" 
62  C  "C5'" . DG  A 4  ? 0.2283 0.2711 0.4316 0.0259  0.0374  -0.0409 4   DG  A "C5'" 
63  C  "C4'" . DG  A 4  ? 0.2454 0.2757 0.3748 0.0379  0.0485  -0.0430 4   DG  A "C4'" 
64  O  "O4'" . DG  A 4  ? 0.2688 0.2776 0.3742 0.0366  0.1170  0.0008  4   DG  A "O4'" 
65  C  "C3'" . DG  A 4  ? 0.2274 0.2859 0.4650 0.0293  0.0725  0.0310  4   DG  A "C3'" 
66  O  "O3'" . DG  A 4  ? 0.2549 0.4741 0.5623 0.0979  0.0252  0.0557  4   DG  A "O3'" 
67  C  "C2'" . DG  A 4  ? 0.3336 0.2831 0.4455 0.0461  0.1939  0.0160  4   DG  A "C2'" 
68  C  "C1'" . DG  A 4  ? 0.3388 0.2300 0.3788 0.0680  0.1313  0.0370  4   DG  A "C1'" 
69  N  N9    . DG  A 4  ? 0.2686 0.2656 0.3370 0.0854  0.1531  0.0187  4   DG  A N9    
70  C  C8    . DG  A 4  ? 0.3199 0.3248 0.3231 0.0694  0.1575  0.0635  4   DG  A C8    
71  N  N7    . DG  A 4  ? 0.2985 0.3229 0.2634 0.1007  0.1508  0.0448  4   DG  A N7    
72  C  C5    . DG  A 4  ? 0.2611 0.3087 0.2217 0.0725  0.1255  0.0210  4   DG  A C5    
73  C  C6    . DG  A 4  ? 0.1874 0.3223 0.2254 0.0577  0.1015  0.0233  4   DG  A C6    
74  O  O6    . DG  A 4  ? 0.2052 0.3560 0.2317 0.0726  0.0715  0.0119  4   DG  A O6    
75  N  N1    . DG  A 4  ? 0.1675 0.2905 0.2136 0.0256  0.0942  0.0071  4   DG  A N1    
76  C  C2    . DG  A 4  ? 0.1707 0.2740 0.2591 0.0186  0.0813  0.0000  4   DG  A C2    
77  N  N2    . DG  A 4  ? 0.1876 0.2526 0.2585 0.0312  0.0495  -0.0234 4   DG  A N2    
78  N  N3    . DG  A 4  ? 0.2038 0.2653 0.2773 0.0199  0.0937  -0.0016 4   DG  A N3    
79  C  C4    . DG  A 4  ? 0.2242 0.2667 0.2842 0.0780  0.1256  -0.0008 4   DG  A C4    
80  P  P     . DA  A 5  ? 0.2359 0.3982 0.5933 -0.0021 0.0321  0.1317  5   DA  A P     
81  O  OP1   . DA  A 5  ? 0.4088 0.3883 0.9392 -0.1307 0.1093  -0.0578 5   DA  A OP1   
82  O  OP2   . DA  A 5  ? 0.2327 0.7879 0.6246 -0.0173 0.0209  0.3789  5   DA  A OP2   
83  O  "O5'" . DA  A 5  ? 0.1826 0.3597 0.3392 0.0036  0.0109  0.0231  5   DA  A "O5'" 
84  C  "C5'" . DA  A 5  ? 0.2361 0.2815 0.3129 0.0208  0.0633  -0.0581 5   DA  A "C5'" 
85  C  "C4'" . DA  A 5  ? 0.2204 0.2853 0.2807 0.0314  0.0552  -0.0478 5   DA  A "C4'" 
86  O  "O4'" . DA  A 5  ? 0.2406 0.3225 0.3158 -0.0176 0.1021  -0.1018 5   DA  A "O4'" 
87  C  "C3'" . DA  A 5  ? 0.2258 0.3148 0.2758 0.0477  0.0398  -0.0562 5   DA  A "C3'" 
88  O  "O3'" . DA  A 5  ? 0.1900 0.3075 0.2491 0.0237  0.0283  -0.0801 5   DA  A "O3'" 
89  C  "C2'" . DA  A 5  ? 0.2141 0.3462 0.2387 0.0433  0.0518  -0.0300 5   DA  A "C2'" 
90  C  "C1'" . DA  A 5  ? 0.2422 0.2770 0.2336 0.0322  0.0564  -0.0299 5   DA  A "C1'" 
91  N  N9    . DA  A 5  ? 0.2170 0.2733 0.2446 0.0290  0.0582  -0.0221 5   DA  A N9    
92  C  C8    . DA  A 5  ? 0.1862 0.2824 0.2283 0.0336  0.0787  -0.0249 5   DA  A C8    
93  N  N7    . DA  A 5  ? 0.1824 0.2970 0.2413 0.0299  0.0687  -0.0218 5   DA  A N7    
94  C  C5    . DA  A 5  ? 0.1637 0.3001 0.2536 0.0226  0.0785  -0.0194 5   DA  A C5    
95  C  C6    . DA  A 5  ? 0.1449 0.3079 0.2418 0.0219  0.0942  -0.0247 5   DA  A C6    
96  N  N6    . DA  A 5  ? 0.1592 0.3262 0.2359 0.0114  0.0927  -0.0211 5   DA  A N6    
97  N  N1    . DA  A 5  ? 0.1694 0.3102 0.2430 0.0085  0.0866  -0.0223 5   DA  A N1    
98  C  C2    . DA  A 5  ? 0.1513 0.3175 0.2887 -0.0069 0.0610  0.0019  5   DA  A C2    
99  N  N3    . DA  A 5  ? 0.1777 0.2756 0.2448 0.0280  0.0819  -0.0319 5   DA  A N3    
100 C  C4    . DA  A 5  ? 0.1912 0.2729 0.2275 0.0408  0.0873  -0.0403 5   DA  A C4    
101 P  P     . DA  A 6  ? 0.1904 0.2991 0.2501 0.0189  0.0245  -0.0636 6   DA  A P     
102 O  OP1   . DA  A 6  ? 0.2077 0.3454 0.2329 0.0341  0.0075  -0.1043 6   DA  A OP1   
103 O  OP2   . DA  A 6  ? 0.1817 0.2870 0.3041 0.0232  0.0301  -0.0479 6   DA  A OP2   
104 O  "O5'" . DA  A 6  ? 0.2058 0.2886 0.1966 0.0136  0.0398  -0.0583 6   DA  A "O5'" 
105 C  "C5'" . DA  A 6  ? 0.2146 0.3083 0.1808 0.0031  0.0368  -0.0449 6   DA  A "C5'" 
106 C  "C4'" . DA  A 6  ? 0.1969 0.2828 0.1551 0.0045  0.0317  -0.0241 6   DA  A "C4'" 
107 O  "O4'" . DA  A 6  ? 0.1856 0.3432 0.1672 0.0045  0.0352  -0.0224 6   DA  A "O4'" 
108 C  "C3'" . DA  A 6  ? 0.1919 0.2696 0.1648 0.0091  0.0169  -0.0255 6   DA  A "C3'" 
109 O  "O3'" . DA  A 6  ? 0.2109 0.2768 0.1887 0.0160  0.0149  -0.0075 6   DA  A "O3'" 
110 C  "C2'" . DA  A 6  ? 0.1668 0.2798 0.1546 0.0181  0.0215  -0.0260 6   DA  A "C2'" 
111 C  "C1'" . DA  A 6  ? 0.1759 0.2666 0.1590 0.0007  0.0209  -0.0191 6   DA  A "C1'" 
112 N  N9    . DA  A 6  ? 0.1541 0.2386 0.1639 0.0094  0.0311  -0.0259 6   DA  A N9    
113 C  C8    . DA  A 6  ? 0.1746 0.2412 0.1797 0.0209  0.0372  -0.0296 6   DA  A C8    
114 N  N7    . DA  A 6  ? 0.1562 0.2650 0.1829 0.0228  0.0499  -0.0035 6   DA  A N7    
115 C  C5    . DA  A 6  ? 0.1569 0.2718 0.1505 0.0256  0.0457  -0.0259 6   DA  A C5    
116 C  C6    . DA  A 6  ? 0.1152 0.3101 0.1630 0.0200  0.0526  -0.0016 6   DA  A C6    
117 N  N6    . DA  A 6  ? 0.1713 0.3159 0.1658 0.0404  0.0410  -0.0111 6   DA  A N6    
118 N  N1    . DA  A 6  ? 0.1274 0.3178 0.1641 0.0078  0.0327  -0.0136 6   DA  A N1    
119 C  C2    . DA  A 6  ? 0.1069 0.3017 0.1819 -0.0012 0.0321  -0.0121 6   DA  A C2    
120 N  N3    . DA  A 6  ? 0.1627 0.2801 0.1640 -0.0121 0.0154  -0.0101 6   DA  A N3    
121 C  C4    . DA  A 6  ? 0.1692 0.2587 0.1623 0.0108  0.0206  -0.0266 6   DA  A C4    
122 P  P     . TFT A 7  ? 0.2217 0.2946 0.2008 0.0366  -0.0144 -0.0473 7   TFT A P     
123 O  OP1   . TFT A 7  ? 0.2823 0.3088 0.2307 0.0567  -0.0668 -0.0272 7   TFT A OP1   
124 O  OP2   . TFT A 7  ? 0.1926 0.3196 0.2076 0.0213  -0.0043 -0.0874 7   TFT A OP2   
125 O  O3T   . TFT A 7  ? 0.1834 0.2917 0.1941 0.0181  -0.0213 -0.0403 7   TFT A O3T   
126 N  N1    . TFT A 7  ? 0.1711 0.2571 0.1762 0.0036  0.0129  -0.0468 7   TFT A N1    
127 C  C6    . TFT A 7  ? 0.1871 0.2532 0.1579 0.0069  0.0104  -0.0597 7   TFT A C6    
128 C  C2    . TFT A 7  ? 0.1329 0.2836 0.1692 0.0010  0.0239  -0.0350 7   TFT A C2    
129 O  O2    . TFT A 7  ? 0.1783 0.2813 0.1890 -0.0121 0.0095  -0.0348 7   TFT A O2    
130 N  N3    . TFT A 7  ? 0.1366 0.2934 0.1601 -0.0080 0.0391  -0.0348 7   TFT A N3    
131 C  C4    . TFT A 7  ? 0.1603 0.2963 0.1162 -0.0186 0.0545  -0.0270 7   TFT A C4    
132 O  O4    . TFT A 7  ? 0.1806 0.3185 0.1459 -0.0118 0.0576  0.0000  7   TFT A O4    
133 C  C5    . TFT A 7  ? 0.1404 0.2825 0.1694 -0.0118 0.0346  -0.0290 7   TFT A C5    
134 C  C5M   . TFT A 7  ? 0.1741 0.3042 0.1826 -0.0381 0.0270  -0.0127 7   TFT A C5M   
135 C  C2T   . TFT A 7  ? 0.1951 0.2691 0.2310 0.0135  -0.0300 -0.0504 7   TFT A C2T   
136 C  C4T   . TFT A 7  ? 0.2310 0.2353 0.2065 -0.0069 -0.0211 -0.0143 7   TFT A C4T   
137 O  O4T   . TFT A 7  ? 0.1905 0.2622 0.1830 -0.0064 0.0040  -0.0105 7   TFT A O4T   
138 C  C1T   . TFT A 7  ? 0.1819 0.2622 0.1941 0.0038  0.0069  -0.0348 7   TFT A C1T   
139 C  C3T   . TFT A 7  ? 0.2237 0.2856 0.2342 0.0154  -0.0342 -0.0346 7   TFT A C3T   
140 O  O2T   . TFT A 7  ? 0.2734 0.2806 0.3371 0.0351  -0.0454 -0.0922 7   TFT A O2T   
141 P  P     . DT  A 8  ? 0.3129 0.2853 0.1878 0.0618  -0.0453 -0.0510 8   DT  A P     
142 O  OP1   . DT  A 8  ? 0.3738 0.4092 0.2322 0.0798  -0.0818 0.0182  8   DT  A OP1   
143 O  OP2   . DT  A 8  ? 0.2741 0.3483 0.2699 0.0441  -0.0471 -0.0590 8   DT  A OP2   
144 O  "O5'" . DT  A 8  ? 0.3953 0.2757 0.1849 0.0021  -0.0448 -0.0337 8   DT  A "O5'" 
145 C  "C5'" . DT  A 8  ? 0.4756 0.3080 0.1808 -0.0950 -0.0446 -0.0011 8   DT  A "C5'" 
146 C  "C4'" . DT  A 8  ? 0.3816 0.2750 0.1812 -0.0392 -0.0163 0.0023  8   DT  A "C4'" 
147 O  "O4'" . DT  A 8  ? 0.2877 0.2622 0.2243 -0.0303 0.0253  -0.0149 8   DT  A "O4'" 
148 C  "C3'" . DT  A 8  ? 0.3366 0.2373 0.2044 -0.0222 -0.0438 -0.0158 8   DT  A "C3'" 
149 O  "O3'" . DT  A 8  ? 0.3408 0.2952 0.1998 -0.0651 -0.0427 -0.0111 8   DT  A "O3'" 
150 C  "C2'" . DT  A 8  ? 0.2619 0.2473 0.1989 -0.0049 -0.0250 -0.0227 8   DT  A "C2'" 
151 C  "C1'" . DT  A 8  ? 0.2479 0.2415 0.1994 -0.0254 -0.0217 0.0036  8   DT  A "C1'" 
152 N  N1    . DT  A 8  ? 0.1781 0.2443 0.1924 -0.0077 -0.0209 -0.0147 8   DT  A N1    
153 C  C2    . DT  A 8  ? 0.1283 0.2383 0.1793 -0.0058 0.0071  -0.0097 8   DT  A C2    
154 O  O2    . DT  A 8  ? 0.1681 0.2512 0.2078 -0.0285 -0.0288 -0.0117 8   DT  A O2    
155 N  N3    . DT  A 8  ? 0.1434 0.2410 0.1534 -0.0083 -0.0039 -0.0212 8   DT  A N3    
156 C  C4    . DT  A 8  ? 0.1305 0.2619 0.1451 -0.0226 0.0266  -0.0239 8   DT  A C4    
157 O  O4    . DT  A 8  ? 0.1484 0.2553 0.1673 -0.0302 0.0230  -0.0178 8   DT  A O4    
158 C  C5    . DT  A 8  ? 0.1440 0.2518 0.1620 0.0167  -0.0043 -0.0465 8   DT  A C5    
159 C  C7    . DT  A 8  ? 0.1617 0.3166 0.1708 -0.0176 -0.0086 -0.0354 8   DT  A C7    
160 C  C6    . DT  A 8  ? 0.1797 0.2568 0.1553 0.0030  -0.0087 -0.0343 8   DT  A C6    
161 P  P     . DC  A 9  ? 0.3621 0.2555 0.2504 -0.0090 -0.0693 -0.0344 9   DC  A P     
162 O  OP1   . DC  A 9  ? 0.5364 0.2798 0.2830 -0.0909 -0.0670 -0.0264 9   DC  A OP1   
163 O  OP2   . DC  A 9  ? 0.3543 0.3634 0.3718 0.0967  -0.1203 -0.1305 9   DC  A OP2   
164 O  "O5'" . DC  A 9  ? 0.2755 0.3014 0.2043 -0.0064 -0.0398 -0.0183 9   DC  A "O5'" 
165 C  "C5'" . DC  A 9  ? 0.2527 0.3309 0.1770 -0.0451 -0.0057 0.0043  9   DC  A "C5'" 
166 C  "C4'" . DC  A 9  ? 0.2391 0.2310 0.1965 -0.0378 -0.0207 -0.0132 9   DC  A "C4'" 
167 O  "O4'" . DC  A 9  ? 0.2158 0.2692 0.2173 -0.0593 -0.0255 -0.0304 9   DC  A "O4'" 
168 C  "C3'" . DC  A 9  ? 0.2619 0.2560 0.1786 -0.0494 -0.0044 -0.0052 9   DC  A "C3'" 
169 O  "O3'" . DC  A 9  ? 0.2908 0.3172 0.1896 -0.1014 -0.0260 0.0063  9   DC  A "O3'" 
170 C  "C2'" . DC  A 9  ? 0.2829 0.2526 0.1943 -0.0756 -0.0090 -0.0210 9   DC  A "C2'" 
171 C  "C1'" . DC  A 9  ? 0.2438 0.2611 0.1986 -0.0605 -0.0360 0.0019  9   DC  A "C1'" 
172 N  N1    . DC  A 9  ? 0.2001 0.2176 0.1961 -0.0199 -0.0240 -0.0116 9   DC  A N1    
173 C  C2    . DC  A 9  ? 0.1804 0.2113 0.1631 0.0014  0.0007  -0.0328 9   DC  A C2    
174 O  O2    . DC  A 9  ? 0.1810 0.2344 0.1729 -0.0293 -0.0116 -0.0067 9   DC  A O2    
175 N  N3    . DC  A 9  ? 0.1692 0.2355 0.1615 -0.0261 0.0014  -0.0150 9   DC  A N3    
176 C  C4    . DC  A 9  ? 0.1409 0.2616 0.1694 -0.0224 0.0169  -0.0023 9   DC  A C4    
177 N  N4    . DC  A 9  ? 0.1412 0.2536 0.1735 -0.0143 0.0152  -0.0171 9   DC  A N4    
178 C  C5    . DC  A 9  ? 0.1827 0.2447 0.1674 -0.0182 0.0045  -0.0166 9   DC  A C5    
179 C  C6    . DC  A 9  ? 0.1920 0.2353 0.1927 -0.0047 -0.0185 -0.0177 9   DC  A C6    
180 P  P     . DG  A 10 ? 0.2959 0.3111 0.2211 -0.0978 -0.0298 -0.0167 10  DG  A P     
181 O  OP1   . DG  A 10 ? 0.3062 0.4608 0.3017 -0.1601 -0.0541 -0.0379 10  DG  A OP1   
182 O  OP2   . DG  A 10 ? 0.5075 0.3129 0.2742 -0.0367 -0.1227 -0.0316 10  DG  A OP2   
183 O  "O5'" . DG  A 10 ? 0.3225 0.3327 0.1921 -0.1143 -0.0265 -0.0340 10  DG  A "O5'" 
184 C  "C5'" . DG  A 10 ? 0.2883 0.3365 0.2510 -0.1407 -0.0122 0.0064  10  DG  A "C5'" 
185 C  "C4'" . DG  A 10 ? 0.2867 0.3853 0.2007 -0.1514 -0.0176 -0.0146 10  DG  A "C4'" 
186 O  "O4'" . DG  A 10 ? 0.2459 0.3063 0.2083 -0.0897 -0.0230 -0.0137 10  DG  A "O4'" 
187 C  "C3'" . DG  A 10 ? 0.3475 0.3508 0.1905 -0.1600 -0.0067 -0.0151 10  DG  A "C3'" 
188 O  "O3'" . DG  A 10 ? 0.3447 0.4026 0.1855 -0.1626 -0.0126 0.0005  10  DG  A "O3'" 
189 C  "C2'" . DG  A 10 ? 0.3665 0.2618 0.2184 -0.1016 -0.0111 -0.0293 10  DG  A "C2'" 
190 C  "C1'" . DG  A 10 ? 0.2699 0.2818 0.2133 -0.0696 -0.0159 -0.0507 10  DG  A "C1'" 
191 N  N9    . DG  A 10 ? 0.2242 0.2455 0.2106 -0.0550 0.0047  -0.0205 10  DG  A N9    
192 C  C8    . DG  A 10 ? 0.2897 0.2292 0.2133 -0.0161 -0.0003 -0.0399 10  DG  A C8    
193 N  N7    . DG  A 10 ? 0.2343 0.2388 0.2160 -0.0262 0.0123  -0.0175 10  DG  A N7    
194 C  C5    . DG  A 10 ? 0.1936 0.2332 0.1748 -0.0021 0.0154  -0.0406 10  DG  A C5    
195 C  C6    . DG  A 10 ? 0.1900 0.2422 0.1558 -0.0149 0.0184  -0.0357 10  DG  A C6    
196 O  O6    . DG  A 10 ? 0.1934 0.3320 0.1522 -0.0268 0.0068  -0.0287 10  DG  A O6    
197 N  N1    . DG  A 10 ? 0.1777 0.2506 0.1540 -0.0242 0.0282  -0.0293 10  DG  A N1    
198 C  C2    . DG  A 10 ? 0.1811 0.2353 0.1679 -0.0181 0.0149  -0.0417 10  DG  A C2    
199 N  N2    . DG  A 10 ? 0.1778 0.2347 0.1835 -0.0399 0.0100  -0.0230 10  DG  A N2    
200 N  N3    . DG  A 10 ? 0.2007 0.2368 0.1634 -0.0402 0.0137  -0.0249 10  DG  A N3    
201 C  C4    . DG  A 10 ? 0.1884 0.2303 0.1761 -0.0174 0.0183  -0.0443 10  DG  A C4    
202 P  P     . DC  A 11 ? 0.3819 0.4080 0.2079 -0.1806 -0.0326 -0.0123 11  DC  A P     
203 O  OP1   . DC  A 11 ? 0.4110 0.5283 0.2707 -0.2666 -0.0608 0.0409  11  DC  A OP1   
204 O  OP2   . DC  A 11 ? 0.5901 0.3964 0.2506 -0.1742 0.0307  -0.0641 11  DC  A OP2   
205 O  "O5'" . DC  A 11 ? 0.2963 0.4160 0.2099 -0.1510 -0.0362 0.0031  11  DC  A "O5'" 
206 C  "C5'" . DC  A 11 ? 0.2516 0.4524 0.2395 -0.1230 -0.0046 0.0343  11  DC  A "C5'" 
207 C  "C4'" . DC  A 11 ? 0.2412 0.4113 0.1730 -0.0884 -0.0243 0.0022  11  DC  A "C4'" 
208 O  "O4'" . DC  A 11 ? 0.2207 0.3960 0.1855 -0.0476 -0.0181 -0.0121 11  DC  A "O4'" 
209 C  "C3'" . DC  A 11 ? 0.2374 0.3790 0.1996 -0.0667 -0.0150 0.0309  11  DC  A "C3'" 
210 O  "O3'" . DC  A 11 ? 0.2577 0.3900 0.2662 -0.0456 -0.0144 0.0427  11  DC  A "O3'" 
211 C  "C2'" . DC  A 11 ? 0.2416 0.3578 0.1900 -0.0576 -0.0151 -0.0402 11  DC  A "C2'" 
212 C  "C1'" . DC  A 11 ? 0.2457 0.3256 0.1820 -0.0695 -0.0147 0.0141  11  DC  A "C1'" 
213 N  N1    . DC  A 11 ? 0.2263 0.2812 0.1655 -0.0591 0.0020  -0.0417 11  DC  A N1    
214 C  C2    . DC  A 11 ? 0.1849 0.2565 0.1869 -0.0458 0.0244  -0.0338 11  DC  A C2    
215 O  O2    . DC  A 11 ? 0.2016 0.2536 0.1641 -0.0453 0.0090  -0.0134 11  DC  A O2    
216 N  N3    . DC  A 11 ? 0.1721 0.2468 0.1874 -0.0416 0.0328  -0.0250 11  DC  A N3    
217 C  C4    . DC  A 11 ? 0.1871 0.2508 0.2278 -0.0522 0.0155  -0.0236 11  DC  A C4    
218 N  N4    . DC  A 11 ? 0.2170 0.2532 0.2041 -0.0435 0.0121  -0.0124 11  DC  A N4    
219 C  C5    . DC  A 11 ? 0.2261 0.2697 0.2592 -0.0581 -0.0096 -0.0481 11  DC  A C5    
220 C  C6    . DC  A 11 ? 0.2439 0.2789 0.2494 -0.0709 -0.0216 -0.0286 11  DC  A C6    
221 P  P     . DG  A 12 ? 0.3386 0.4267 0.3157 -0.1205 -0.0370 0.1110  12  DG  A P     
222 O  OP1   . DG  A 12 ? 0.3489 0.5796 0.4503 -0.0147 -0.1059 0.1923  12  DG  A OP1   
223 O  OP2   . DG  A 12 ? 0.5632 0.6089 0.2684 -0.2893 -0.0416 0.0763  12  DG  A OP2   
224 O  "O5'" . DG  A 12 ? 0.3605 0.3641 0.2888 -0.0955 0.0327  0.0103  12  DG  A "O5'" 
225 C  "C5'" . DG  A 12 ? 0.3306 0.3826 0.2846 -0.0926 0.0883  -0.0506 12  DG  A "C5'" 
226 C  "C4'" . DG  A 12 ? 0.2800 0.2743 0.2064 -0.0065 0.0289  -0.0050 12  DG  A "C4'" 
227 O  "O4'" . DG  A 12 ? 0.4672 0.3899 0.1882 0.1576  0.0405  -0.0117 12  DG  A "O4'" 
228 C  "C3'" . DG  A 12 ? 0.2419 0.2358 0.1939 -0.0466 -0.0003 -0.0070 12  DG  A "C3'" 
229 O  "O3'" . DG  A 12 ? 0.2687 0.2598 0.2299 -0.0386 0.0039  0.0283  12  DG  A "O3'" 
230 C  "C2'" . DG  A 12 ? 0.2648 0.2264 0.1656 -0.0368 0.0018  -0.0179 12  DG  A "C2'" 
231 C  "C1'" . DG  A 12 ? 0.2984 0.2456 0.1718 -0.0056 0.0057  0.0116  12  DG  A "C1'" 
232 N  N9    . DG  A 12 ? 0.2385 0.2271 0.1766 -0.0265 0.0079  -0.0047 12  DG  A N9    
233 C  C8    . DG  A 12 ? 0.2299 0.2476 0.2294 -0.0476 0.0160  0.0128  12  DG  A C8    
234 N  N7    . DG  A 12 ? 0.2439 0.2322 0.2339 -0.0319 0.0221  0.0038  12  DG  A N7    
235 C  C5    . DG  A 12 ? 0.2072 0.2119 0.2087 -0.0108 0.0442  0.0022  12  DG  A C5    
236 C  C6    . DG  A 12 ? 0.2046 0.2251 0.2284 0.0014  0.0454  0.0204  12  DG  A C6    
237 O  O6    . DG  A 12 ? 0.2492 0.2498 0.2674 -0.0104 0.0382  0.0561  12  DG  A O6    
238 N  N1    . DG  A 12 ? 0.2208 0.2328 0.1557 0.0104  0.0443  0.0207  12  DG  A N1    
239 C  C2    . DG  A 12 ? 0.2441 0.2265 0.1200 -0.0026 0.0310  0.0065  12  DG  A C2    
240 N  N2    . DG  A 12 ? 0.2650 0.2304 0.1643 0.0176  0.0035  -0.0183 12  DG  A N2    
241 N  N3    . DG  A 12 ? 0.2315 0.2007 0.1458 -0.0049 0.0257  0.0002  12  DG  A N3    
242 C  C4    . DG  A 12 ? 0.1963 0.2150 0.1914 0.0016  0.0310  -0.0035 12  DG  A C4    
243 O  "O5'" . DC  B 1  ? 0.4122 0.5994 0.9531 0.0059  -0.2381 0.2750  113 DC  B "O5'" 
244 C  "C5'" . DC  B 1  ? 0.4810 0.4445 0.4217 0.0940  -0.1716 0.0151  113 DC  B "C5'" 
245 C  "C4'" . DC  B 1  ? 0.3005 0.4388 0.3878 0.0867  -0.0930 -0.0256 113 DC  B "C4'" 
246 O  "O4'" . DC  B 1  ? 0.2561 0.3174 0.3231 0.0044  -0.0287 0.0008  113 DC  B "O4'" 
247 C  "C3'" . DC  B 1  ? 0.3340 0.4504 0.3293 -0.0201 -0.0737 -0.0090 113 DC  B "C3'" 
248 O  "O3'" . DC  B 1  ? 0.3333 0.4326 0.4760 -0.0135 -0.1322 -0.0484 113 DC  B "O3'" 
249 C  "C2'" . DC  B 1  ? 0.3239 0.5133 0.2344 -0.0243 -0.0305 0.0965  113 DC  B "C2'" 
250 C  "C1'" . DC  B 1  ? 0.2693 0.3513 0.2484 0.0102  -0.0183 0.0518  113 DC  B "C1'" 
251 N  N1    . DC  B 1  ? 0.2571 0.3255 0.2618 0.0062  -0.0091 0.0971  113 DC  B N1    
252 C  C2    . DC  B 1  ? 0.2356 0.2894 0.1638 0.0289  0.0385  0.0265  113 DC  B C2    
253 O  O2    . DC  B 1  ? 0.2471 0.2843 0.2034 0.0355  0.0108  0.0324  113 DC  B O2    
254 N  N3    . DC  B 1  ? 0.2833 0.2649 0.1883 0.0357  0.0018  0.0167  113 DC  B N3    
255 C  C4    . DC  B 1  ? 0.2861 0.2733 0.2120 0.0372  0.0313  0.0346  113 DC  B C4    
256 N  N4    . DC  B 1  ? 0.3200 0.2546 0.3150 0.0415  -0.0039 -0.0069 113 DC  B N4    
257 C  C5    . DC  B 1  ? 0.3188 0.2925 0.2637 0.0286  -0.0059 0.0681  113 DC  B C5    
258 C  C6    . DC  B 1  ? 0.2898 0.3199 0.3810 0.0190  -0.0342 0.1087  113 DC  B C6    
259 P  P     . DG  B 2  ? 0.3260 0.4442 0.4422 -0.0884 -0.0409 -0.0194 114 DG  B P     
260 O  OP1   . DG  B 2  ? 0.3764 0.6038 0.6922 -0.1953 -0.0195 -0.1592 114 DG  B OP1   
261 O  OP2   . DG  B 2  ? 0.7982 0.4101 0.4895 -0.0137 -0.0324 0.0567  114 DG  B OP2   
262 O  "O5'" . DG  B 2  ? 0.3669 0.4440 0.3907 -0.0535 -0.0993 -0.0852 114 DG  B "O5'" 
263 C  "C5'" . DG  B 2  ? 0.3090 0.3763 0.3457 -0.0254 0.0057  -0.1281 114 DG  B "C5'" 
264 C  "C4'" . DG  B 2  ? 0.2888 0.3140 0.2678 -0.0816 0.0411  -0.0429 114 DG  B "C4'" 
265 O  "O4'" . DG  B 2  ? 0.3057 0.3044 0.2463 -0.0926 0.0746  -0.0290 114 DG  B "O4'" 
266 C  "C3'" . DG  B 2  ? 0.2356 0.3844 0.2655 -0.0691 -0.0085 -0.0823 114 DG  B "C3'" 
267 O  "O3'" . DG  B 2  ? 0.3118 0.3508 0.2611 -0.1222 0.0684  -0.1065 114 DG  B "O3'" 
268 C  "C2'" . DG  B 2  ? 0.2832 0.3358 0.1884 -0.0873 0.0035  -0.0518 114 DG  B "C2'" 
269 C  "C1'" . DG  B 2  ? 0.2717 0.2748 0.2175 -0.0550 0.0072  -0.0622 114 DG  B "C1'" 
270 N  N9    . DG  B 2  ? 0.2251 0.2974 0.1789 -0.0646 -0.0225 -0.0154 114 DG  B N9    
271 C  C8    . DG  B 2  ? 0.2208 0.3083 0.1739 -0.0390 -0.0169 -0.0192 114 DG  B C8    
272 N  N7    . DG  B 2  ? 0.1990 0.3093 0.1891 -0.0381 -0.0218 0.0146  114 DG  B N7    
273 C  C5    . DG  B 2  ? 0.1882 0.2442 0.1595 -0.0159 0.0012  -0.0169 114 DG  B C5    
274 C  C6    . DG  B 2  ? 0.1751 0.2209 0.1652 -0.0055 0.0156  -0.0360 114 DG  B C6    
275 O  O6    . DG  B 2  ? 0.2200 0.2360 0.1843 -0.0253 0.0137  -0.0136 114 DG  B O6    
276 N  N1    . DG  B 2  ? 0.1499 0.2398 0.1590 -0.0285 0.0266  -0.0199 114 DG  B N1    
277 C  C2    . DG  B 2  ? 0.1700 0.2407 0.1512 -0.0337 0.0229  -0.0176 114 DG  B C2    
278 N  N2    . DG  B 2  ? 0.1921 0.2412 0.1459 -0.0466 0.0146  -0.0274 114 DG  B N2    
279 N  N3    . DG  B 2  ? 0.1908 0.2449 0.1649 -0.0451 0.0088  -0.0010 114 DG  B N3    
280 C  C4    . DG  B 2  ? 0.1921 0.2503 0.1731 -0.0319 -0.0029 -0.0173 114 DG  B C4    
281 P  P     . DC  B 3  ? 0.3032 0.3665 0.2560 -0.1186 0.0685  -0.1024 115 DC  B P     
282 O  OP1   . DC  B 3  ? 0.3540 0.3706 0.3719 -0.1525 0.1432  -0.1557 115 DC  B OP1   
283 O  OP2   . DC  B 3  ? 0.2987 0.4806 0.2408 -0.1048 0.0365  -0.1137 115 DC  B OP2   
284 O  "O5'" . DC  B 3  ? 0.3045 0.3792 0.2118 -0.1158 0.0648  -0.0720 115 DC  B "O5'" 
285 C  "C5'" . DC  B 3  ? 0.3336 0.3435 0.2031 -0.1604 0.0861  -0.0476 115 DC  B "C5'" 
286 C  "C4'" . DC  B 3  ? 0.3046 0.2707 0.1884 -0.1028 0.0766  -0.0590 115 DC  B "C4'" 
287 O  "O4'" . DC  B 3  ? 0.2600 0.2718 0.2099 -0.0760 0.0371  -0.0476 115 DC  B "O4'" 
288 C  "C3'" . DC  B 3  ? 0.3349 0.2495 0.2262 -0.0909 0.1071  -0.0275 115 DC  B "C3'" 
289 O  "O3'" . DC  B 3  ? 0.3664 0.2675 0.2385 -0.0575 0.0765  -0.0254 115 DC  B "O3'" 
290 C  "C2'" . DC  B 3  ? 0.2597 0.2782 0.3765 -0.0690 0.0527  -0.0098 115 DC  B "C2'" 
291 C  "C1'" . DC  B 3  ? 0.2722 0.2522 0.2677 -0.0849 0.0244  -0.0212 115 DC  B "C1'" 
292 N  N1    . DC  B 3  ? 0.2404 0.2779 0.1996 -0.0811 0.0271  -0.0381 115 DC  B N1    
293 C  C2    . DC  B 3  ? 0.2198 0.2609 0.1120 -0.0719 0.0562  -0.0384 115 DC  B C2    
294 O  O2    . DC  B 3  ? 0.2048 0.2581 0.1744 -0.0379 0.0213  -0.0314 115 DC  B O2    
295 N  N3    . DC  B 3  ? 0.1920 0.2824 0.1257 -0.0609 0.0385  -0.0246 115 DC  B N3    
296 C  C4    . DC  B 3  ? 0.2255 0.3040 0.1253 -0.0757 0.0339  -0.0347 115 DC  B C4    
297 N  N4    . DC  B 3  ? 0.2438 0.3556 0.1634 -0.0888 0.0007  0.0220  115 DC  B N4    
298 C  C5    . DC  B 3  ? 0.2878 0.3549 0.1554 -0.1348 0.0140  -0.0335 115 DC  B C5    
299 C  C6    . DC  B 3  ? 0.2593 0.3103 0.2064 -0.1076 0.0196  -0.0516 115 DC  B C6    
300 P  P     . DG  B 4  ? 0.4238 0.2584 0.2756 -0.0707 0.0934  -0.0813 116 DG  B P     
301 O  OP1   . DG  B 4  ? 0.4603 0.2462 0.5120 -0.0620 0.1518  -0.0681 116 DG  B OP1   
302 O  OP2   . DG  B 4  ? 0.3920 0.4300 0.2547 -0.1006 0.0812  -0.1360 116 DG  B OP2   
303 O  "O5'" . DG  B 4  ? 0.3706 0.2517 0.2349 -0.0289 0.0884  -0.0387 116 DG  B "O5'" 
304 C  "C5'" . DG  B 4  ? 0.3959 0.2470 0.2410 -0.0391 0.0899  -0.0317 116 DG  B "C5'" 
305 C  "C4'" . DG  B 4  ? 0.3427 0.2399 0.2170 -0.0026 0.0830  0.0126  116 DG  B "C4'" 
306 O  "O4'" . DG  B 4  ? 0.2841 0.2532 0.1805 -0.0058 0.0603  0.0273  116 DG  B "O4'" 
307 C  "C3'" . DG  B 4  ? 0.3811 0.2732 0.2203 0.0416  0.1009  0.0398  116 DG  B "C3'" 
308 O  "O3'" . DG  B 4  ? 0.3555 0.4145 0.2502 0.1182  0.0760  0.0690  116 DG  B "O3'" 
309 C  "C2'" . DG  B 4  ? 0.3806 0.2423 0.1837 0.0144  0.0674  0.0069  116 DG  B "C2'" 
310 C  "C1'" . DG  B 4  ? 0.2466 0.2371 0.2003 -0.0146 0.0570  0.0048  116 DG  B "C1'" 
311 N  N9    . DG  B 4  ? 0.2387 0.2589 0.1579 -0.0260 0.0612  0.0017  116 DG  B N9    
312 C  C8    . DG  B 4  ? 0.2860 0.2473 0.1728 -0.0268 0.0521  -0.0238 116 DG  B C8    
313 N  N7    . DG  B 4  ? 0.2483 0.2496 0.1722 -0.0543 0.0361  -0.0203 116 DG  B N7    
314 C  C5    . DG  B 4  ? 0.1789 0.2453 0.1542 -0.0383 0.0423  -0.0172 116 DG  B C5    
315 C  C6    . DG  B 4  ? 0.1565 0.2474 0.1448 -0.0271 0.0433  -0.0176 116 DG  B C6    
316 O  O6    . DG  B 4  ? 0.1678 0.2552 0.1510 -0.0229 0.0255  -0.0324 116 DG  B O6    
317 N  N1    . DG  B 4  ? 0.1609 0.2449 0.1541 -0.0346 0.0259  -0.0005 116 DG  B N1    
318 C  C2    . DG  B 4  ? 0.1439 0.2564 0.1525 -0.0227 0.0380  0.0028  116 DG  B C2    
319 N  N2    . DG  B 4  ? 0.1938 0.2764 0.1508 -0.0379 0.0144  -0.0026 116 DG  B N2    
320 N  N3    . DG  B 4  ? 0.1855 0.2597 0.1324 -0.0190 0.0369  0.0094  116 DG  B N3    
321 C  C4    . DG  B 4  ? 0.1870 0.2521 0.1586 -0.0122 0.0448  -0.0125 116 DG  B C4    
322 P  P     . DA  B 5  ? 0.3513 0.3776 0.2679 0.1133  0.0724  0.0502  117 DA  B P     
323 O  OP1   . DA  B 5  ? 0.3652 0.4134 0.3470 0.1905  0.0770  0.0949  117 DA  B OP1   
324 O  OP2   . DA  B 5  ? 0.4377 0.4383 0.3060 0.1684  0.1221  0.0037  117 DA  B OP2   
325 O  "O5'" . DA  B 5  ? 0.3773 0.3770 0.2293 0.1388  0.1029  0.0734  117 DA  B "O5'" 
326 C  "C5'" . DA  B 5  ? 0.2793 0.3802 0.2053 0.0349  0.0211  0.0639  117 DA  B "C5'" 
327 C  "C4'" . DA  B 5  ? 0.2283 0.3995 0.2237 0.0352  0.0136  0.1062  117 DA  B "C4'" 
328 O  "O4'" . DA  B 5  ? 0.1949 0.3718 0.1813 0.0202  0.0074  0.0451  117 DA  B "O4'" 
329 C  "C3'" . DA  B 5  ? 0.2156 0.5204 0.2302 0.0401  0.0029  0.1472  117 DA  B "C3'" 
330 O  "O3'" . DA  B 5  ? 0.2094 0.6129 0.2324 -0.0144 -0.0242 0.1289  117 DA  B "O3'" 
331 C  "C2'" . DA  B 5  ? 0.1794 0.5211 0.2273 0.0558  0.0129  0.1109  117 DA  B "C2'" 
332 C  "C1'" . DA  B 5  ? 0.1639 0.4128 0.2032 0.0038  0.0002  0.0793  117 DA  B "C1'" 
333 N  N9    . DA  B 5  ? 0.1487 0.3434 0.1889 0.0064  0.0321  0.0585  117 DA  B N9    
334 C  C8    . DA  B 5  ? 0.2079 0.3215 0.1889 0.0293  0.0472  0.0439  117 DA  B C8    
335 N  N7    . DA  B 5  ? 0.2060 0.2892 0.1866 0.0179  0.0444  0.0357  117 DA  B N7    
336 C  C5    . DA  B 5  ? 0.1917 0.2816 0.1404 0.0070  0.0441  0.0140  117 DA  B C5    
337 C  C6    . DA  B 5  ? 0.1572 0.2569 0.1353 0.0005  0.0411  -0.0019 117 DA  B C6    
338 N  N6    . DA  B 5  ? 0.1799 0.2554 0.1350 -0.0086 0.0491  -0.0191 117 DA  B N6    
339 N  N1    . DA  B 5  ? 0.1298 0.2561 0.1628 -0.0101 0.0358  -0.0054 117 DA  B N1    
340 C  C2    . DA  B 5  ? 0.1222 0.2776 0.1588 -0.0044 0.0302  -0.0060 117 DA  B C2    
341 N  N3    . DA  B 5  ? 0.1489 0.3073 0.1543 -0.0113 0.0301  0.0215  117 DA  B N3    
342 C  C4    . DA  B 5  ? 0.1550 0.3073 0.1500 0.0180  0.0258  0.0144  117 DA  B C4    
343 P  P     . DA  B 6  ? 0.2170 0.6572 0.3063 -0.0116 -0.0686 0.1595  118 DA  B P     
344 O  OP1   . DA  B 6  ? 0.3740 0.7740 0.3639 -0.1029 -0.2177 0.1711  118 DA  B OP1   
345 O  OP2   . DA  B 6  ? 0.2007 0.6988 0.5728 0.0647  -0.0526 0.2224  118 DA  B OP2   
346 O  "O5'" . DA  B 6  ? 0.1728 0.5683 0.2907 -0.0428 -0.0230 0.1161  118 DA  B "O5'" 
347 C  "C5'" . DA  B 6  ? 0.2003 0.5429 0.2004 -0.0643 -0.0415 0.0692  118 DA  B "C5'" 
348 C  "C4'" . DA  B 6  ? 0.1843 0.5090 0.1899 -0.0720 -0.0400 0.0455  118 DA  B "C4'" 
349 O  "O4'" . DA  B 6  ? 0.1617 0.5166 0.1810 -0.0613 -0.0135 0.0176  118 DA  B "O4'" 
350 C  "C3'" . DA  B 6  ? 0.1734 0.5969 0.2276 -0.0831 -0.0344 0.0492  118 DA  B "C3'" 
351 O  "O3'" . DA  B 6  ? 0.2156 0.6272 0.2259 -0.1451 -0.0420 0.0448  118 DA  B "O3'" 
352 C  "C2'" . DA  B 6  ? 0.1420 0.5493 0.2294 -0.0208 -0.0292 0.0535  118 DA  B "C2'" 
353 C  "C1'" . DA  B 6  ? 0.1352 0.4533 0.1993 -0.0310 -0.0039 0.0249  118 DA  B "C1'" 
354 N  N9    . DA  B 6  ? 0.1343 0.3956 0.1846 -0.0038 0.0095  0.0432  118 DA  B N9    
355 C  C8    . DA  B 6  ? 0.1448 0.4049 0.2006 0.0106  0.0348  0.0633  118 DA  B C8    
356 N  N7    . DA  B 6  ? 0.1664 0.3618 0.2025 0.0328  0.0341  0.0506  118 DA  B N7    
357 C  C5    . DA  B 6  ? 0.1341 0.3157 0.1723 0.0112  0.0447  0.0299  118 DA  B C5    
358 C  C6    . DA  B 6  ? 0.1519 0.3125 0.1467 0.0232  0.0464  -0.0080 118 DA  B C6    
359 N  N6    . DA  B 6  ? 0.1862 0.3081 0.1620 0.0096  0.0709  -0.0034 118 DA  B N6    
360 N  N1    . DA  B 6  ? 0.1367 0.3055 0.1363 -0.0213 0.0210  -0.0050 118 DA  B N1    
361 C  C2    . DA  B 6  ? 0.1216 0.3099 0.1501 -0.0143 0.0212  -0.0100 118 DA  B C2    
362 N  N3    . DA  B 6  ? 0.1368 0.3109 0.1485 -0.0241 0.0107  -0.0021 118 DA  B N3    
363 C  C4    . DA  B 6  ? 0.1112 0.3382 0.1658 -0.0064 0.0327  0.0172  118 DA  B C4    
364 P  P     . TFT B 7  ? 0.2244 0.7779 0.2803 -0.2052 -0.0407 0.0513  119 TFT B P     
365 O  OP1   . TFT B 7  ? 0.3906 0.8644 0.3221 -0.3826 -0.0778 -0.0055 119 TFT B OP1   
366 O  OP2   . TFT B 7  ? 0.1621 0.9984 0.4104 -0.1441 -0.0208 0.2431  119 TFT B OP2   
367 O  O3T   . TFT B 7  ? 0.2204 0.6058 0.2586 -0.1539 -0.0035 0.0481  119 TFT B O3T   
368 N  N1    . TFT B 7  ? 0.1765 0.4149 0.1968 -0.0923 0.0203  0.0320  119 TFT B N1    
369 C  C6    . TFT B 7  ? 0.1439 0.4500 0.2271 -0.0362 0.0264  0.0116  119 TFT B C6    
370 C  C2    . TFT B 7  ? 0.1717 0.3789 0.1839 -0.0466 0.0319  0.0060  119 TFT B C2    
371 O  O2    . TFT B 7  ? 0.2018 0.3600 0.1772 -0.0566 0.0279  0.0289  119 TFT B O2    
372 N  N3    . TFT B 7  ? 0.1299 0.3715 0.1786 -0.0120 0.0554  -0.0094 119 TFT B N3    
373 C  C4    . TFT B 7  ? 0.1428 0.4138 0.1717 0.0475  0.0476  -0.0392 119 TFT B C4    
374 O  O4    . TFT B 7  ? 0.1759 0.3956 0.1851 0.0460  0.0341  -0.0097 119 TFT B O4    
375 C  C5    . TFT B 7  ? 0.1608 0.4528 0.1935 0.0241  0.0250  -0.0246 119 TFT B C5    
376 C  C5M   . TFT B 7  ? 0.1577 0.4841 0.3042 0.0180  -0.0203 0.0173  119 TFT B C5M   
377 C  C2T   . TFT B 7  ? 0.2175 0.4530 0.2403 -0.1183 0.0204  -0.0005 119 TFT B C2T   
378 C  C4T   . TFT B 7  ? 0.2211 0.5370 0.2011 -0.1612 0.0019  -0.0421 119 TFT B C4T   
379 O  O4T   . TFT B 7  ? 0.2115 0.4706 0.2106 -0.1268 0.0111  -0.0213 119 TFT B O4T   
380 C  C1T   . TFT B 7  ? 0.2042 0.4284 0.1939 -0.0831 0.0037  0.0040  119 TFT B C1T   
381 C  C3T   . TFT B 7  ? 0.2246 0.5193 0.2417 -0.1627 0.0079  -0.0222 119 TFT B C3T   
382 O  O2T   . TFT B 7  ? 0.2394 0.4703 0.3079 -0.1106 0.0528  0.0341  119 TFT B O2T   
383 P  P     . DT  B 8  ? 0.3144 0.4603 0.2827 -0.1623 0.0670  -0.0101 120 DT  B P     
384 O  OP1   . DT  B 8  ? 0.3894 0.4595 0.3936 -0.1977 0.0532  -0.0061 120 DT  B OP1   
385 O  OP2   . DT  B 8  ? 0.2514 0.5068 0.3343 -0.1780 0.0903  -0.0090 120 DT  B OP2   
386 O  "O5'" . DT  B 8  ? 0.3505 0.4808 0.2932 -0.0768 0.0517  -0.0574 120 DT  B "O5'" 
387 C  "C5'" . DT  B 8  ? 0.3800 0.4349 0.2470 -0.0482 0.0519  -0.0605 120 DT  B "C5'" 
388 C  "C4'" . DT  B 8  ? 0.3444 0.3115 0.2452 -0.0903 0.0734  -0.0452 120 DT  B "C4'" 
389 O  "O4'" . DT  B 8  ? 0.2806 0.3061 0.3263 -0.0468 0.1161  -0.0267 120 DT  B "O4'" 
390 C  "C3'" . DT  B 8  ? 0.3515 0.3005 0.2426 -0.0766 0.0661  -0.0250 120 DT  B "C3'" 
391 O  "O3'" . DT  B 8  ? 0.3648 0.2963 0.2367 -0.0191 0.0735  -0.0601 120 DT  B "O3'" 
392 C  "C2'" . DT  B 8  ? 0.2894 0.3125 0.2430 -0.0684 0.0702  0.0079  120 DT  B "C2'" 
393 C  "C1'" . DT  B 8  ? 0.3001 0.2921 0.2102 -0.0694 0.0548  -0.0123 120 DT  B "C1'" 
394 N  N1    . DT  B 8  ? 0.2305 0.3104 0.2287 -0.0453 0.0970  0.0040  120 DT  B N1    
395 C  C2    . DT  B 8  ? 0.1805 0.2850 0.2758 -0.0228 0.1005  0.0109  120 DT  B C2    
396 O  O2    . DT  B 8  ? 0.2160 0.2786 0.2902 -0.0262 0.0633  0.0143  120 DT  B O2    
397 N  N3    . DT  B 8  ? 0.1604 0.3024 0.2812 0.0012  0.0992  0.0092  120 DT  B N3    
398 C  C4    . DT  B 8  ? 0.1486 0.3623 0.2811 0.0327  0.1047  -0.0213 120 DT  B C4    
399 O  O4    . DT  B 8  ? 0.1609 0.3628 0.2490 0.0165  0.0813  -0.0100 120 DT  B O4    
400 C  C5    . DT  B 8  ? 0.2170 0.3724 0.2379 -0.0114 0.0915  -0.0058 120 DT  B C5    
401 C  C7    . DT  B 8  ? 0.2574 0.4613 0.2513 -0.0219 0.0588  0.0132  120 DT  B C7    
402 C  C6    . DT  B 8  ? 0.2030 0.3714 0.2311 -0.0336 0.1062  0.0106  120 DT  B C6    
403 P  P     . DC  B 9  ? 0.3310 0.3123 0.2410 -0.0148 0.0345  -0.0359 121 DC  B P     
404 O  OP1   . DC  B 9  ? 0.4446 0.4094 0.2775 0.1097  0.0073  -0.0552 121 DC  B OP1   
405 O  OP2   . DC  B 9  ? 0.3882 0.3910 0.2422 -0.1052 0.0034  0.0072  121 DC  B OP2   
406 O  "O5'" . DC  B 9  ? 0.3339 0.3093 0.2182 -0.0160 0.0522  -0.0388 121 DC  B "O5'" 
407 C  "C5'" . DC  B 9  ? 0.2905 0.2737 0.2196 0.0392  0.0236  -0.0331 121 DC  B "C5'" 
408 C  "C4'" . DC  B 9  ? 0.3130 0.2707 0.2406 0.0462  0.0161  -0.0428 121 DC  B "C4'" 
409 O  "O4'" . DC  B 9  ? 0.2725 0.2720 0.2381 0.0279  0.0418  -0.0352 121 DC  B "O4'" 
410 C  "C3'" . DC  B 9  ? 0.3481 0.2610 0.2164 0.0447  0.0170  -0.0492 121 DC  B "C3'" 
411 O  "O3'" . DC  B 9  ? 0.3971 0.3933 0.2199 0.1474  0.0005  -0.0767 121 DC  B "O3'" 
412 C  "C2'" . DC  B 9  ? 0.3326 0.3157 0.2070 0.0628  0.0424  -0.0075 121 DC  B "C2'" 
413 C  "C1'" . DC  B 9  ? 0.2950 0.2534 0.2281 0.0316  0.0230  -0.0423 121 DC  B "C1'" 
414 N  N1    . DC  B 9  ? 0.2382 0.2680 0.2140 0.0028  0.0448  -0.0231 121 DC  B N1    
415 C  C2    . DC  B 9  ? 0.2043 0.2656 0.2119 -0.0020 0.0579  -0.0051 121 DC  B C2    
416 O  O2    . DC  B 9  ? 0.2410 0.2524 0.2234 0.0447  0.0207  -0.0382 121 DC  B O2    
417 N  N3    . DC  B 9  ? 0.1685 0.2837 0.2048 0.0143  0.0683  -0.0195 121 DC  B N3    
418 C  C4    . DC  B 9  ? 0.1486 0.3062 0.2222 0.0195  0.0769  -0.0405 121 DC  B C4    
419 N  N4    . DC  B 9  ? 0.1661 0.3355 0.2104 0.0217  0.0719  -0.0272 121 DC  B N4    
420 C  C5    . DC  B 9  ? 0.1953 0.3089 0.2115 0.0003  0.0675  -0.0440 121 DC  B C5    
421 C  C6    . DC  B 9  ? 0.2804 0.3001 0.1783 -0.0451 0.0518  -0.0101 121 DC  B C6    
422 P  P     . DG  B 10 ? 0.5917 0.2852 0.2264 0.1495  0.0184  -0.0227 122 DG  B P     
423 O  OP1   . DG  B 10 ? 0.7121 0.4306 0.2587 0.2858  -0.0280 -0.0219 122 DG  B OP1   
424 O  OP2   . DG  B 10 ? 0.7350 0.2797 0.3091 0.0499  0.0866  -0.0149 122 DG  B OP2   
425 O  "O5'" . DG  B 10 ? 0.4569 0.2850 0.2207 0.1092  0.0452  -0.0394 122 DG  B "O5'" 
426 C  "C5'" . DG  B 10 ? 0.4027 0.3034 0.2402 0.1309  -0.0296 -0.0351 122 DG  B "C5'" 
427 C  "C4'" . DG  B 10 ? 0.3016 0.2622 0.2329 0.0704  -0.0001 -0.0063 122 DG  B "C4'" 
428 O  "O4'" . DG  B 10 ? 0.2567 0.2634 0.2269 0.0431  0.0007  -0.0177 122 DG  B "O4'" 
429 C  "C3'" . DG  B 10 ? 0.3203 0.2112 0.2287 -0.0024 -0.0101 -0.0244 122 DG  B "C3'" 
430 O  "O3'" . DG  B 10 ? 0.3530 0.2246 0.2149 0.0267  0.0044  -0.0195 122 DG  B "O3'" 
431 C  "C2'" . DG  B 10 ? 0.3198 0.2274 0.2243 -0.0081 -0.0056 0.0003  122 DG  B "C2'" 
432 C  "C1'" . DG  B 10 ? 0.2492 0.2133 0.2145 -0.0026 0.0058  -0.0221 122 DG  B "C1'" 
433 N  N9    . DG  B 10 ? 0.2414 0.2253 0.2033 0.0127  0.0093  -0.0235 122 DG  B N9    
434 C  C8    . DG  B 10 ? 0.2479 0.2328 0.2051 -0.0016 0.0169  -0.0259 122 DG  B C8    
435 N  N7    . DG  B 10 ? 0.2074 0.2307 0.2094 -0.0115 0.0222  -0.0219 122 DG  B N7    
436 C  C5    . DG  B 10 ? 0.1793 0.2336 0.1846 0.0066  0.0379  -0.0276 122 DG  B C5    
437 C  C6    . DG  B 10 ? 0.1563 0.2384 0.1774 0.0089  0.0514  -0.0234 122 DG  B C6    
438 O  O6    . DG  B 10 ? 0.1725 0.2656 0.1898 -0.0081 0.0268  -0.0224 122 DG  B O6    
439 N  N1    . DG  B 10 ? 0.1360 0.2444 0.1802 0.0008  0.0503  -0.0185 122 DG  B N1    
440 C  C2    . DG  B 10 ? 0.1545 0.2397 0.1820 0.0101  0.0410  -0.0208 122 DG  B C2    
441 N  N2    . DG  B 10 ? 0.1677 0.2354 0.1849 0.0064  0.0408  -0.0161 122 DG  B N2    
442 N  N3    . DG  B 10 ? 0.1953 0.2247 0.1838 0.0070  0.0269  -0.0260 122 DG  B N3    
443 C  C4    . DG  B 10 ? 0.1844 0.2320 0.1972 0.0034  0.0289  -0.0260 122 DG  B C4    
444 P  P     . DC  B 11 ? 0.3611 0.2363 0.2197 0.0180  -0.0144 -0.0127 123 DC  B P     
445 O  OP1   . DC  B 11 ? 0.4055 0.3295 0.2438 0.0903  -0.0158 0.0232  123 DC  B OP1   
446 O  OP2   . DC  B 11 ? 0.3861 0.2530 0.2635 -0.0330 0.0188  -0.0189 123 DC  B OP2   
447 O  "O5'" . DC  B 11 ? 0.3027 0.2329 0.2551 0.0158  -0.0282 -0.0525 123 DC  B "O5'" 
448 C  "C5'" . DC  B 11 ? 0.2522 0.2400 0.2181 0.0438  -0.0370 -0.0374 123 DC  B "C5'" 
449 C  "C4'" . DC  B 11 ? 0.2391 0.2513 0.2056 0.0336  -0.0172 -0.0218 123 DC  B "C4'" 
450 O  "O4'" . DC  B 11 ? 0.2254 0.2731 0.2049 0.0167  -0.0070 -0.0181 123 DC  B "O4'" 
451 C  "C3'" . DC  B 11 ? 0.2623 0.2272 0.2262 0.0446  -0.0200 -0.0467 123 DC  B "C3'" 
452 O  "O3'" . DC  B 11 ? 0.2368 0.2728 0.2385 0.0327  -0.0318 -0.0654 123 DC  B "O3'" 
453 C  "C2'" . DC  B 11 ? 0.3082 0.2299 0.2553 0.0436  -0.0662 -0.0423 123 DC  B "C2'" 
454 C  "C1'" . DC  B 11 ? 0.3041 0.2379 0.2406 0.0235  -0.0756 -0.0300 123 DC  B "C1'" 
455 N  N1    . DC  B 11 ? 0.2137 0.2113 0.2014 0.0277  0.0014  -0.0213 123 DC  B N1    
456 C  C2    . DC  B 11 ? 0.1821 0.2085 0.1736 0.0094  0.0231  -0.0128 123 DC  B C2    
457 O  O2    . DC  B 11 ? 0.1866 0.2112 0.2232 0.0132  -0.0064 -0.0062 123 DC  B O2    
458 N  N3    . DC  B 11 ? 0.1788 0.1967 0.1873 0.0279  0.0214  -0.0225 123 DC  B N3    
459 C  C4    . DC  B 11 ? 0.1962 0.2087 0.1943 0.0044  0.0262  -0.0022 123 DC  B C4    
460 N  N4    . DC  B 11 ? 0.1998 0.2221 0.2006 -0.0107 0.0223  0.0103  123 DC  B N4    
461 C  C5    . DC  B 11 ? 0.3381 0.2134 0.1911 -0.0085 -0.0307 0.0026  123 DC  B C5    
462 C  C6    . DC  B 11 ? 0.2762 0.1996 0.1921 0.0516  -0.0077 -0.0354 123 DC  B C6    
463 P  P     . DG  B 12 ? 0.2599 0.2756 0.2151 0.0442  -0.0162 -0.0481 124 DG  B P     
464 O  OP1   . DG  B 12 ? 0.3371 0.3300 0.2302 0.0589  -0.0595 -0.0616 124 DG  B OP1   
465 O  OP2   . DG  B 12 ? 0.3277 0.2565 0.2249 0.0300  0.0275  -0.0296 124 DG  B OP2   
466 O  "O5'" . DG  B 12 ? 0.2407 0.2522 0.1942 0.0216  0.0052  -0.0401 124 DG  B "O5'" 
467 C  "C5'" . DG  B 12 ? 0.2095 0.2563 0.2270 0.0229  -0.0049 -0.0492 124 DG  B "C5'" 
468 C  "C4'" . DG  B 12 ? 0.1794 0.2266 0.2051 0.0117  0.0067  -0.0604 124 DG  B "C4'" 
469 O  "O4'" . DG  B 12 ? 0.1844 0.2240 0.2115 -0.0050 0.0138  -0.0638 124 DG  B "O4'" 
470 C  "C3'" . DG  B 12 ? 0.1652 0.2425 0.2220 -0.0110 -0.0007 -0.0921 124 DG  B "C3'" 
471 O  "O3'" . DG  B 12 ? 0.2140 0.2164 0.2305 0.0151  0.0017  -0.0853 124 DG  B "O3'" 
472 C  "C2'" . DG  B 12 ? 0.1865 0.2141 0.2194 -0.0057 0.0032  -0.0734 124 DG  B "C2'" 
473 C  "C1'" . DG  B 12 ? 0.2040 0.1842 0.2007 0.0060  -0.0046 -0.0384 124 DG  B "C1'" 
474 N  N9    . DG  B 12 ? 0.1822 0.1999 0.1739 -0.0112 0.0250  -0.0467 124 DG  B N9    
475 C  C8    . DG  B 12 ? 0.1999 0.1924 0.2106 -0.0074 0.0192  -0.0332 124 DG  B C8    
476 N  N7    . DG  B 12 ? 0.1995 0.2144 0.2245 -0.0229 0.0169  -0.0356 124 DG  B N7    
477 C  C5    . DG  B 12 ? 0.1657 0.2065 0.2264 -0.0172 0.0251  -0.0477 124 DG  B C5    
478 C  C6    . DG  B 12 ? 0.1681 0.2137 0.2079 -0.0216 0.0417  -0.0557 124 DG  B C6    
479 O  O6    . DG  B 12 ? 0.2203 0.2142 0.2330 -0.0402 0.0488  -0.0634 124 DG  B O6    
480 N  N1    . DG  B 12 ? 0.1979 0.2202 0.1931 -0.0174 0.0407  -0.0638 124 DG  B N1    
481 C  C2    . DG  B 12 ? 0.1740 0.2254 0.1712 -0.0209 0.0432  -0.0542 124 DG  B C2    
482 N  N2    . DG  B 12 ? 0.2243 0.2277 0.1892 -0.0234 0.0044  -0.0564 124 DG  B N2    
483 N  N3    . DG  B 12 ? 0.1752 0.2271 0.1762 -0.0195 0.0299  -0.0486 124 DG  B N3    
484 C  C4    . DG  B 12 ? 0.1658 0.2040 0.1722 -0.0085 0.0442  -0.0569 124 DG  B C4    
485 MG MG    . MG  C .  ? 0.2014 0.2548 0.2166 -0.0189 0.0433  -0.0517 901 MG  A MG    
486 O  O     . HOH D .  ? 0.1876 0.3140 0.2214 -0.0407 -0.0052 -0.0187 701 HOH A O     
487 O  O     . HOH D .  ? 0.2255 0.2545 0.2370 -0.0013 0.0144  -0.0335 702 HOH A O     
488 O  O     . HOH D .  ? 0.1670 0.3610 0.1727 -0.0445 0.0006  0.0073  703 HOH A O     
489 O  O     . HOH D .  ? 0.1907 0.2146 0.2227 -0.0223 0.0180  -0.0404 705 HOH A O     
490 O  O     . HOH D .  ? 0.1921 0.4534 0.2273 0.0055  -0.0194 -0.0073 707 HOH A O     
491 O  O     . HOH D .  ? 0.3760 0.3877 0.2972 -0.0720 0.0469  0.0939  709 HOH A O     
492 O  O     . HOH D .  ? 0.2011 0.3895 0.2399 -0.0649 -0.0366 0.0208  710 HOH A O     
493 O  O     . HOH D .  ? 0.2971 0.3863 0.2794 -0.0752 0.0610  -0.0882 711 HOH A O     
494 O  O     . HOH D .  ? 0.2661 0.4168 0.3546 -0.0936 -0.0401 0.1702  716 HOH A O     
495 O  O     . HOH D .  ? 0.2594 0.3131 0.1869 -0.0282 -0.0041 -0.0116 718 HOH A O     
496 O  O     . HOH D .  ? 0.5859 0.3405 0.3296 -0.1911 0.1936  -0.0823 719 HOH A O     
497 O  O     . HOH D .  ? 0.3777 0.4671 0.1789 -0.0764 -0.0036 0.0102  721 HOH A O     
498 O  O     . HOH D .  ? 0.1949 0.4063 0.2412 0.0410  -0.0270 -0.0663 723 HOH A O     
499 O  O     . HOH D .  ? 0.5558 0.3599 0.2673 -0.1351 0.0519  0.0496  724 HOH A O     
500 O  O     . HOH D .  ? 0.3077 0.3623 0.4151 -0.0786 -0.0915 0.0395  725 HOH A O     
501 O  O     . HOH D .  ? 0.2520 0.3475 0.2246 -0.0228 0.0083  -0.0100 726 HOH A O     
502 O  O     . HOH D .  ? 0.8404 0.3588 0.2639 -0.2184 0.0432  0.0397  728 HOH A O     
503 O  O     . HOH D .  ? 0.6161 0.6229 0.3138 0.2945  -0.1337 -0.1092 731 HOH A O     
504 O  O     . HOH D .  ? 0.3057 0.4618 0.5649 -0.1212 -0.1332 -0.0362 734 HOH A O     
505 O  O     . HOH D .  ? 0.3391 0.4414 0.3028 0.0400  0.1062  0.0145  737 HOH A O     
506 O  O     . HOH D .  ? 0.3198 0.5616 0.3246 -0.0562 -0.0206 -0.0104 740 HOH A O     
507 O  O     . HOH D .  ? 0.3703 0.2701 0.5663 0.0246  -0.0242 -0.0071 743 HOH A O     
508 O  O     . HOH D .  ? 0.5146 0.4417 0.9667 0.0416  -0.3636 -0.2867 744 HOH A O     
510 O  O     . HOH D .  ? 0.2885 0.7445 0.4231 0.0891  0.1605  0.1563  747 HOH A O     
511 O  O     . HOH D .  ? 0.2361 0.6131 0.6680 -0.0550 0.1138  -0.2926 750 HOH A O     
512 O  O     . HOH D .  ? 0.6626 0.4038 0.3376 -0.1954 0.1367  -0.0612 751 HOH A O     
513 O  O     . HOH D .  ? 0.3833 0.5532 0.4492 0.0499  -0.0730 0.0300  754 HOH A O     
514 O  O     . HOH D .  ? 0.4350 0.5614 0.2563 -0.2984 0.0747  -0.1351 757 HOH A O     
515 O  O     . HOH D .  ? 0.3598 0.4745 0.4274 -0.0728 -0.0280 0.0082  764 HOH A O     
516 O  O     . HOH D .  ? 0.3783 0.4312 0.6468 0.0297  0.1274  0.2127  766 HOH A O     
517 O  O     . HOH D .  ? 0.7157 0.6861 0.2870 0.2483  -0.1690 -0.1550 773 HOH A O     
518 O  O     . HOH D .  ? 0.2549 0.7280 0.2077 0.0552  -0.0096 -0.0386 775 HOH A O     
519 O  O     . HOH D .  ? 0.4177 0.7677 0.6269 -0.0098 0.1235  -0.4170 778 HOH A O     
520 O  O     . HOH D .  ? 0.5138 0.4961 0.3991 0.1900  -0.0930 -0.0280 780 HOH A O     
521 O  O     . HOH D .  ? 0.6286 1.0520 0.6499 0.1099  0.0521  0.4284  783 HOH A O     
522 O  O     . HOH D .  ? 0.3283 0.8616 0.2989 -0.1356 0.0771  -0.2509 788 HOH A O     
523 O  O     . HOH D .  ? 0.3806 0.5563 0.3595 -0.0356 -0.1029 0.0680  789 HOH A O     
524 O  O     . HOH D .  ? 0.5994 0.7802 0.6992 -0.0096 -0.1178 -0.0623 790 HOH A O     
525 O  O     . HOH D .  ? 0.6211 0.5238 0.3294 0.1671  0.0678  0.0860  791 HOH A O     
526 O  O     . HOH D .  ? 0.3152 0.2882 0.3681 -0.0867 0.0560  -0.0340 796 HOH A O     
527 O  O     . HOH D .  ? 0.2715 0.4614 0.2713 -0.0130 0.0189  -0.0569 800 HOH A O     
528 O  O     . HOH D .  ? 0.7633 0.2699 0.4960 -0.0630 -0.0032 -0.1671 801 HOH A O     
529 O  O     . HOH D .  ? 0.5743 0.4692 0.3038 0.1525  0.1096  -0.0617 802 HOH A O     
530 O  O     . HOH D .  ? 0.4647 0.6871 0.4244 -0.3220 0.0200  0.0129  805 HOH A O     
532 O  O     . HOH D .  ? 0.4884 0.5757 0.2648 0.0992  0.0469  -0.0742 809 HOH A O     
534 O  O     . HOH D .  ? 0.6473 0.6978 0.3464 -0.2164 0.2386  -0.1498 815 HOH A O     
535 O  O     . HOH D .  ? 0.3071 0.9675 0.4898 -0.0014 -0.1182 -0.3265 817 HOH A O     
536 O  O     . HOH D .  ? 0.4341 0.5198 0.3602 0.0246  0.0498  -0.0192 820 HOH A O     
539 O  O     . HOH D .  ? 0.5239 0.3924 1.1495 -0.1535 0.0342  -0.0781 830 HOH A O     
540 O  O     . HOH D .  ? 0.3974 1.1237 0.6226 -0.0685 0.0583  0.4962  831 HOH A O     
543 O  O     . HOH D .  ? 0.7778 0.6506 0.4693 -0.4143 0.2720  -0.1709 838 HOH A O     
544 O  O     . HOH D .  ? 0.4996 0.5058 0.4111 -0.0497 0.0654  0.0148  839 HOH A O     
545 O  O     . HOH D .  ? 0.6802 1.7131 0.2275 -0.7911 0.0591  -0.0983 840 HOH A O     
546 O  O     . HOH D .  ? 0.7250 1.3702 0.4897 -0.0064 0.1186  0.0362  841 HOH A O     
547 O  O     . HOH D .  ? 1.5015 0.4961 0.3902 0.3576  -0.3149 -0.0636 849 HOH A O     
549 O  O     . HOH D .  ? 0.6518 1.5984 0.3407 -0.3698 0.0930  -0.1471 852 HOH A O     
551 O  O     . HOH D .  ? 0.6617 0.5761 0.7893 -0.1359 -0.2386 0.0188  861 HOH A O     
552 O  O     . HOH D .  ? 0.3570 0.3040 0.8930 0.0265  -0.0919 0.0472  863 HOH A O     
557 O  O     . HOH D .  ? 0.6339 1.5322 0.2850 -0.6192 -0.0558 -0.1284 872 HOH A O     
563 O  O     . HOH D .  ? 0.8165 0.3496 0.7840 -0.0625 0.3306  -0.1495 882 HOH A O     
564 O  O     . HOH D .  ? 0.8325 0.3413 1.4266 0.0354  -0.3474 -0.3479 887 HOH A O     
565 O  O     . HOH D .  ? 0.3780 0.3741 0.6661 -0.0816 0.1462  -0.0366 888 HOH A O     
566 O  O     . HOH D .  ? 0.6369 0.5514 0.3794 -0.0717 -0.0566 -0.0147 890 HOH A O     
568 O  O     . HOH D .  ? 0.7779 0.5221 1.0998 0.0400  -0.3508 -0.1848 893 HOH A O     
570 O  O     . HOH D .  ? 0.8825 0.8023 0.4017 -0.4908 0.2079  -0.2091 900 HOH A O     
571 O  O     . HOH D .  ? 0.7681 0.5321 0.3821 -0.1931 0.0449  -0.1497 902 HOH A O     
574 O  O     . HOH D .  ? 1.0385 0.5573 0.9808 -0.4206 -0.4383 0.3964  906 HOH A O     
575 O  O     . HOH D .  ? 0.4774 0.8466 0.9229 0.3191  0.3468  0.2955  911 HOH A O     
578 O  O     . HOH D .  ? 1.1342 0.8264 0.5196 -0.0281 0.3193  0.3660  914 HOH A O     
584 O  O     . HOH D .  ? 0.3917 0.7382 0.9919 -0.0438 0.0527  0.1973  927 HOH A O     
591 O  O     . HOH D .  ? 0.5768 0.4134 1.1859 0.0357  -0.2428 -0.1270 950 HOH A O     
592 O  O     . HOH E .  ? 0.2559 0.2256 0.2071 0.0093  0.0286  -0.0327 706 HOH B O     
593 O  O     . HOH E .  ? 0.1976 0.2539 0.2117 -0.0239 0.0345  -0.0475 708 HOH B O     
594 O  O     . HOH E .  ? 0.3345 0.3474 0.3059 0.0436  0.0757  0.0780  712 HOH B O     
595 O  O     . HOH E .  ? 0.2620 0.2677 0.3615 0.0107  -0.0291 -0.0410 713 HOH B O     
596 O  O     . HOH E .  ? 0.2244 0.3949 0.2176 -0.0511 0.0785  -0.0366 714 HOH B O     
597 O  O     . HOH E .  ? 0.2107 0.2600 0.2714 -0.0146 0.0416  -0.0997 715 HOH B O     
598 O  O     . HOH E .  ? 0.2169 0.3616 0.2320 0.0054  0.0418  0.0667  717 HOH B O     
599 O  O     . HOH E .  ? 0.2263 0.2992 0.2168 -0.0141 0.0378  -0.0651 720 HOH B O     
600 O  O     . HOH E .  ? 0.3849 0.3489 0.3309 -0.0849 -0.0666 -0.1066 727 HOH B O     
601 O  O     . HOH E .  ? 0.4664 0.2819 0.3546 -0.1237 0.0496  0.0316  729 HOH B O     
602 O  O     . HOH E .  ? 0.3757 0.4284 0.3075 -0.1089 0.0431  0.0186  730 HOH B O     
603 O  O     . HOH E .  ? 0.4196 0.6337 0.2143 -0.2700 0.0461  -0.1122 733 HOH B O     
604 O  O     . HOH E .  ? 0.3147 0.2858 0.3962 0.0030  -0.0878 0.0140  735 HOH B O     
605 O  O     . HOH E .  ? 0.2748 0.7892 0.5353 0.1517  0.0551  0.3090  738 HOH B O     
606 O  O     . HOH E .  ? 0.6785 0.4642 0.3498 0.2571  0.1889  0.0758  741 HOH B O     
607 O  O     . HOH E .  ? 0.6202 0.3146 0.6114 -0.0567 0.1598  -0.0189 742 HOH B O     
608 O  O     . HOH E .  ? 0.6593 0.6750 0.7037 -0.3282 0.2117  -0.1913 746 HOH B O     
609 O  O     . HOH E .  ? 0.5712 0.4434 0.4561 -0.0770 -0.1040 0.2015  748 HOH B O     
610 O  O     . HOH E .  ? 0.3947 0.5187 0.4127 -0.0877 -0.0321 -0.1517 749 HOH B O     
611 O  O     . HOH E .  ? 0.8522 0.6517 0.4727 0.2920  0.0315  0.1954  753 HOH B O     
612 O  O     . HOH E .  ? 0.4976 0.8800 0.4809 -0.2525 -0.2855 0.2005  755 HOH B O     
613 O  O     . HOH E .  ? 0.2305 1.0341 0.4791 -0.1166 0.0151  -0.2358 758 HOH B O     
614 O  O     . HOH E .  ? 1.1846 0.3693 0.3556 -0.3037 -0.3068 0.0719  759 HOH B O     
617 O  O     . HOH E .  ? 1.0819 0.4885 0.4846 0.2541  0.2947  0.1327  763 HOH B O     
618 O  O     . HOH E .  ? 0.2970 1.3383 0.6659 0.0551  -0.1886 -0.4688 765 HOH B O     
620 O  O     . HOH E .  ? 0.6601 0.6600 0.4814 0.3079  -0.0754 -0.0959 772 HOH B O     
621 O  O     . HOH E .  ? 0.7904 0.4214 0.3052 0.1843  -0.1525 0.0120  774 HOH B O     
622 O  O     . HOH E .  ? 0.7282 0.5795 0.6804 0.2671  0.3848  0.2606  776 HOH B O     
623 O  O     . HOH E .  ? 0.3459 0.9533 0.3040 -0.2498 0.0195  0.0233  777 HOH B O     
624 O  O     . HOH E .  ? 0.6252 0.3552 0.4224 -0.1481 0.0730  -0.0443 782 HOH B O     
625 O  O     . HOH E .  ? 0.3925 1.4327 0.8421 0.0552  0.0738  -0.7584 784 HOH B O     
626 O  O     . HOH E .  ? 0.6665 0.9958 0.5429 0.0147  0.3972  0.1476  787 HOH B O     
628 O  O     . HOH E .  ? 0.4079 0.4189 0.2867 -0.0467 -0.0218 0.0672  797 HOH B O     
629 O  O     . HOH E .  ? 0.4165 0.5069 0.3382 0.0358  0.1534  0.0738  798 HOH B O     
630 O  O     . HOH E .  ? 0.7053 0.3768 0.2766 -0.1043 0.0762  -0.0795 799 HOH B O     
631 O  O     . HOH E .  ? 0.3319 0.5314 0.6688 0.0686  -0.1721 0.0277  803 HOH B O     
632 O  O     . HOH E .  ? 0.4118 0.5156 0.5664 -0.1381 0.0394  -0.1093 804 HOH B O     
633 O  O     . HOH E .  ? 0.4837 0.2540 0.5198 0.0278  0.1075  0.0448  806 HOH B O     
634 O  O     . HOH E .  ? 0.5849 0.3938 0.4426 0.1093  -0.0252 0.1038  807 HOH B O     
635 O  O     . HOH E .  ? 0.6457 0.7985 0.9249 -0.4774 0.2546  -0.3989 810 HOH B O     
636 O  O     . HOH E .  ? 0.7343 0.5215 0.5998 -0.2832 0.1725  -0.1603 811 HOH B O     
637 O  O     . HOH E .  ? 1.2869 0.7284 0.7310 -0.6337 -0.5908 0.3151  812 HOH B O     
639 O  O     . HOH E .  ? 0.6775 0.9162 0.5272 -0.3191 -0.2065 -0.1199 819 HOH B O     
640 O  O     . HOH E .  ? 0.4356 0.3189 0.4515 0.0001  -0.0808 -0.0349 822 HOH B O     
641 O  O     . HOH E .  ? 0.8458 0.4186 0.6548 -0.2328 -0.3806 0.2243  823 HOH B O     
642 O  O     . HOH E .  ? 0.5590 0.8953 0.3427 -0.0006 0.0787  -0.0586 832 HOH B O     
643 O  O     . HOH E .  ? 0.9299 0.6621 0.8841 0.0022  -0.1263 0.3529  835 HOH B O     
645 O  O     . HOH E .  ? 0.6487 0.4200 0.7350 -0.1607 0.3691  -0.0024 843 HOH B O     
651 O  O     . HOH E .  ? 0.6716 0.6291 1.2859 0.0337  -0.3941 0.3143  855 HOH B O     
653 O  O     . HOH E .  ? 0.5227 1.0556 0.3398 -0.4092 0.0529  -0.1057 859 HOH B O     
657 O  O     . HOH E .  ? 0.2521 0.7918 0.7637 -0.1057 0.0745  0.0444  870 HOH B O     
661 O  O     . HOH E .  ? 0.5585 0.5900 0.5486 0.0873  0.2337  -0.0643 884 HOH B O     
662 O  O     . HOH E .  ? 1.0659 0.5796 0.5131 -0.0356 -0.4438 -0.0076 885 HOH B O     
668 O  O     . HOH E .  ? 0.5737 0.9190 0.8005 0.2064  0.0229  0.4882  908 HOH B O     
671 O  O     . HOH E .  ? 0.6258 0.5696 0.7312 0.1178  0.1329  0.3311  916 HOH B O     
682 O  O     . HOH E .  ? 0.8719 0.6523 1.1441 -0.0567 -0.4060 -0.0463 952 HOH B O     
# 
